data_2KXC
#
_entry.id   2KXC
#
_cell.length_a   1.000
_cell.length_b   1.000
_cell.length_c   1.000
_cell.angle_alpha   90.00
_cell.angle_beta   90.00
_cell.angle_gamma   90.00
#
_symmetry.space_group_name_H-M   'P 1'
#
loop_
_entity.id
_entity.type
_entity.pdbx_description
1 polymer 'Brain-specific angiogenesis inhibitor 1-associated protein 2-like protein 1'
2 polymer 'EspF-like protein'
#
loop_
_entity_poly.entity_id
_entity_poly.type
_entity_poly.pdbx_seq_one_letter_code
_entity_poly.pdbx_strand_id
1 'polypeptide(L)' GSHMKKQKVKTIFPHTAGSNKTLLSFAQGDVITLLIPEEKDGWLYGEHDVSKARGWFPSSYTKLLEE A
2 'polypeptide(L)' GLPDVAQRLMQHLAEHGIQPARNMAEHIPPAPNWPAPTPPVQNEQSRP B
#
# COMPACT_ATOMS: atom_id res chain seq x y z
N GLY A 1 9.72 -13.09 11.97
CA GLY A 1 10.35 -12.82 13.28
C GLY A 1 10.59 -14.11 14.06
N SER A 2 10.21 -14.14 15.34
CA SER A 2 10.36 -15.30 16.24
C SER A 2 9.14 -15.55 17.15
N HIS A 3 8.42 -14.48 17.53
CA HIS A 3 7.15 -14.52 18.29
C HIS A 3 5.98 -13.89 17.52
N MET A 4 6.15 -13.68 16.21
CA MET A 4 5.16 -13.10 15.29
C MET A 4 5.30 -13.67 13.86
N LYS A 5 4.19 -13.66 13.09
CA LYS A 5 4.06 -14.32 11.78
C LYS A 5 3.18 -13.54 10.77
N LYS A 6 3.28 -12.20 10.79
CA LYS A 6 2.55 -11.27 9.90
C LYS A 6 3.53 -10.52 8.98
N GLN A 7 3.36 -10.65 7.66
CA GLN A 7 4.10 -9.86 6.67
C GLN A 7 3.64 -8.39 6.69
N LYS A 8 4.60 -7.48 6.51
CA LYS A 8 4.37 -6.04 6.37
C LYS A 8 5.20 -5.43 5.24
N VAL A 9 4.86 -4.18 4.94
CA VAL A 9 5.62 -3.23 4.14
C VAL A 9 5.66 -1.90 4.86
N LYS A 10 6.70 -1.11 4.57
CA LYS A 10 6.90 0.23 5.13
C LYS A 10 6.90 1.27 4.01
N THR A 11 6.12 2.32 4.18
CA THR A 11 5.97 3.39 3.18
C THR A 11 7.22 4.27 3.09
N ILE A 12 7.42 4.95 1.96
CA ILE A 12 8.57 5.84 1.73
C ILE A 12 8.21 7.26 1.25
N PHE A 13 6.92 7.52 0.97
CA PHE A 13 6.36 8.85 0.68
C PHE A 13 4.84 8.88 0.98
N PRO A 14 4.22 10.06 1.21
CA PRO A 14 2.77 10.17 1.44
C PRO A 14 1.94 9.86 0.17
N HIS A 15 0.67 9.47 0.36
CA HIS A 15 -0.28 9.15 -0.72
C HIS A 15 -1.69 9.66 -0.41
N THR A 16 -2.46 9.99 -1.45
CA THR A 16 -3.81 10.56 -1.36
C THR A 16 -4.72 10.11 -2.52
N ALA A 17 -6.03 10.04 -2.29
CA ALA A 17 -7.02 9.57 -3.26
C ALA A 17 -7.37 10.61 -4.35
N GLY A 18 -7.40 11.90 -3.99
CA GLY A 18 -7.70 13.05 -4.87
C GLY A 18 -9.14 13.13 -5.40
N SER A 19 -9.58 12.14 -6.17
CA SER A 19 -10.86 12.09 -6.91
C SER A 19 -11.45 10.65 -6.92
N ASN A 20 -11.13 9.85 -5.91
CA ASN A 20 -11.50 8.42 -5.79
C ASN A 20 -11.95 8.07 -4.35
N LYS A 21 -12.44 6.84 -4.13
CA LYS A 21 -12.86 6.31 -2.82
C LYS A 21 -12.07 5.05 -2.41
N THR A 22 -11.65 4.23 -3.38
CA THR A 22 -11.00 2.92 -3.14
C THR A 22 -9.47 3.00 -2.95
N LEU A 23 -8.90 4.20 -2.73
CA LEU A 23 -7.46 4.43 -2.58
C LEU A 23 -7.08 4.66 -1.11
N LEU A 24 -6.15 3.87 -0.58
CA LEU A 24 -5.62 4.01 0.79
C LEU A 24 -4.62 5.18 0.86
N SER A 25 -4.85 6.14 1.76
CA SER A 25 -3.95 7.26 2.05
C SER A 25 -3.02 6.98 3.26
N PHE A 26 -1.86 7.62 3.28
CA PHE A 26 -0.79 7.44 4.28
C PHE A 26 0.29 8.55 4.19
N ALA A 27 1.29 8.49 5.07
CA ALA A 27 2.48 9.34 5.09
C ALA A 27 3.76 8.51 4.88
N GLN A 28 4.93 9.16 4.85
CA GLN A 28 6.24 8.48 4.86
C GLN A 28 6.49 7.77 6.22
N GLY A 29 7.10 6.58 6.17
CA GLY A 29 7.51 5.82 7.37
C GLY A 29 6.38 5.04 8.08
N ASP A 30 5.17 5.03 7.51
CA ASP A 30 4.03 4.28 8.01
C ASP A 30 4.14 2.76 7.76
N VAL A 31 3.28 2.00 8.44
CA VAL A 31 3.26 0.53 8.44
C VAL A 31 1.92 0.04 7.89
N ILE A 32 1.96 -0.82 6.88
CA ILE A 32 0.77 -1.36 6.18
C ILE A 32 0.93 -2.88 6.04
N THR A 33 -0.14 -3.61 6.32
CA THR A 33 -0.19 -5.08 6.29
C THR A 33 -0.90 -5.55 5.02
N LEU A 34 -0.36 -6.57 4.36
CA LEU A 34 -0.90 -7.07 3.08
C LEU A 34 -2.19 -7.88 3.26
N LEU A 35 -3.08 -7.81 2.26
CA LEU A 35 -4.36 -8.54 2.22
C LEU A 35 -4.49 -9.47 0.99
N ILE A 36 -3.47 -9.55 0.13
CA ILE A 36 -3.38 -10.41 -1.06
C ILE A 36 -1.98 -11.04 -1.15
N PRO A 37 -1.86 -12.30 -1.59
CA PRO A 37 -0.56 -12.97 -1.80
C PRO A 37 0.22 -12.46 -3.02
N GLU A 38 -0.39 -11.62 -3.87
CA GLU A 38 0.24 -10.94 -5.02
C GLU A 38 -0.47 -9.62 -5.38
N GLU A 39 0.26 -8.66 -5.97
CA GLU A 39 -0.30 -7.40 -6.48
C GLU A 39 -1.13 -7.56 -7.78
N LYS A 40 -1.84 -6.50 -8.18
CA LYS A 40 -2.71 -6.41 -9.36
C LYS A 40 -2.30 -5.21 -10.21
N ASP A 41 -1.59 -5.46 -11.31
CA ASP A 41 -1.13 -4.43 -12.27
C ASP A 41 -0.35 -3.25 -11.63
N GLY A 42 0.35 -3.51 -10.53
CA GLY A 42 1.13 -2.53 -9.75
C GLY A 42 0.43 -2.06 -8.46
N TRP A 43 -0.88 -2.25 -8.35
CA TRP A 43 -1.67 -1.95 -7.16
C TRP A 43 -1.62 -3.10 -6.15
N LEU A 44 -1.31 -2.80 -4.89
CA LEU A 44 -1.52 -3.70 -3.75
C LEU A 44 -2.80 -3.32 -3.01
N TYR A 45 -3.34 -4.29 -2.27
CA TYR A 45 -4.46 -4.11 -1.35
C TYR A 45 -3.97 -4.46 0.06
N GLY A 46 -4.12 -3.51 0.98
CA GLY A 46 -3.59 -3.61 2.32
C GLY A 46 -4.43 -2.89 3.37
N GLU A 47 -4.06 -3.08 4.63
CA GLU A 47 -4.67 -2.44 5.80
C GLU A 47 -3.59 -1.72 6.61
N HIS A 48 -3.74 -0.40 6.74
CA HIS A 48 -2.85 0.47 7.52
C HIS A 48 -2.87 0.11 9.00
N ASP A 49 -1.76 0.28 9.73
CA ASP A 49 -1.73 0.00 11.17
C ASP A 49 -2.33 1.12 12.03
N VAL A 50 -1.91 2.38 11.84
CA VAL A 50 -2.41 3.55 12.60
C VAL A 50 -3.87 3.91 12.28
N SER A 51 -4.23 4.01 10.99
CA SER A 51 -5.58 4.45 10.57
C SER A 51 -6.58 3.29 10.50
N LYS A 52 -6.09 2.04 10.35
CA LYS A 52 -6.87 0.81 10.05
C LYS A 52 -7.78 0.94 8.82
N ALA A 53 -7.47 1.88 7.94
CA ALA A 53 -8.12 2.01 6.64
C ALA A 53 -7.58 0.96 5.64
N ARG A 54 -8.44 0.62 4.67
CA ARG A 54 -8.17 -0.31 3.57
C ARG A 54 -8.39 0.36 2.21
N GLY A 55 -7.75 -0.19 1.18
CA GLY A 55 -7.90 0.24 -0.21
C GLY A 55 -6.74 -0.22 -1.10
N TRP A 56 -6.90 -0.05 -2.41
CA TRP A 56 -5.79 -0.16 -3.36
C TRP A 56 -4.77 0.96 -3.13
N PHE A 57 -3.49 0.69 -3.37
CA PHE A 57 -2.42 1.69 -3.35
C PHE A 57 -1.24 1.23 -4.24
N PRO A 58 -0.42 2.15 -4.76
CA PRO A 58 0.76 1.79 -5.54
C PRO A 58 1.77 1.02 -4.69
N SER A 59 2.09 -0.23 -5.06
CA SER A 59 3.10 -1.04 -4.34
C SER A 59 4.45 -0.32 -4.27
N SER A 60 4.85 0.37 -5.34
CA SER A 60 6.07 1.18 -5.45
C SER A 60 6.20 2.36 -4.46
N TYR A 61 5.11 2.81 -3.83
CA TYR A 61 5.13 3.78 -2.71
C TYR A 61 5.56 3.14 -1.36
N THR A 62 5.85 1.83 -1.37
CA THR A 62 6.27 1.03 -0.23
C THR A 62 7.46 0.14 -0.59
N LYS A 63 8.16 -0.34 0.45
CA LYS A 63 9.28 -1.28 0.33
C LYS A 63 9.12 -2.38 1.38
N LEU A 64 9.73 -3.54 1.10
CA LEU A 64 9.77 -4.67 2.03
C LEU A 64 10.47 -4.22 3.34
N LEU A 65 9.78 -4.40 4.47
CA LEU A 65 10.23 -3.91 5.79
C LEU A 65 11.64 -4.32 6.19
N GLU A 66 11.90 -5.59 5.96
CA GLU A 66 13.15 -6.31 6.27
C GLU A 66 14.06 -6.46 5.02
N GLU A 67 14.53 -5.32 4.49
CA GLU A 67 15.55 -5.23 3.42
C GLU A 67 16.87 -5.97 3.71
N HIS B 27 -14.73 -9.23 0.80
CA HIS B 27 -14.40 -9.29 -0.64
C HIS B 27 -13.61 -8.05 -1.07
N ILE B 28 -12.51 -8.25 -1.82
CA ILE B 28 -11.64 -7.19 -2.35
C ILE B 28 -12.40 -6.35 -3.40
N PRO B 29 -12.37 -5.00 -3.34
CA PRO B 29 -13.03 -4.13 -4.32
C PRO B 29 -12.35 -4.19 -5.71
N PRO B 30 -13.05 -3.79 -6.79
CA PRO B 30 -12.46 -3.81 -8.13
C PRO B 30 -11.29 -2.85 -8.28
N ALA B 31 -10.29 -3.25 -9.08
CA ALA B 31 -9.16 -2.39 -9.43
C ALA B 31 -9.55 -1.29 -10.44
N PRO B 32 -8.79 -0.16 -10.49
CA PRO B 32 -9.04 0.92 -11.45
C PRO B 32 -8.71 0.53 -12.90
N ASN B 33 -9.02 1.45 -13.83
CA ASN B 33 -8.83 1.28 -15.27
C ASN B 33 -7.42 1.72 -15.74
N TRP B 34 -6.54 2.10 -14.80
CA TRP B 34 -5.20 2.62 -15.08
C TRP B 34 -4.12 2.03 -14.15
N PRO B 35 -2.85 1.99 -14.58
CA PRO B 35 -1.73 1.47 -13.78
C PRO B 35 -1.35 2.40 -12.62
N ALA B 36 -0.77 1.82 -11.57
CA ALA B 36 -0.41 2.54 -10.35
C ALA B 36 0.78 3.52 -10.56
N PRO B 37 0.77 4.69 -9.89
CA PRO B 37 1.84 5.69 -9.98
C PRO B 37 3.11 5.28 -9.21
N THR B 38 4.15 6.10 -9.29
CA THR B 38 5.50 5.83 -8.75
C THR B 38 6.04 6.99 -7.90
N PRO B 39 6.94 6.72 -6.93
CA PRO B 39 7.59 7.75 -6.11
C PRO B 39 8.55 8.62 -6.95
N PRO B 40 8.96 9.81 -6.46
CA PRO B 40 9.89 10.69 -7.17
C PRO B 40 11.27 10.05 -7.37
N VAL B 41 11.95 10.45 -8.45
CA VAL B 41 13.27 9.95 -8.85
C VAL B 41 14.33 10.95 -8.37
N GLN B 42 15.00 10.56 -7.30
CA GLN B 42 15.98 11.35 -6.53
C GLN B 42 17.20 10.49 -6.11
N ASN B 43 18.33 11.16 -5.83
CA ASN B 43 19.59 10.53 -5.36
C ASN B 43 19.43 9.78 -4.03
N GLY A 1 5.09 -22.32 22.17
CA GLY A 1 3.82 -21.78 22.68
C GLY A 1 3.27 -20.71 21.74
N SER A 2 3.24 -19.45 22.20
CA SER A 2 2.81 -18.29 21.38
C SER A 2 3.73 -18.09 20.16
N HIS A 3 3.16 -18.22 18.95
CA HIS A 3 3.88 -18.11 17.67
C HIS A 3 2.91 -17.66 16.55
N MET A 4 3.38 -16.74 15.70
CA MET A 4 2.61 -16.13 14.61
C MET A 4 3.51 -15.66 13.45
N LYS A 5 2.89 -15.34 12.30
CA LYS A 5 3.54 -14.80 11.09
C LYS A 5 2.64 -13.70 10.48
N LYS A 6 3.22 -12.52 10.21
CA LYS A 6 2.50 -11.28 9.89
C LYS A 6 3.31 -10.35 8.97
N GLN A 7 3.32 -10.64 7.66
CA GLN A 7 4.03 -9.82 6.67
C GLN A 7 3.52 -8.36 6.66
N LYS A 8 4.49 -7.44 6.58
CA LYS A 8 4.28 -6.00 6.48
C LYS A 8 5.13 -5.39 5.37
N VAL A 9 4.79 -4.14 5.06
CA VAL A 9 5.57 -3.22 4.25
C VAL A 9 5.63 -1.86 4.94
N LYS A 10 6.69 -1.10 4.68
CA LYS A 10 6.86 0.28 5.18
C LYS A 10 6.82 1.26 4.01
N THR A 11 6.06 2.34 4.17
CA THR A 11 5.92 3.41 3.17
C THR A 11 7.18 4.27 3.11
N ILE A 12 7.43 4.92 1.96
CA ILE A 12 8.61 5.77 1.74
C ILE A 12 8.29 7.20 1.27
N PHE A 13 7.02 7.51 0.98
CA PHE A 13 6.48 8.85 0.72
C PHE A 13 4.97 8.88 1.02
N PRO A 14 4.34 10.06 1.25
CA PRO A 14 2.90 10.17 1.48
C PRO A 14 2.06 9.87 0.23
N HIS A 15 0.80 9.46 0.44
CA HIS A 15 -0.18 9.14 -0.61
C HIS A 15 -1.58 9.63 -0.24
N THR A 16 -2.41 9.94 -1.26
CA THR A 16 -3.77 10.48 -1.13
C THR A 16 -4.69 9.97 -2.25
N ALA A 17 -6.00 9.89 -1.97
CA ALA A 17 -7.02 9.50 -2.95
C ALA A 17 -7.28 10.64 -3.98
N GLY A 18 -6.69 10.50 -5.17
CA GLY A 18 -6.81 11.45 -6.28
C GLY A 18 -8.18 11.41 -6.98
N SER A 19 -9.18 12.06 -6.39
CA SER A 19 -10.59 12.07 -6.84
C SER A 19 -11.17 10.64 -6.99
N ASN A 20 -11.04 9.84 -5.91
CA ASN A 20 -11.41 8.43 -5.87
C ASN A 20 -11.98 8.02 -4.48
N LYS A 21 -12.51 6.78 -4.38
CA LYS A 21 -13.12 6.21 -3.15
C LYS A 21 -12.47 4.89 -2.68
N THR A 22 -11.58 4.29 -3.48
CA THR A 22 -10.99 2.95 -3.24
C THR A 22 -9.47 3.00 -3.00
N LEU A 23 -8.93 4.17 -2.63
CA LEU A 23 -7.50 4.39 -2.42
C LEU A 23 -7.15 4.65 -0.95
N LEU A 24 -6.11 3.97 -0.44
CA LEU A 24 -5.61 4.12 0.93
C LEU A 24 -4.58 5.27 1.02
N SER A 25 -4.85 6.27 1.85
CA SER A 25 -3.91 7.37 2.17
C SER A 25 -2.96 7.02 3.33
N PHE A 26 -1.78 7.64 3.35
CA PHE A 26 -0.71 7.45 4.33
C PHE A 26 0.38 8.53 4.24
N ALA A 27 1.39 8.47 5.10
CA ALA A 27 2.59 9.30 5.13
C ALA A 27 3.87 8.46 4.96
N GLN A 28 5.04 9.09 4.87
CA GLN A 28 6.34 8.40 4.92
C GLN A 28 6.57 7.72 6.28
N GLY A 29 7.17 6.52 6.28
CA GLY A 29 7.54 5.80 7.50
C GLY A 29 6.37 5.13 8.25
N ASP A 30 5.19 5.05 7.62
CA ASP A 30 4.02 4.32 8.12
C ASP A 30 4.09 2.82 7.80
N VAL A 31 3.27 2.05 8.51
CA VAL A 31 3.27 0.58 8.48
C VAL A 31 1.93 0.08 7.94
N ILE A 32 1.98 -0.81 6.95
CA ILE A 32 0.79 -1.36 6.26
C ILE A 32 0.95 -2.88 6.12
N THR A 33 -0.14 -3.61 6.40
CA THR A 33 -0.21 -5.07 6.33
C THR A 33 -0.87 -5.52 5.03
N LEU A 34 -0.34 -6.57 4.39
CA LEU A 34 -0.86 -7.05 3.10
C LEU A 34 -2.16 -7.86 3.26
N LEU A 35 -3.05 -7.77 2.27
CA LEU A 35 -4.33 -8.51 2.20
C LEU A 35 -4.43 -9.43 0.96
N ILE A 36 -3.43 -9.43 0.06
CA ILE A 36 -3.31 -10.26 -1.15
C ILE A 36 -1.87 -10.81 -1.27
N PRO A 37 -1.69 -12.07 -1.73
CA PRO A 37 -0.38 -12.68 -1.98
C PRO A 37 0.37 -12.14 -3.22
N GLU A 38 -0.26 -11.30 -4.04
CA GLU A 38 0.33 -10.64 -5.23
C GLU A 38 -0.34 -9.28 -5.53
N GLU A 39 0.25 -8.47 -6.41
CA GLU A 39 -0.31 -7.19 -6.88
C GLU A 39 -1.15 -7.34 -8.18
N LYS A 40 -1.87 -6.27 -8.55
CA LYS A 40 -2.75 -6.18 -9.73
C LYS A 40 -2.48 -4.89 -10.49
N ASP A 41 -1.92 -4.98 -11.69
CA ASP A 41 -1.53 -3.83 -12.54
C ASP A 41 -0.66 -2.77 -11.83
N GLY A 42 0.12 -3.19 -10.82
CA GLY A 42 0.96 -2.35 -9.96
C GLY A 42 0.33 -1.98 -8.61
N TRP A 43 -0.97 -2.19 -8.43
CA TRP A 43 -1.69 -1.89 -7.20
C TRP A 43 -1.65 -3.07 -6.22
N LEU A 44 -1.34 -2.79 -4.96
CA LEU A 44 -1.57 -3.70 -3.83
C LEU A 44 -2.81 -3.28 -3.06
N TYR A 45 -3.32 -4.21 -2.26
CA TYR A 45 -4.45 -4.00 -1.35
C TYR A 45 -4.00 -4.39 0.06
N GLY A 46 -4.09 -3.44 0.98
CA GLY A 46 -3.57 -3.56 2.34
C GLY A 46 -4.41 -2.84 3.39
N GLU A 47 -4.04 -3.04 4.66
CA GLU A 47 -4.65 -2.43 5.84
C GLU A 47 -3.59 -1.70 6.66
N HIS A 48 -3.78 -0.39 6.85
CA HIS A 48 -2.89 0.49 7.62
C HIS A 48 -2.87 0.12 9.11
N ASP A 49 -1.73 0.25 9.80
CA ASP A 49 -1.63 -0.05 11.23
C ASP A 49 -2.21 1.08 12.13
N VAL A 50 -1.82 2.34 11.88
CA VAL A 50 -2.31 3.53 12.63
C VAL A 50 -3.79 3.86 12.34
N SER A 51 -4.20 3.93 11.06
CA SER A 51 -5.54 4.41 10.68
C SER A 51 -6.58 3.28 10.53
N LYS A 52 -6.11 2.02 10.43
CA LYS A 52 -6.91 0.80 10.14
C LYS A 52 -7.80 0.87 8.89
N ALA A 53 -7.49 1.81 8.01
CA ALA A 53 -8.15 1.94 6.72
C ALA A 53 -7.64 0.90 5.71
N ARG A 54 -8.48 0.60 4.71
CA ARG A 54 -8.21 -0.32 3.60
C ARG A 54 -8.40 0.37 2.25
N GLY A 55 -7.78 -0.17 1.23
CA GLY A 55 -7.90 0.29 -0.16
C GLY A 55 -6.75 -0.17 -1.04
N TRP A 56 -6.90 0.01 -2.35
CA TRP A 56 -5.80 -0.14 -3.30
C TRP A 56 -4.76 0.99 -3.08
N PHE A 57 -3.49 0.70 -3.33
CA PHE A 57 -2.40 1.67 -3.30
C PHE A 57 -1.25 1.21 -4.22
N PRO A 58 -0.42 2.13 -4.75
CA PRO A 58 0.72 1.78 -5.57
C PRO A 58 1.77 1.02 -4.74
N SER A 59 2.12 -0.21 -5.15
CA SER A 59 3.14 -1.01 -4.44
C SER A 59 4.49 -0.28 -4.33
N SER A 60 4.88 0.46 -5.37
CA SER A 60 6.15 1.21 -5.40
C SER A 60 6.26 2.34 -4.36
N TYR A 61 5.15 2.82 -3.79
CA TYR A 61 5.14 3.77 -2.66
C TYR A 61 5.54 3.12 -1.31
N THR A 62 5.80 1.81 -1.33
CA THR A 62 6.24 1.00 -0.18
C THR A 62 7.45 0.14 -0.52
N LYS A 63 8.11 -0.37 0.52
CA LYS A 63 9.22 -1.32 0.43
C LYS A 63 9.03 -2.43 1.47
N LEU A 64 9.66 -3.57 1.25
CA LEU A 64 9.71 -4.66 2.24
C LEU A 64 10.32 -4.11 3.54
N LEU A 65 9.63 -4.31 4.67
CA LEU A 65 10.03 -3.76 5.98
C LEU A 65 11.50 -4.04 6.35
N GLU A 66 11.80 -5.30 6.28
CA GLU A 66 13.06 -5.96 6.62
C GLU A 66 14.15 -5.84 5.52
N GLU A 67 14.14 -4.74 4.75
CA GLU A 67 15.15 -4.37 3.71
C GLU A 67 16.61 -4.47 4.21
N HIS B 27 -14.72 -9.20 0.99
CA HIS B 27 -14.49 -9.23 -0.48
C HIS B 27 -13.71 -7.99 -0.93
N ILE B 28 -12.63 -8.20 -1.69
CA ILE B 28 -11.75 -7.15 -2.23
C ILE B 28 -12.50 -6.33 -3.31
N PRO B 29 -12.46 -4.98 -3.27
CA PRO B 29 -13.11 -4.12 -4.27
C PRO B 29 -12.39 -4.20 -5.64
N PRO B 30 -13.04 -3.84 -6.76
CA PRO B 30 -12.43 -3.91 -8.08
C PRO B 30 -11.25 -2.94 -8.21
N ALA B 31 -10.22 -3.35 -8.96
CA ALA B 31 -9.10 -2.49 -9.32
C ALA B 31 -9.53 -1.39 -10.33
N PRO B 32 -8.82 -0.24 -10.39
CA PRO B 32 -9.10 0.84 -11.33
C PRO B 32 -8.79 0.46 -12.79
N ASN B 33 -9.15 1.35 -13.71
CA ASN B 33 -8.96 1.18 -15.15
C ASN B 33 -7.57 1.63 -15.65
N TRP B 34 -6.70 2.07 -14.73
CA TRP B 34 -5.37 2.61 -15.02
C TRP B 34 -4.28 2.03 -14.12
N PRO B 35 -3.00 1.99 -14.59
CA PRO B 35 -1.87 1.47 -13.82
C PRO B 35 -1.47 2.39 -12.66
N ALA B 36 -0.88 1.79 -11.62
CA ALA B 36 -0.47 2.50 -10.40
C ALA B 36 0.71 3.48 -10.64
N PRO B 37 0.72 4.64 -9.95
CA PRO B 37 1.81 5.62 -10.02
C PRO B 37 3.07 5.16 -9.25
N THR B 38 4.11 6.00 -9.25
CA THR B 38 5.43 5.72 -8.66
C THR B 38 5.97 6.89 -7.81
N PRO B 39 6.86 6.65 -6.83
CA PRO B 39 7.49 7.69 -6.01
C PRO B 39 8.45 8.57 -6.85
N PRO B 40 8.83 9.77 -6.35
CA PRO B 40 9.77 10.65 -7.05
C PRO B 40 11.18 10.03 -7.18
N VAL B 41 11.87 10.41 -8.25
CA VAL B 41 13.21 9.95 -8.64
C VAL B 41 13.96 11.09 -9.33
N GLN B 42 15.27 11.10 -9.15
CA GLN B 42 16.21 12.09 -9.70
C GLN B 42 17.47 11.39 -10.25
N ASN B 43 18.03 11.93 -11.35
CA ASN B 43 19.19 11.38 -12.08
C ASN B 43 19.99 12.50 -12.76
N GLY A 1 7.63 -18.80 18.86
CA GLY A 1 9.00 -18.24 18.85
C GLY A 1 9.62 -18.31 17.47
N SER A 2 10.39 -17.27 17.09
CA SER A 2 11.16 -17.13 15.83
C SER A 2 10.43 -17.57 14.54
N HIS A 3 9.13 -17.27 14.45
CA HIS A 3 8.25 -17.68 13.35
C HIS A 3 7.24 -16.57 13.01
N MET A 4 7.36 -15.99 11.81
CA MET A 4 6.46 -14.93 11.29
C MET A 4 5.00 -15.38 11.14
N LYS A 5 4.05 -14.43 11.20
CA LYS A 5 2.60 -14.69 11.13
C LYS A 5 1.94 -14.01 9.92
N LYS A 6 2.24 -12.72 9.69
CA LYS A 6 1.67 -11.85 8.64
C LYS A 6 2.75 -10.92 8.07
N GLN A 7 2.79 -10.76 6.75
CA GLN A 7 3.73 -9.85 6.08
C GLN A 7 3.30 -8.38 6.20
N LYS A 8 4.28 -7.51 6.40
CA LYS A 8 4.16 -6.05 6.40
C LYS A 8 5.06 -5.41 5.36
N VAL A 9 4.75 -4.15 5.07
CA VAL A 9 5.53 -3.22 4.24
C VAL A 9 5.62 -1.87 4.94
N LYS A 10 6.63 -1.08 4.58
CA LYS A 10 6.88 0.26 5.14
C LYS A 10 6.86 1.29 4.02
N THR A 11 6.08 2.35 4.18
CA THR A 11 5.91 3.42 3.18
C THR A 11 7.16 4.30 3.07
N ILE A 12 7.39 4.92 1.92
CA ILE A 12 8.56 5.78 1.66
C ILE A 12 8.23 7.20 1.20
N PHE A 13 6.96 7.50 0.90
CA PHE A 13 6.40 8.84 0.64
C PHE A 13 4.87 8.84 0.93
N PRO A 14 4.23 10.00 1.17
CA PRO A 14 2.78 10.09 1.39
C PRO A 14 1.95 9.78 0.13
N HIS A 15 0.68 9.40 0.32
CA HIS A 15 -0.27 9.08 -0.76
C HIS A 15 -1.70 9.57 -0.43
N THR A 16 -2.53 9.81 -1.46
CA THR A 16 -3.87 10.42 -1.35
C THR A 16 -4.85 9.92 -2.43
N ALA A 17 -6.14 10.20 -2.25
CA ALA A 17 -7.25 9.76 -3.10
C ALA A 17 -7.79 10.95 -3.94
N GLY A 18 -7.13 11.25 -5.07
CA GLY A 18 -7.35 12.47 -5.87
C GLY A 18 -8.76 12.63 -6.47
N SER A 19 -9.35 11.53 -6.97
CA SER A 19 -10.66 11.51 -7.64
C SER A 19 -11.43 10.19 -7.41
N ASN A 20 -11.17 9.53 -6.27
CA ASN A 20 -11.64 8.15 -5.99
C ASN A 20 -12.06 7.95 -4.51
N LYS A 21 -12.64 6.78 -4.21
CA LYS A 21 -13.11 6.35 -2.87
C LYS A 21 -12.59 4.98 -2.41
N THR A 22 -11.64 4.38 -3.14
CA THR A 22 -11.02 3.07 -2.83
C THR A 22 -9.48 3.12 -2.81
N LEU A 23 -8.88 4.32 -2.72
CA LEU A 23 -7.43 4.52 -2.60
C LEU A 23 -7.04 4.74 -1.12
N LEU A 24 -6.18 3.87 -0.58
CA LEU A 24 -5.64 4.02 0.78
C LEU A 24 -4.61 5.17 0.84
N SER A 25 -4.75 6.05 1.83
CA SER A 25 -3.89 7.22 2.08
C SER A 25 -3.02 7.06 3.34
N PHE A 26 -1.84 7.69 3.33
CA PHE A 26 -0.78 7.50 4.33
C PHE A 26 0.33 8.57 4.24
N ALA A 27 1.32 8.49 5.12
CA ALA A 27 2.55 9.30 5.13
C ALA A 27 3.80 8.42 4.93
N GLN A 28 4.99 9.04 4.85
CA GLN A 28 6.28 8.34 4.85
C GLN A 28 6.56 7.65 6.21
N GLY A 29 7.18 6.46 6.17
CA GLY A 29 7.62 5.72 7.37
C GLY A 29 6.50 5.01 8.15
N ASP A 30 5.26 5.04 7.63
CA ASP A 30 4.14 4.27 8.16
C ASP A 30 4.25 2.78 7.82
N VAL A 31 3.51 1.94 8.54
CA VAL A 31 3.46 0.48 8.35
C VAL A 31 2.08 0.07 7.84
N ILE A 32 2.05 -0.84 6.87
CA ILE A 32 0.82 -1.37 6.25
C ILE A 32 0.95 -2.89 6.12
N THR A 33 -0.15 -3.60 6.36
CA THR A 33 -0.24 -5.06 6.25
C THR A 33 -0.85 -5.47 4.91
N LEU A 34 -0.33 -6.53 4.28
CA LEU A 34 -0.83 -7.03 3.00
C LEU A 34 -2.11 -7.87 3.18
N LEU A 35 -3.07 -7.72 2.25
CA LEU A 35 -4.34 -8.45 2.25
C LEU A 35 -4.46 -9.44 1.04
N ILE A 36 -3.47 -9.44 0.13
CA ILE A 36 -3.36 -10.32 -1.06
C ILE A 36 -1.93 -10.90 -1.15
N PRO A 37 -1.77 -12.17 -1.54
CA PRO A 37 -0.46 -12.82 -1.76
C PRO A 37 0.30 -12.31 -3.01
N GLU A 38 -0.33 -11.49 -3.87
CA GLU A 38 0.28 -10.85 -5.04
C GLU A 38 -0.43 -9.54 -5.42
N GLU A 39 0.28 -8.59 -6.05
CA GLU A 39 -0.27 -7.33 -6.56
C GLU A 39 -1.11 -7.48 -7.85
N LYS A 40 -1.79 -6.41 -8.27
CA LYS A 40 -2.68 -6.34 -9.44
C LYS A 40 -2.37 -5.10 -10.27
N ASP A 41 -1.73 -5.27 -11.44
CA ASP A 41 -1.33 -4.18 -12.37
C ASP A 41 -0.53 -3.04 -11.69
N GLY A 42 0.23 -3.36 -10.65
CA GLY A 42 1.05 -2.43 -9.84
C GLY A 42 0.39 -2.01 -8.52
N TRP A 43 -0.93 -2.22 -8.37
CA TRP A 43 -1.68 -1.91 -7.16
C TRP A 43 -1.61 -3.06 -6.16
N LEU A 44 -1.31 -2.75 -4.89
CA LEU A 44 -1.53 -3.65 -3.77
C LEU A 44 -2.81 -3.25 -3.01
N TYR A 45 -3.33 -4.20 -2.25
CA TYR A 45 -4.47 -4.01 -1.35
C TYR A 45 -4.00 -4.38 0.06
N GLY A 46 -4.13 -3.42 0.98
CA GLY A 46 -3.61 -3.54 2.32
C GLY A 46 -4.45 -2.87 3.41
N GLU A 47 -4.06 -3.09 4.66
CA GLU A 47 -4.67 -2.51 5.85
C GLU A 47 -3.59 -1.78 6.67
N HIS A 48 -3.74 -0.47 6.80
CA HIS A 48 -2.83 0.40 7.57
C HIS A 48 -2.79 0.02 9.05
N ASP A 49 -1.62 0.15 9.69
CA ASP A 49 -1.45 -0.22 11.10
C ASP A 49 -1.97 0.88 12.06
N VAL A 50 -1.64 2.15 11.82
CA VAL A 50 -2.14 3.32 12.60
C VAL A 50 -3.62 3.62 12.36
N SER A 51 -4.07 3.78 11.10
CA SER A 51 -5.42 4.26 10.78
C SER A 51 -6.45 3.12 10.60
N LYS A 52 -5.98 1.87 10.44
CA LYS A 52 -6.78 0.66 10.14
C LYS A 52 -7.68 0.77 8.90
N ALA A 53 -7.38 1.73 8.04
CA ALA A 53 -8.06 1.90 6.76
C ALA A 53 -7.57 0.89 5.71
N ARG A 54 -8.42 0.64 4.71
CA ARG A 54 -8.20 -0.29 3.60
C ARG A 54 -8.44 0.39 2.26
N GLY A 55 -7.81 -0.15 1.22
CA GLY A 55 -7.96 0.30 -0.17
C GLY A 55 -6.79 -0.16 -1.05
N TRP A 56 -6.95 0.01 -2.36
CA TRP A 56 -5.85 -0.11 -3.31
C TRP A 56 -4.83 1.01 -3.09
N PHE A 57 -3.54 0.74 -3.33
CA PHE A 57 -2.47 1.74 -3.32
C PHE A 57 -1.31 1.27 -4.21
N PRO A 58 -0.48 2.19 -4.73
CA PRO A 58 0.68 1.82 -5.54
C PRO A 58 1.71 1.07 -4.70
N SER A 59 2.04 -0.18 -5.07
CA SER A 59 3.06 -0.97 -4.37
C SER A 59 4.40 -0.24 -4.28
N SER A 60 4.77 0.48 -5.35
CA SER A 60 5.99 1.29 -5.46
C SER A 60 6.15 2.41 -4.40
N TYR A 61 5.05 2.86 -3.77
CA TYR A 61 5.06 3.81 -2.64
C TYR A 61 5.45 3.16 -1.29
N THR A 62 5.73 1.86 -1.30
CA THR A 62 6.20 1.06 -0.15
C THR A 62 7.42 0.23 -0.52
N LYS A 63 8.17 -0.19 0.51
CA LYS A 63 9.27 -1.15 0.41
C LYS A 63 9.03 -2.31 1.38
N LEU A 64 9.77 -3.38 1.16
CA LEU A 64 9.79 -4.54 2.07
C LEU A 64 10.36 -4.09 3.43
N LEU A 65 9.64 -4.35 4.52
CA LEU A 65 10.00 -3.89 5.87
C LEU A 65 11.42 -4.25 6.31
N GLU A 66 11.67 -5.52 6.15
CA GLU A 66 12.90 -6.25 6.43
C GLU A 66 14.06 -5.79 5.50
N GLU A 67 14.95 -4.93 6.02
CA GLU A 67 16.05 -4.26 5.29
C GLU A 67 17.01 -5.23 4.57
N HIS B 27 -14.36 -9.12 1.09
CA HIS B 27 -14.48 -9.00 -0.38
C HIS B 27 -13.65 -7.82 -0.89
N ILE B 28 -12.61 -8.08 -1.70
CA ILE B 28 -11.72 -7.06 -2.27
C ILE B 28 -12.49 -6.21 -3.32
N PRO B 29 -12.45 -4.87 -3.27
CA PRO B 29 -13.11 -3.99 -4.24
C PRO B 29 -12.43 -4.04 -5.62
N PRO B 30 -13.11 -3.63 -6.71
CA PRO B 30 -12.53 -3.66 -8.05
C PRO B 30 -11.33 -2.71 -8.18
N ALA B 31 -10.33 -3.13 -8.97
CA ALA B 31 -9.19 -2.30 -9.33
C ALA B 31 -9.57 -1.18 -10.34
N PRO B 32 -8.81 -0.08 -10.41
CA PRO B 32 -9.03 1.01 -11.39
C PRO B 32 -8.73 0.59 -12.83
N ASN B 33 -9.02 1.50 -13.76
CA ASN B 33 -8.84 1.30 -15.21
C ASN B 33 -7.46 1.78 -15.70
N TRP B 34 -6.55 2.12 -14.77
CA TRP B 34 -5.20 2.62 -15.07
C TRP B 34 -4.12 2.00 -14.14
N PRO B 35 -2.86 1.94 -14.59
CA PRO B 35 -1.74 1.41 -13.80
C PRO B 35 -1.33 2.34 -12.66
N ALA B 36 -0.75 1.76 -11.60
CA ALA B 36 -0.37 2.48 -10.38
C ALA B 36 0.82 3.45 -10.59
N PRO B 37 0.80 4.63 -9.94
CA PRO B 37 1.88 5.62 -10.02
C PRO B 37 3.14 5.22 -9.22
N THR B 38 4.17 6.07 -9.25
CA THR B 38 5.52 5.82 -8.70
C THR B 38 6.05 6.98 -7.83
N PRO B 39 6.97 6.72 -6.89
CA PRO B 39 7.62 7.77 -6.07
C PRO B 39 8.57 8.65 -6.92
N PRO B 40 8.97 9.83 -6.43
CA PRO B 40 9.90 10.73 -7.12
C PRO B 40 11.32 10.13 -7.24
N VAL B 41 12.04 10.54 -8.29
CA VAL B 41 13.42 10.09 -8.60
C VAL B 41 14.49 10.98 -7.94
N GLN B 42 14.17 12.26 -7.71
CA GLN B 42 15.03 13.22 -6.99
C GLN B 42 15.23 12.87 -5.50
N ASN B 43 16.25 13.48 -4.88
CA ASN B 43 16.66 13.27 -3.48
C ASN B 43 17.12 14.57 -2.78
N GLY A 1 14.60 -17.19 11.05
CA GLY A 1 13.31 -17.08 10.33
C GLY A 1 12.89 -15.63 10.16
N SER A 2 11.89 -15.18 10.94
CA SER A 2 11.33 -13.81 10.91
C SER A 2 10.82 -13.36 12.30
N HIS A 3 10.61 -12.06 12.47
CA HIS A 3 10.17 -11.47 13.75
C HIS A 3 8.65 -11.51 13.95
N MET A 4 7.85 -11.51 12.87
CA MET A 4 6.38 -11.54 12.91
C MET A 4 5.77 -12.41 11.78
N LYS A 5 4.57 -12.95 12.04
CA LYS A 5 3.86 -13.89 11.17
C LYS A 5 3.19 -13.23 9.96
N LYS A 6 2.47 -12.13 10.18
CA LYS A 6 1.83 -11.31 9.14
C LYS A 6 2.86 -10.48 8.38
N GLN A 7 2.92 -10.62 7.05
CA GLN A 7 3.81 -9.79 6.22
C GLN A 7 3.35 -8.32 6.22
N LYS A 8 4.34 -7.44 6.34
CA LYS A 8 4.19 -5.98 6.32
C LYS A 8 5.08 -5.36 5.25
N VAL A 9 4.78 -4.10 4.96
CA VAL A 9 5.57 -3.17 4.16
C VAL A 9 5.65 -1.81 4.88
N LYS A 10 6.69 -1.05 4.56
CA LYS A 10 6.93 0.30 5.09
C LYS A 10 6.86 1.32 3.95
N THR A 11 6.12 2.40 4.15
CA THR A 11 5.95 3.46 3.14
C THR A 11 7.21 4.34 3.04
N ILE A 12 7.43 4.96 1.87
CA ILE A 12 8.61 5.83 1.62
C ILE A 12 8.26 7.26 1.16
N PHE A 13 6.98 7.55 0.87
CA PHE A 13 6.43 8.89 0.60
C PHE A 13 4.91 8.91 0.89
N PRO A 14 4.29 10.09 1.13
CA PRO A 14 2.85 10.19 1.35
C PRO A 14 2.02 9.88 0.09
N HIS A 15 0.76 9.46 0.27
CA HIS A 15 -0.19 9.14 -0.80
C HIS A 15 -1.60 9.67 -0.51
N THR A 16 -2.35 10.02 -1.56
CA THR A 16 -3.60 10.79 -1.50
C THR A 16 -4.62 10.27 -2.53
N ALA A 17 -5.87 10.04 -2.10
CA ALA A 17 -6.94 9.50 -2.96
C ALA A 17 -7.50 10.51 -3.99
N GLY A 18 -7.35 11.81 -3.74
CA GLY A 18 -7.90 12.88 -4.60
C GLY A 18 -9.43 12.78 -4.75
N SER A 19 -9.91 12.63 -5.99
CA SER A 19 -11.32 12.43 -6.32
C SER A 19 -11.84 10.99 -6.14
N ASN A 20 -10.96 10.01 -5.92
CA ASN A 20 -11.30 8.58 -5.81
C ASN A 20 -11.77 8.19 -4.39
N LYS A 21 -12.29 6.96 -4.23
CA LYS A 21 -12.82 6.41 -2.95
C LYS A 21 -12.21 5.06 -2.53
N THR A 22 -11.57 4.34 -3.44
CA THR A 22 -11.00 2.98 -3.23
C THR A 22 -9.48 2.99 -2.98
N LEU A 23 -8.89 4.17 -2.72
CA LEU A 23 -7.45 4.36 -2.54
C LEU A 23 -7.11 4.59 -1.06
N LEU A 24 -6.19 3.79 -0.50
CA LEU A 24 -5.64 4.01 0.84
C LEU A 24 -4.67 5.21 0.84
N SER A 25 -4.69 6.02 1.90
CA SER A 25 -3.83 7.21 2.06
C SER A 25 -2.97 7.11 3.34
N PHE A 26 -1.78 7.72 3.29
CA PHE A 26 -0.70 7.54 4.28
C PHE A 26 0.39 8.62 4.15
N ALA A 27 1.39 8.56 5.03
CA ALA A 27 2.60 9.38 5.05
C ALA A 27 3.86 8.51 4.88
N GLN A 28 5.04 9.12 4.82
CA GLN A 28 6.33 8.42 4.84
C GLN A 28 6.59 7.74 6.21
N GLY A 29 7.17 6.53 6.20
CA GLY A 29 7.55 5.80 7.43
C GLY A 29 6.39 5.10 8.16
N ASP A 30 5.18 5.10 7.60
CA ASP A 30 4.04 4.32 8.07
C ASP A 30 4.20 2.82 7.76
N VAL A 31 3.38 1.99 8.43
CA VAL A 31 3.42 0.53 8.37
C VAL A 31 2.07 0.00 7.86
N ILE A 32 2.11 -0.85 6.84
CA ILE A 32 0.89 -1.36 6.17
C ILE A 32 1.00 -2.87 6.00
N THR A 33 -0.09 -3.59 6.27
CA THR A 33 -0.17 -5.06 6.19
C THR A 33 -0.79 -5.49 4.87
N LEU A 34 -0.27 -6.55 4.27
CA LEU A 34 -0.76 -7.07 2.98
C LEU A 34 -2.00 -7.95 3.16
N LEU A 35 -2.95 -7.85 2.23
CA LEU A 35 -4.21 -8.62 2.24
C LEU A 35 -4.34 -9.61 1.04
N ILE A 36 -3.37 -9.59 0.11
CA ILE A 36 -3.27 -10.46 -1.08
C ILE A 36 -1.82 -11.00 -1.20
N PRO A 37 -1.63 -12.28 -1.61
CA PRO A 37 -0.30 -12.87 -1.82
C PRO A 37 0.43 -12.36 -3.08
N GLU A 38 -0.22 -11.55 -3.93
CA GLU A 38 0.37 -10.86 -5.09
C GLU A 38 -0.36 -9.54 -5.39
N GLU A 39 0.32 -8.57 -6.03
CA GLU A 39 -0.29 -7.31 -6.49
C GLU A 39 -1.09 -7.48 -7.80
N LYS A 40 -1.86 -6.44 -8.15
CA LYS A 40 -2.71 -6.36 -9.35
C LYS A 40 -2.31 -5.16 -10.21
N ASP A 41 -1.60 -5.42 -11.30
CA ASP A 41 -1.17 -4.40 -12.29
C ASP A 41 -0.43 -3.18 -11.68
N GLY A 42 0.30 -3.40 -10.58
CA GLY A 42 1.05 -2.36 -9.82
C GLY A 42 0.33 -1.84 -8.57
N TRP A 43 -0.90 -2.30 -8.31
CA TRP A 43 -1.69 -1.97 -7.12
C TRP A 43 -1.65 -3.11 -6.11
N LEU A 44 -1.13 -2.85 -4.91
CA LEU A 44 -1.36 -3.70 -3.74
C LEU A 44 -2.68 -3.34 -3.07
N TYR A 45 -3.18 -4.26 -2.25
CA TYR A 45 -4.34 -4.08 -1.38
C TYR A 45 -3.92 -4.44 0.04
N GLY A 46 -4.10 -3.50 0.96
CA GLY A 46 -3.55 -3.59 2.31
C GLY A 46 -4.37 -2.86 3.37
N GLU A 47 -3.97 -3.04 4.64
CA GLU A 47 -4.57 -2.44 5.82
C GLU A 47 -3.51 -1.69 6.64
N HIS A 48 -3.72 -0.38 6.81
CA HIS A 48 -2.86 0.52 7.58
C HIS A 48 -2.85 0.19 9.08
N ASP A 49 -1.81 0.57 9.80
CA ASP A 49 -1.69 0.35 11.25
C ASP A 49 -2.41 1.42 12.11
N VAL A 50 -2.19 2.70 11.82
CA VAL A 50 -2.77 3.85 12.56
C VAL A 50 -4.24 4.10 12.25
N SER A 51 -4.64 4.15 10.97
CA SER A 51 -6.02 4.45 10.55
C SER A 51 -6.90 3.19 10.48
N LYS A 52 -6.28 2.00 10.31
CA LYS A 52 -6.91 0.70 10.04
C LYS A 52 -7.85 0.70 8.82
N ALA A 53 -7.68 1.68 7.93
CA ALA A 53 -8.36 1.75 6.65
C ALA A 53 -7.76 0.76 5.64
N ARG A 54 -8.59 0.38 4.67
CA ARG A 54 -8.26 -0.49 3.54
C ARG A 54 -8.50 0.21 2.19
N GLY A 55 -7.80 -0.26 1.17
CA GLY A 55 -7.95 0.19 -0.22
C GLY A 55 -6.78 -0.27 -1.10
N TRP A 56 -6.92 -0.10 -2.40
CA TRP A 56 -5.80 -0.23 -3.34
C TRP A 56 -4.78 0.89 -3.10
N PHE A 57 -3.50 0.64 -3.36
CA PHE A 57 -2.45 1.64 -3.35
C PHE A 57 -1.27 1.19 -4.24
N PRO A 58 -0.46 2.13 -4.79
CA PRO A 58 0.69 1.77 -5.60
C PRO A 58 1.73 0.99 -4.77
N SER A 59 2.05 -0.24 -5.13
CA SER A 59 3.04 -1.05 -4.38
C SER A 59 4.39 -0.34 -4.29
N SER A 60 4.77 0.37 -5.36
CA SER A 60 6.00 1.17 -5.50
C SER A 60 6.17 2.29 -4.47
N TYR A 61 5.08 2.77 -3.85
CA TYR A 61 5.11 3.74 -2.73
C TYR A 61 5.55 3.12 -1.39
N THR A 62 5.85 1.82 -1.39
CA THR A 62 6.30 1.05 -0.23
C THR A 62 7.50 0.16 -0.55
N LYS A 63 8.19 -0.30 0.50
CA LYS A 63 9.33 -1.23 0.42
C LYS A 63 9.18 -2.34 1.47
N LEU A 64 9.83 -3.47 1.22
CA LEU A 64 9.76 -4.66 2.08
C LEU A 64 10.29 -4.35 3.49
N LEU A 65 9.47 -4.60 4.53
CA LEU A 65 9.81 -4.24 5.91
C LEU A 65 11.06 -4.92 6.47
N GLU A 66 11.12 -6.20 6.18
CA GLU A 66 12.13 -7.18 6.61
C GLU A 66 13.26 -7.33 5.56
N GLU A 67 13.91 -6.21 5.24
CA GLU A 67 15.04 -6.08 4.29
C GLU A 67 16.19 -7.10 4.46
N HIS B 27 -14.49 -9.03 1.18
CA HIS B 27 -14.47 -9.02 -0.30
C HIS B 27 -13.62 -7.84 -0.83
N ILE B 28 -12.63 -8.13 -1.68
CA ILE B 28 -11.73 -7.12 -2.28
C ILE B 28 -12.50 -6.29 -3.35
N PRO B 29 -12.42 -4.94 -3.33
CA PRO B 29 -13.07 -4.09 -4.32
C PRO B 29 -12.41 -4.20 -5.71
N PRO B 30 -13.09 -3.80 -6.81
CA PRO B 30 -12.49 -3.86 -8.15
C PRO B 30 -11.29 -2.92 -8.29
N ALA B 31 -10.29 -3.35 -9.06
CA ALA B 31 -9.15 -2.52 -9.41
C ALA B 31 -9.51 -1.42 -10.45
N PRO B 32 -8.76 -0.30 -10.50
CA PRO B 32 -8.99 0.79 -11.46
C PRO B 32 -8.68 0.40 -12.91
N ASN B 33 -8.97 1.31 -13.83
CA ASN B 33 -8.79 1.15 -15.28
C ASN B 33 -7.43 1.67 -15.76
N TRP B 34 -6.53 2.01 -14.84
CA TRP B 34 -5.19 2.54 -15.12
C TRP B 34 -4.11 1.94 -14.20
N PRO B 35 -2.84 1.90 -14.66
CA PRO B 35 -1.71 1.40 -13.87
C PRO B 35 -1.32 2.37 -12.74
N ALA B 36 -0.76 1.81 -11.66
CA ALA B 36 -0.41 2.57 -10.46
C ALA B 36 0.78 3.53 -10.67
N PRO B 37 0.79 4.70 -10.00
CA PRO B 37 1.90 5.66 -10.05
C PRO B 37 3.15 5.19 -9.28
N THR B 38 4.20 6.01 -9.33
CA THR B 38 5.53 5.71 -8.74
C THR B 38 6.08 6.89 -7.92
N PRO B 39 6.95 6.63 -6.93
CA PRO B 39 7.62 7.68 -6.14
C PRO B 39 8.59 8.52 -7.00
N PRO B 40 8.99 9.72 -6.54
CA PRO B 40 9.92 10.58 -7.27
C PRO B 40 11.32 9.95 -7.44
N VAL B 41 12.02 10.37 -8.49
CA VAL B 41 13.37 9.89 -8.85
C VAL B 41 14.39 10.93 -8.39
N GLN B 42 15.09 10.58 -7.32
CA GLN B 42 16.03 11.42 -6.56
C GLN B 42 17.30 10.62 -6.17
N ASN B 43 18.28 11.31 -5.56
CA ASN B 43 19.60 10.77 -5.17
C ASN B 43 19.97 11.15 -3.73
N GLY A 1 5.38 -11.68 21.62
CA GLY A 1 4.56 -11.36 20.42
C GLY A 1 5.04 -12.11 19.18
N SER A 2 4.32 -11.94 18.07
CA SER A 2 4.60 -12.59 16.77
C SER A 2 4.23 -11.68 15.59
N HIS A 3 5.03 -10.62 15.39
CA HIS A 3 4.89 -9.67 14.28
C HIS A 3 5.16 -10.26 12.88
N MET A 4 5.70 -11.50 12.79
CA MET A 4 6.09 -12.14 11.53
C MET A 4 4.93 -12.87 10.81
N LYS A 5 3.90 -13.31 11.55
CA LYS A 5 2.77 -14.11 11.00
C LYS A 5 1.95 -13.38 9.94
N LYS A 6 1.83 -12.05 10.07
CA LYS A 6 1.19 -11.13 9.11
C LYS A 6 2.27 -10.31 8.43
N GLN A 7 2.54 -10.55 7.14
CA GLN A 7 3.56 -9.79 6.41
C GLN A 7 3.20 -8.31 6.34
N LYS A 8 4.21 -7.47 6.58
CA LYS A 8 4.12 -6.01 6.58
C LYS A 8 5.03 -5.38 5.54
N VAL A 9 4.72 -4.14 5.21
CA VAL A 9 5.51 -3.23 4.37
C VAL A 9 5.55 -1.85 5.02
N LYS A 10 6.60 -1.09 4.72
CA LYS A 10 6.78 0.29 5.16
C LYS A 10 6.85 1.24 3.97
N THR A 11 6.14 2.36 4.07
CA THR A 11 6.00 3.37 3.01
C THR A 11 7.24 4.26 2.93
N ILE A 12 7.49 4.84 1.74
CA ILE A 12 8.67 5.69 1.49
C ILE A 12 8.34 7.14 1.07
N PHE A 13 7.07 7.45 0.78
CA PHE A 13 6.52 8.80 0.56
C PHE A 13 5.01 8.83 0.87
N PRO A 14 4.40 10.01 1.15
CA PRO A 14 2.96 10.13 1.43
C PRO A 14 2.10 9.89 0.19
N HIS A 15 0.82 9.53 0.42
CA HIS A 15 -0.19 9.23 -0.60
C HIS A 15 -1.57 9.74 -0.19
N THR A 16 -2.36 10.22 -1.16
CA THR A 16 -3.64 10.91 -0.94
C THR A 16 -4.62 10.62 -2.08
N ALA A 17 -5.82 10.12 -1.75
CA ALA A 17 -6.96 10.04 -2.67
C ALA A 17 -7.45 11.45 -3.06
N GLY A 18 -7.48 11.78 -4.36
CA GLY A 18 -7.75 13.13 -4.88
C GLY A 18 -8.95 13.24 -5.83
N SER A 19 -9.25 12.18 -6.58
CA SER A 19 -10.44 12.04 -7.44
C SER A 19 -10.93 10.58 -7.42
N ASN A 20 -10.86 9.96 -6.24
CA ASN A 20 -10.92 8.51 -6.02
C ASN A 20 -11.74 8.15 -4.76
N LYS A 21 -11.92 6.85 -4.50
CA LYS A 21 -12.63 6.31 -3.32
C LYS A 21 -11.96 5.09 -2.69
N THR A 22 -11.46 4.16 -3.50
CA THR A 22 -10.87 2.88 -3.07
C THR A 22 -9.37 2.94 -2.75
N LEU A 23 -8.80 4.15 -2.59
CA LEU A 23 -7.36 4.38 -2.46
C LEU A 23 -6.97 4.64 -1.00
N LEU A 24 -6.11 3.78 -0.43
CA LEU A 24 -5.61 3.94 0.93
C LEU A 24 -4.60 5.10 1.01
N SER A 25 -4.88 6.11 1.84
CA SER A 25 -4.00 7.28 2.06
C SER A 25 -3.10 7.10 3.28
N PHE A 26 -1.88 7.67 3.25
CA PHE A 26 -0.81 7.46 4.25
C PHE A 26 0.31 8.52 4.16
N ALA A 27 1.31 8.42 5.05
CA ALA A 27 2.52 9.24 5.08
C ALA A 27 3.79 8.39 4.88
N GLN A 28 4.96 9.03 4.79
CA GLN A 28 6.27 8.35 4.79
C GLN A 28 6.53 7.63 6.13
N GLY A 29 7.13 6.44 6.09
CA GLY A 29 7.52 5.66 7.28
C GLY A 29 6.35 4.98 8.02
N ASP A 30 5.14 5.02 7.46
CA ASP A 30 3.96 4.33 7.98
C ASP A 30 3.99 2.83 7.64
N VAL A 31 3.18 2.05 8.37
CA VAL A 31 3.16 0.58 8.32
C VAL A 31 1.81 0.11 7.78
N ILE A 32 1.86 -0.81 6.81
CA ILE A 32 0.69 -1.39 6.12
C ILE A 32 0.88 -2.91 6.02
N THR A 33 -0.20 -3.66 6.24
CA THR A 33 -0.23 -5.14 6.22
C THR A 33 -0.78 -5.64 4.89
N LEU A 34 -0.19 -6.69 4.32
CA LEU A 34 -0.64 -7.25 3.04
C LEU A 34 -1.89 -8.14 3.20
N LEU A 35 -2.86 -7.99 2.30
CA LEU A 35 -4.14 -8.74 2.31
C LEU A 35 -4.30 -9.69 1.10
N ILE A 36 -3.42 -9.58 0.08
CA ILE A 36 -3.34 -10.43 -1.11
C ILE A 36 -1.91 -10.99 -1.27
N PRO A 37 -1.76 -12.26 -1.69
CA PRO A 37 -0.45 -12.88 -1.93
C PRO A 37 0.27 -12.38 -3.20
N GLU A 38 -0.38 -11.56 -4.04
CA GLU A 38 0.20 -10.93 -5.24
C GLU A 38 -0.50 -9.60 -5.59
N GLU A 39 0.21 -8.69 -6.26
CA GLU A 39 -0.33 -7.42 -6.79
C GLU A 39 -1.19 -7.60 -8.07
N LYS A 40 -1.90 -6.53 -8.47
CA LYS A 40 -2.78 -6.45 -9.64
C LYS A 40 -2.44 -5.19 -10.45
N ASP A 41 -1.79 -5.37 -11.61
CA ASP A 41 -1.37 -4.29 -12.52
C ASP A 41 -0.57 -3.15 -11.84
N GLY A 42 0.18 -3.49 -10.78
CA GLY A 42 0.99 -2.57 -9.97
C GLY A 42 0.34 -2.15 -8.63
N TRP A 43 -0.95 -2.41 -8.46
CA TRP A 43 -1.70 -2.10 -7.23
C TRP A 43 -1.65 -3.26 -6.23
N LEU A 44 -1.41 -2.95 -4.97
CA LEU A 44 -1.59 -3.86 -3.83
C LEU A 44 -2.82 -3.45 -3.03
N TYR A 45 -3.33 -4.38 -2.22
CA TYR A 45 -4.44 -4.14 -1.30
C TYR A 45 -3.97 -4.51 0.10
N GLY A 46 -4.00 -3.54 1.00
CA GLY A 46 -3.47 -3.65 2.36
C GLY A 46 -4.29 -2.92 3.42
N GLU A 47 -3.94 -3.16 4.68
CA GLU A 47 -4.57 -2.55 5.87
C GLU A 47 -3.52 -1.78 6.67
N HIS A 48 -3.74 -0.47 6.80
CA HIS A 48 -2.88 0.44 7.56
C HIS A 48 -2.84 0.10 9.06
N ASP A 49 -1.73 0.33 9.75
CA ASP A 49 -1.64 0.08 11.20
C ASP A 49 -2.25 1.21 12.07
N VAL A 50 -1.90 2.47 11.80
CA VAL A 50 -2.45 3.65 12.51
C VAL A 50 -3.93 3.91 12.22
N SER A 51 -4.33 3.96 10.94
CA SER A 51 -5.69 4.34 10.53
C SER A 51 -6.68 3.16 10.53
N LYS A 52 -6.15 1.92 10.40
CA LYS A 52 -6.90 0.67 10.13
C LYS A 52 -7.79 0.71 8.88
N ALA A 53 -7.56 1.69 8.00
CA ALA A 53 -8.21 1.77 6.70
C ALA A 53 -7.62 0.75 5.71
N ARG A 54 -8.46 0.36 4.74
CA ARG A 54 -8.13 -0.56 3.64
C ARG A 54 -8.42 0.10 2.29
N GLY A 55 -7.67 -0.31 1.27
CA GLY A 55 -7.85 0.14 -0.11
C GLY A 55 -6.70 -0.33 -1.02
N TRP A 56 -6.88 -0.18 -2.33
CA TRP A 56 -5.81 -0.32 -3.30
C TRP A 56 -4.77 0.80 -3.10
N PHE A 57 -3.50 0.52 -3.33
CA PHE A 57 -2.40 1.49 -3.29
C PHE A 57 -1.24 1.07 -4.19
N PRO A 58 -0.41 2.00 -4.67
CA PRO A 58 0.74 1.69 -5.52
C PRO A 58 1.79 0.87 -4.75
N SER A 59 2.13 -0.32 -5.24
CA SER A 59 3.20 -1.16 -4.68
C SER A 59 4.58 -0.45 -4.70
N SER A 60 4.79 0.47 -5.65
CA SER A 60 6.01 1.30 -5.74
C SER A 60 6.17 2.31 -4.60
N TYR A 61 5.11 2.64 -3.85
CA TYR A 61 5.14 3.60 -2.71
C TYR A 61 5.59 2.95 -1.38
N THR A 62 5.86 1.64 -1.40
CA THR A 62 6.46 0.86 -0.30
C THR A 62 7.67 0.07 -0.82
N LYS A 63 8.47 -0.48 0.10
CA LYS A 63 9.63 -1.35 -0.25
C LYS A 63 9.52 -2.68 0.50
N LEU A 64 9.80 -2.66 1.79
CA LEU A 64 9.62 -3.74 2.76
C LEU A 64 9.78 -3.14 4.17
N LEU A 65 9.12 -3.71 5.19
CA LEU A 65 9.31 -3.31 6.59
C LEU A 65 10.74 -3.56 7.06
N GLU A 66 10.99 -4.85 7.14
CA GLU A 66 12.19 -5.53 7.63
C GLU A 66 13.46 -5.17 6.81
N GLU A 67 14.64 -5.30 7.44
CA GLU A 67 15.96 -4.88 6.92
C GLU A 67 17.02 -5.99 7.00
N HIS B 27 -14.87 -9.03 1.08
CA HIS B 27 -14.66 -9.02 -0.40
C HIS B 27 -13.83 -7.80 -0.83
N ILE B 28 -12.75 -8.04 -1.57
CA ILE B 28 -11.85 -6.99 -2.10
C ILE B 28 -12.58 -6.21 -3.22
N PRO B 29 -12.52 -4.85 -3.21
CA PRO B 29 -13.14 -4.02 -4.25
C PRO B 29 -12.42 -4.15 -5.60
N PRO B 30 -13.06 -3.79 -6.73
CA PRO B 30 -12.43 -3.88 -8.05
C PRO B 30 -11.22 -2.95 -8.19
N ALA B 31 -10.21 -3.40 -8.94
CA ALA B 31 -9.07 -2.57 -9.31
C ALA B 31 -9.47 -1.44 -10.30
N PRO B 32 -8.75 -0.31 -10.34
CA PRO B 32 -9.04 0.81 -11.24
C PRO B 32 -8.74 0.49 -12.72
N ASN B 33 -9.09 1.43 -13.60
CA ASN B 33 -8.93 1.31 -15.05
C ASN B 33 -7.54 1.79 -15.55
N TRP B 34 -6.67 2.17 -14.63
CA TRP B 34 -5.34 2.73 -14.92
C TRP B 34 -4.22 2.11 -14.04
N PRO B 35 -2.96 2.11 -14.52
CA PRO B 35 -1.82 1.56 -13.78
C PRO B 35 -1.42 2.45 -12.58
N ALA B 36 -0.83 1.83 -11.57
CA ALA B 36 -0.42 2.49 -10.33
C ALA B 36 0.73 3.51 -10.54
N PRO B 37 0.70 4.66 -9.84
CA PRO B 37 1.75 5.68 -9.91
C PRO B 37 3.05 5.26 -9.19
N THR B 38 4.06 6.12 -9.27
CA THR B 38 5.43 5.87 -8.78
C THR B 38 5.98 7.03 -7.92
N PRO B 39 6.93 6.76 -6.99
CA PRO B 39 7.57 7.79 -6.17
C PRO B 39 8.49 8.70 -7.01
N PRO B 40 8.89 9.89 -6.49
CA PRO B 40 9.77 10.82 -7.20
C PRO B 40 11.18 10.25 -7.41
N VAL B 41 11.80 10.59 -8.54
CA VAL B 41 13.17 10.17 -8.91
C VAL B 41 14.23 10.95 -8.13
N GLN B 42 13.98 12.25 -7.90
CA GLN B 42 14.84 13.14 -7.11
C GLN B 42 14.85 12.79 -5.61
N ASN B 43 15.96 13.10 -4.93
CA ASN B 43 16.12 12.97 -3.46
C ASN B 43 15.41 14.11 -2.70
N GLY A 1 -0.08 -21.84 19.39
CA GLY A 1 -0.17 -21.30 18.03
C GLY A 1 1.17 -20.78 17.55
N SER A 2 1.25 -19.49 17.20
CA SER A 2 2.47 -18.80 16.73
C SER A 2 2.47 -17.29 17.04
N HIS A 3 3.64 -16.66 16.91
CA HIS A 3 3.88 -15.23 17.15
C HIS A 3 4.80 -14.62 16.08
N MET A 4 4.80 -13.29 15.96
CA MET A 4 5.60 -12.51 15.00
C MET A 4 5.42 -12.95 13.52
N LYS A 5 4.20 -13.38 13.16
CA LYS A 5 3.84 -14.03 11.88
C LYS A 5 2.92 -13.17 10.98
N LYS A 6 2.97 -11.86 11.15
CA LYS A 6 2.19 -10.86 10.37
C LYS A 6 3.14 -10.06 9.49
N GLN A 7 3.20 -10.37 8.19
CA GLN A 7 4.01 -9.61 7.22
C GLN A 7 3.47 -8.18 7.05
N LYS A 8 4.41 -7.23 7.04
CA LYS A 8 4.15 -5.81 6.79
C LYS A 8 5.12 -5.25 5.76
N VAL A 9 4.80 -4.04 5.31
CA VAL A 9 5.61 -3.18 4.47
C VAL A 9 5.65 -1.77 5.06
N LYS A 10 6.65 -1.00 4.65
CA LYS A 10 6.89 0.38 5.10
C LYS A 10 6.90 1.32 3.91
N THR A 11 6.18 2.42 4.04
CA THR A 11 6.01 3.44 2.99
C THR A 11 7.24 4.35 2.92
N ILE A 12 7.51 4.92 1.74
CA ILE A 12 8.69 5.80 1.50
C ILE A 12 8.34 7.22 1.02
N PHE A 13 7.07 7.48 0.68
CA PHE A 13 6.49 8.82 0.42
C PHE A 13 4.98 8.82 0.71
N PRO A 14 4.34 9.98 0.96
CA PRO A 14 2.90 10.08 1.21
C PRO A 14 2.05 9.77 -0.03
N HIS A 15 0.78 9.37 0.19
CA HIS A 15 -0.21 9.06 -0.85
C HIS A 15 -1.60 9.60 -0.48
N THR A 16 -2.36 10.06 -1.49
CA THR A 16 -3.67 10.73 -1.35
C THR A 16 -4.62 10.28 -2.47
N ALA A 17 -5.89 10.02 -2.15
CA ALA A 17 -6.88 9.45 -3.07
C ALA A 17 -7.29 10.38 -4.24
N GLY A 18 -7.32 11.71 -4.02
CA GLY A 18 -7.49 12.73 -5.07
C GLY A 18 -8.70 12.52 -5.99
N SER A 19 -9.92 12.56 -5.41
CA SER A 19 -11.20 12.28 -6.08
C SER A 19 -11.42 10.78 -6.32
N ASN A 20 -11.18 9.97 -5.28
CA ASN A 20 -11.47 8.53 -5.24
C ASN A 20 -11.93 8.08 -3.83
N LYS A 21 -12.40 6.83 -3.70
CA LYS A 21 -12.88 6.21 -2.44
C LYS A 21 -12.23 4.85 -2.15
N THR A 22 -11.70 4.16 -3.15
CA THR A 22 -11.07 2.83 -3.03
C THR A 22 -9.55 2.87 -2.87
N LEU A 23 -8.94 4.05 -2.71
CA LEU A 23 -7.50 4.24 -2.54
C LEU A 23 -7.13 4.46 -1.07
N LEU A 24 -6.11 3.75 -0.58
CA LEU A 24 -5.60 3.94 0.78
C LEU A 24 -4.59 5.10 0.84
N SER A 25 -4.86 6.12 1.64
CA SER A 25 -3.95 7.24 1.93
C SER A 25 -3.03 6.95 3.12
N PHE A 26 -1.85 7.59 3.12
CA PHE A 26 -0.77 7.41 4.12
C PHE A 26 0.33 8.48 4.01
N ALA A 27 1.31 8.44 4.91
CA ALA A 27 2.52 9.27 4.92
C ALA A 27 3.79 8.43 4.76
N GLN A 28 4.96 9.07 4.64
CA GLN A 28 6.27 8.41 4.67
C GLN A 28 6.53 7.75 6.04
N GLY A 29 7.14 6.56 6.05
CA GLY A 29 7.55 5.84 7.26
C GLY A 29 6.41 5.13 8.02
N ASP A 30 5.18 5.16 7.49
CA ASP A 30 4.04 4.43 8.03
C ASP A 30 4.14 2.91 7.77
N VAL A 31 3.27 2.14 8.43
CA VAL A 31 3.25 0.67 8.43
C VAL A 31 1.92 0.19 7.85
N ILE A 32 1.99 -0.74 6.88
CA ILE A 32 0.82 -1.29 6.19
C ILE A 32 0.94 -2.82 6.11
N THR A 33 -0.17 -3.51 6.33
CA THR A 33 -0.26 -4.97 6.38
C THR A 33 -0.90 -5.51 5.11
N LEU A 34 -0.36 -6.62 4.60
CA LEU A 34 -0.79 -7.19 3.30
C LEU A 34 -2.09 -7.98 3.42
N LEU A 35 -2.96 -7.89 2.40
CA LEU A 35 -4.24 -8.62 2.32
C LEU A 35 -4.32 -9.57 1.08
N ILE A 36 -3.34 -9.51 0.17
CA ILE A 36 -3.20 -10.37 -1.02
C ILE A 36 -1.72 -10.83 -1.15
N PRO A 37 -1.46 -12.10 -1.55
CA PRO A 37 -0.12 -12.63 -1.80
C PRO A 37 0.54 -12.15 -3.11
N GLU A 38 -0.14 -11.31 -3.90
CA GLU A 38 0.30 -10.73 -5.18
C GLU A 38 -0.35 -9.35 -5.44
N GLU A 39 0.04 -8.67 -6.52
CA GLU A 39 -0.49 -7.36 -6.93
C GLU A 39 -1.24 -7.39 -8.28
N LYS A 40 -2.00 -6.33 -8.55
CA LYS A 40 -2.87 -6.17 -9.74
C LYS A 40 -2.47 -4.90 -10.51
N ASP A 41 -1.82 -5.05 -11.67
CA ASP A 41 -1.38 -3.95 -12.55
C ASP A 41 -0.61 -2.80 -11.84
N GLY A 42 0.17 -3.15 -10.80
CA GLY A 42 0.96 -2.22 -9.98
C GLY A 42 0.28 -1.78 -8.67
N TRP A 43 -0.96 -2.22 -8.42
CA TRP A 43 -1.73 -1.94 -7.21
C TRP A 43 -1.69 -3.14 -6.26
N LEU A 44 -1.21 -2.92 -5.03
CA LEU A 44 -1.45 -3.80 -3.90
C LEU A 44 -2.74 -3.41 -3.17
N TYR A 45 -3.24 -4.32 -2.33
CA TYR A 45 -4.38 -4.09 -1.45
C TYR A 45 -3.97 -4.46 -0.03
N GLY A 46 -4.06 -3.49 0.87
CA GLY A 46 -3.53 -3.58 2.23
C GLY A 46 -4.36 -2.80 3.27
N GLU A 47 -3.94 -2.89 4.53
CA GLU A 47 -4.61 -2.29 5.69
C GLU A 47 -3.59 -1.50 6.55
N HIS A 48 -3.87 -0.22 6.77
CA HIS A 48 -3.01 0.69 7.55
C HIS A 48 -2.93 0.30 9.03
N ASP A 49 -1.76 0.41 9.66
CA ASP A 49 -1.61 0.09 11.08
C ASP A 49 -2.24 1.15 12.02
N VAL A 50 -2.14 2.44 11.65
CA VAL A 50 -2.57 3.57 12.51
C VAL A 50 -4.09 3.76 12.55
N SER A 51 -4.77 3.50 11.43
CA SER A 51 -6.18 3.86 11.18
C SER A 51 -7.06 2.65 10.80
N LYS A 52 -6.44 1.50 10.47
CA LYS A 52 -7.09 0.26 9.97
C LYS A 52 -7.95 0.45 8.71
N ALA A 53 -7.76 1.56 8.00
CA ALA A 53 -8.33 1.81 6.68
C ALA A 53 -7.74 0.86 5.63
N ARG A 54 -8.56 0.50 4.65
CA ARG A 54 -8.21 -0.41 3.54
C ARG A 54 -8.41 0.27 2.18
N GLY A 55 -7.71 -0.24 1.18
CA GLY A 55 -7.85 0.19 -0.22
C GLY A 55 -6.69 -0.27 -1.10
N TRP A 56 -6.86 -0.10 -2.41
CA TRP A 56 -5.78 -0.23 -3.37
C TRP A 56 -4.72 0.87 -3.16
N PHE A 57 -3.45 0.56 -3.38
CA PHE A 57 -2.34 1.52 -3.33
C PHE A 57 -1.17 1.08 -4.22
N PRO A 58 -0.34 2.01 -4.73
CA PRO A 58 0.80 1.67 -5.57
C PRO A 58 1.84 0.83 -4.81
N SER A 59 2.15 -0.38 -5.29
CA SER A 59 3.15 -1.26 -4.66
C SER A 59 4.57 -0.68 -4.69
N SER A 60 4.81 0.31 -5.55
CA SER A 60 6.05 1.09 -5.67
C SER A 60 6.26 2.12 -4.53
N TYR A 61 5.20 2.53 -3.83
CA TYR A 61 5.24 3.50 -2.71
C TYR A 61 5.69 2.89 -1.38
N THR A 62 5.95 1.58 -1.36
CA THR A 62 6.49 0.80 -0.24
C THR A 62 7.69 -0.05 -0.68
N LYS A 63 8.45 -0.58 0.29
CA LYS A 63 9.60 -1.48 0.04
C LYS A 63 9.44 -2.77 0.85
N LEU A 64 9.97 -2.83 2.08
CA LEU A 64 9.80 -3.92 3.05
C LEU A 64 10.16 -3.42 4.45
N LEU A 65 9.37 -3.75 5.48
CA LEU A 65 9.59 -3.27 6.85
C LEU A 65 10.87 -3.79 7.51
N GLU A 66 10.98 -5.10 7.49
CA GLU A 66 12.04 -5.88 8.16
C GLU A 66 12.37 -7.19 7.42
N GLU A 67 13.58 -7.25 6.85
CA GLU A 67 14.13 -8.40 6.10
C GLU A 67 14.35 -9.65 6.96
N HIS B 27 -14.79 -9.23 0.81
CA HIS B 27 -14.64 -9.22 -0.67
C HIS B 27 -13.79 -8.01 -1.11
N ILE B 28 -12.72 -8.27 -1.88
CA ILE B 28 -11.81 -7.23 -2.42
C ILE B 28 -12.55 -6.37 -3.46
N PRO B 29 -12.49 -5.03 -3.39
CA PRO B 29 -13.15 -4.13 -4.34
C PRO B 29 -12.47 -4.16 -5.73
N PRO B 30 -13.14 -3.73 -6.81
CA PRO B 30 -12.56 -3.72 -8.15
C PRO B 30 -11.37 -2.76 -8.25
N ALA B 31 -10.37 -3.15 -9.06
CA ALA B 31 -9.24 -2.31 -9.40
C ALA B 31 -9.61 -1.17 -10.37
N PRO B 32 -8.84 -0.06 -10.42
CA PRO B 32 -9.06 1.04 -11.37
C PRO B 32 -8.77 0.65 -12.83
N ASN B 33 -9.08 1.58 -13.74
CA ASN B 33 -8.91 1.40 -15.19
C ASN B 33 -7.51 1.77 -15.68
N TRP B 34 -6.62 2.18 -14.76
CA TRP B 34 -5.27 2.68 -15.07
C TRP B 34 -4.18 2.05 -14.17
N PRO B 35 -2.92 1.98 -14.65
CA PRO B 35 -1.79 1.46 -13.87
C PRO B 35 -1.37 2.41 -12.74
N ALA B 36 -0.79 1.85 -11.69
CA ALA B 36 -0.39 2.60 -10.49
C ALA B 36 0.78 3.57 -10.74
N PRO B 37 0.84 4.70 -10.01
CA PRO B 37 1.94 5.67 -10.08
C PRO B 37 3.24 5.15 -9.43
N THR B 38 4.26 6.00 -9.39
CA THR B 38 5.60 5.70 -8.82
C THR B 38 6.15 6.87 -7.97
N PRO B 39 7.03 6.60 -6.99
CA PRO B 39 7.70 7.63 -6.19
C PRO B 39 8.70 8.45 -7.05
N PRO B 40 9.17 9.62 -6.55
CA PRO B 40 10.17 10.45 -7.25
C PRO B 40 11.52 9.74 -7.44
N VAL B 41 12.30 10.24 -8.41
CA VAL B 41 13.55 9.64 -8.93
C VAL B 41 14.61 10.76 -9.11
N GLN B 42 14.77 11.56 -8.06
CA GLN B 42 15.68 12.71 -7.96
C GLN B 42 16.60 12.60 -6.72
N ASN B 43 17.59 13.48 -6.64
CA ASN B 43 18.66 13.50 -5.61
C ASN B 43 19.02 14.93 -5.15
N GLY A 1 12.57 -14.94 14.57
CA GLY A 1 12.01 -14.23 13.41
C GLY A 1 10.65 -13.64 13.73
N SER A 2 9.57 -14.31 13.32
CA SER A 2 8.17 -13.95 13.62
C SER A 2 7.31 -15.21 13.79
N HIS A 3 6.55 -15.30 14.89
CA HIS A 3 5.77 -16.48 15.26
C HIS A 3 4.53 -16.70 14.38
N MET A 4 3.84 -15.63 13.97
CA MET A 4 2.61 -15.68 13.17
C MET A 4 2.90 -15.44 11.68
N LYS A 5 2.16 -16.16 10.81
CA LYS A 5 2.19 -15.97 9.34
C LYS A 5 1.45 -14.69 8.93
N LYS A 6 2.21 -13.62 8.76
CA LYS A 6 1.78 -12.31 8.22
C LYS A 6 2.96 -11.64 7.49
N GLN A 7 2.68 -10.61 6.68
CA GLN A 7 3.70 -9.78 6.04
C GLN A 7 3.30 -8.30 6.08
N LYS A 8 4.30 -7.45 6.33
CA LYS A 8 4.19 -5.99 6.31
C LYS A 8 5.12 -5.37 5.29
N VAL A 9 4.81 -4.12 4.97
CA VAL A 9 5.59 -3.20 4.15
C VAL A 9 5.62 -1.83 4.84
N LYS A 10 6.65 -1.04 4.51
CA LYS A 10 6.83 0.32 5.05
C LYS A 10 6.82 1.33 3.91
N THR A 11 6.04 2.39 4.10
CA THR A 11 5.86 3.46 3.11
C THR A 11 7.08 4.39 3.06
N ILE A 12 7.35 4.98 1.89
CA ILE A 12 8.53 5.83 1.65
C ILE A 12 8.20 7.24 1.13
N PHE A 13 6.94 7.52 0.79
CA PHE A 13 6.37 8.85 0.48
C PHE A 13 4.85 8.85 0.76
N PRO A 14 4.22 10.02 1.00
CA PRO A 14 2.76 10.10 1.21
C PRO A 14 1.97 9.80 -0.07
N HIS A 15 0.70 9.42 0.09
CA HIS A 15 -0.22 9.07 -1.02
C HIS A 15 -1.56 9.83 -0.92
N THR A 16 -2.30 9.89 -2.03
CA THR A 16 -3.46 10.79 -2.23
C THR A 16 -4.66 10.03 -2.82
N ALA A 17 -5.87 10.38 -2.35
CA ALA A 17 -7.13 9.73 -2.68
C ALA A 17 -8.28 10.76 -2.88
N GLY A 18 -7.96 11.98 -3.34
CA GLY A 18 -8.92 13.10 -3.45
C GLY A 18 -9.93 13.01 -4.60
N SER A 19 -9.55 12.36 -5.71
CA SER A 19 -10.38 12.20 -6.92
C SER A 19 -11.02 10.80 -7.04
N ASN A 20 -10.87 9.95 -6.01
CA ASN A 20 -11.28 8.54 -6.00
C ASN A 20 -11.84 8.13 -4.61
N LYS A 21 -12.38 6.90 -4.51
CA LYS A 21 -13.11 6.38 -3.33
C LYS A 21 -12.72 4.97 -2.88
N THR A 22 -11.65 4.41 -3.46
CA THR A 22 -11.15 3.03 -3.21
C THR A 22 -9.63 2.97 -3.01
N LEU A 23 -9.00 4.12 -2.71
CA LEU A 23 -7.55 4.27 -2.54
C LEU A 23 -7.19 4.54 -1.07
N LEU A 24 -6.16 3.85 -0.56
CA LEU A 24 -5.66 4.03 0.81
C LEU A 24 -4.69 5.22 0.89
N SER A 25 -4.95 6.17 1.80
CA SER A 25 -4.05 7.30 2.11
C SER A 25 -3.08 6.96 3.26
N PHE A 26 -1.87 7.53 3.20
CA PHE A 26 -0.79 7.35 4.19
C PHE A 26 0.29 8.44 4.08
N ALA A 27 1.29 8.38 4.96
CA ALA A 27 2.45 9.28 5.03
C ALA A 27 3.76 8.51 5.18
N GLN A 28 4.88 9.10 4.73
CA GLN A 28 6.21 8.47 4.79
C GLN A 28 6.56 7.94 6.19
N GLY A 29 7.02 6.69 6.26
CA GLY A 29 7.42 6.01 7.50
C GLY A 29 6.31 5.15 8.13
N ASP A 30 5.06 5.31 7.71
CA ASP A 30 3.93 4.48 8.15
C ASP A 30 4.04 3.04 7.63
N VAL A 31 3.40 2.11 8.34
CA VAL A 31 3.42 0.67 8.11
C VAL A 31 2.05 0.18 7.63
N ILE A 32 2.05 -0.78 6.70
CA ILE A 32 0.85 -1.35 6.09
C ILE A 32 1.00 -2.87 6.00
N THR A 33 -0.06 -3.60 6.29
CA THR A 33 -0.12 -5.07 6.27
C THR A 33 -0.81 -5.56 5.01
N LEU A 34 -0.27 -6.59 4.37
CA LEU A 34 -0.78 -7.10 3.10
C LEU A 34 -2.05 -7.94 3.28
N LEU A 35 -2.98 -7.84 2.33
CA LEU A 35 -4.27 -8.57 2.32
C LEU A 35 -4.41 -9.54 1.12
N ILE A 36 -3.47 -9.51 0.16
CA ILE A 36 -3.39 -10.39 -1.02
C ILE A 36 -1.96 -10.96 -1.13
N PRO A 37 -1.80 -12.25 -1.51
CA PRO A 37 -0.49 -12.89 -1.72
C PRO A 37 0.26 -12.42 -2.98
N GLU A 38 -0.37 -11.63 -3.86
CA GLU A 38 0.23 -11.01 -5.05
C GLU A 38 -0.47 -9.69 -5.44
N GLU A 39 0.24 -8.77 -6.09
CA GLU A 39 -0.29 -7.50 -6.61
C GLU A 39 -1.11 -7.65 -7.91
N LYS A 40 -1.79 -6.57 -8.33
CA LYS A 40 -2.64 -6.49 -9.52
C LYS A 40 -2.26 -5.26 -10.37
N ASP A 41 -1.60 -5.48 -11.50
CA ASP A 41 -1.14 -4.43 -12.43
C ASP A 41 -0.36 -3.26 -11.77
N GLY A 42 0.39 -3.56 -10.70
CA GLY A 42 1.18 -2.61 -9.92
C GLY A 42 0.50 -2.15 -8.62
N TRP A 43 -0.80 -2.37 -8.45
CA TRP A 43 -1.55 -2.04 -7.25
C TRP A 43 -1.53 -3.18 -6.23
N LEU A 44 -1.27 -2.86 -4.96
CA LEU A 44 -1.49 -3.75 -3.81
C LEU A 44 -2.78 -3.35 -3.09
N TYR A 45 -3.29 -4.27 -2.28
CA TYR A 45 -4.42 -4.06 -1.37
C TYR A 45 -3.96 -4.43 0.04
N GLY A 46 -4.08 -3.47 0.95
CA GLY A 46 -3.51 -3.55 2.30
C GLY A 46 -4.31 -2.81 3.35
N GLU A 47 -3.89 -2.94 4.60
CA GLU A 47 -4.51 -2.33 5.78
C GLU A 47 -3.49 -1.54 6.60
N HIS A 48 -3.77 -0.24 6.80
CA HIS A 48 -2.92 0.69 7.53
C HIS A 48 -2.75 0.30 9.01
N ASP A 49 -1.61 0.61 9.63
CA ASP A 49 -1.39 0.29 11.04
C ASP A 49 -1.87 1.38 12.02
N VAL A 50 -1.95 2.65 11.57
CA VAL A 50 -2.38 3.78 12.43
C VAL A 50 -3.91 3.87 12.57
N SER A 51 -4.63 3.52 11.50
CA SER A 51 -6.08 3.76 11.37
C SER A 51 -6.87 2.50 10.96
N LYS A 52 -6.19 1.41 10.57
CA LYS A 52 -6.77 0.16 10.04
C LYS A 52 -7.74 0.37 8.86
N ALA A 53 -7.56 1.48 8.14
CA ALA A 53 -8.19 1.75 6.85
C ALA A 53 -7.64 0.82 5.77
N ARG A 54 -8.50 0.45 4.81
CA ARG A 54 -8.19 -0.41 3.67
C ARG A 54 -8.42 0.32 2.33
N GLY A 55 -7.74 -0.17 1.29
CA GLY A 55 -7.89 0.30 -0.09
C GLY A 55 -6.76 -0.17 -1.00
N TRP A 56 -6.93 0.02 -2.30
CA TRP A 56 -5.84 -0.16 -3.27
C TRP A 56 -4.79 0.95 -3.10
N PHE A 57 -3.51 0.64 -3.38
CA PHE A 57 -2.41 1.61 -3.38
C PHE A 57 -1.26 1.16 -4.27
N PRO A 58 -0.41 2.08 -4.76
CA PRO A 58 0.74 1.74 -5.59
C PRO A 58 1.79 0.94 -4.80
N SER A 59 2.11 -0.27 -5.28
CA SER A 59 3.15 -1.12 -4.66
C SER A 59 4.56 -0.49 -4.65
N SER A 60 4.81 0.48 -5.54
CA SER A 60 6.07 1.25 -5.59
C SER A 60 6.20 2.31 -4.48
N TYR A 61 5.11 2.71 -3.82
CA TYR A 61 5.09 3.68 -2.71
C TYR A 61 5.48 3.06 -1.35
N THR A 62 5.76 1.76 -1.33
CA THR A 62 6.24 0.99 -0.18
C THR A 62 7.45 0.13 -0.54
N LYS A 63 8.13 -0.37 0.51
CA LYS A 63 9.26 -1.30 0.43
C LYS A 63 9.09 -2.40 1.49
N LEU A 64 9.76 -3.54 1.29
CA LEU A 64 9.79 -4.64 2.27
C LEU A 64 10.35 -4.12 3.61
N LEU A 65 9.60 -4.30 4.70
CA LEU A 65 9.91 -3.72 6.03
C LEU A 65 11.31 -4.06 6.56
N GLU A 66 11.61 -5.32 6.41
CA GLU A 66 12.83 -6.01 6.85
C GLU A 66 14.04 -5.64 5.96
N GLU A 67 14.89 -4.71 6.43
CA GLU A 67 16.12 -4.25 5.76
C GLU A 67 17.12 -5.40 5.44
N HIS B 27 -14.71 -8.97 1.10
CA HIS B 27 -14.57 -8.96 -0.38
C HIS B 27 -13.75 -7.75 -0.85
N ILE B 28 -12.70 -7.99 -1.64
CA ILE B 28 -11.80 -6.95 -2.20
C ILE B 28 -12.57 -6.12 -3.24
N PRO B 29 -12.51 -4.77 -3.20
CA PRO B 29 -13.15 -3.89 -4.19
C PRO B 29 -12.47 -3.96 -5.57
N PRO B 30 -13.13 -3.54 -6.66
CA PRO B 30 -12.53 -3.58 -8.00
C PRO B 30 -11.32 -2.67 -8.14
N ALA B 31 -10.33 -3.12 -8.92
CA ALA B 31 -9.16 -2.32 -9.30
C ALA B 31 -9.53 -1.21 -10.32
N PRO B 32 -8.74 -0.12 -10.40
CA PRO B 32 -8.94 0.95 -11.38
C PRO B 32 -8.65 0.53 -12.83
N ASN B 33 -8.93 1.42 -13.77
CA ASN B 33 -8.76 1.22 -15.21
C ASN B 33 -7.36 1.64 -15.71
N TRP B 34 -6.47 2.04 -14.80
CA TRP B 34 -5.13 2.56 -15.10
C TRP B 34 -4.03 1.96 -14.20
N PRO B 35 -2.77 1.93 -14.67
CA PRO B 35 -1.64 1.40 -13.90
C PRO B 35 -1.23 2.32 -12.74
N ALA B 36 -0.64 1.74 -11.70
CA ALA B 36 -0.24 2.43 -10.48
C ALA B 36 0.94 3.42 -10.71
N PRO B 37 0.93 4.59 -10.04
CA PRO B 37 2.01 5.59 -10.10
C PRO B 37 3.27 5.15 -9.33
N THR B 38 4.32 5.98 -9.40
CA THR B 38 5.65 5.72 -8.81
C THR B 38 6.20 6.91 -8.00
N PRO B 39 7.08 6.66 -7.01
CA PRO B 39 7.72 7.71 -6.20
C PRO B 39 8.74 8.55 -7.03
N PRO B 40 9.13 9.74 -6.55
CA PRO B 40 10.10 10.61 -7.24
C PRO B 40 11.51 10.00 -7.32
N VAL B 41 12.26 10.41 -8.35
CA VAL B 41 13.63 9.94 -8.65
C VAL B 41 14.72 10.80 -7.94
N GLN B 42 14.34 12.01 -7.49
CA GLN B 42 15.23 12.93 -6.77
C GLN B 42 15.75 12.36 -5.42
N ASN B 43 16.83 12.98 -4.89
CA ASN B 43 17.57 12.55 -3.70
C ASN B 43 17.85 13.71 -2.74
N GLY A 1 8.50 -16.65 21.88
CA GLY A 1 7.09 -16.72 21.42
C GLY A 1 6.98 -16.73 19.90
N SER A 2 5.75 -16.71 19.37
CA SER A 2 5.47 -16.60 17.93
C SER A 2 5.89 -15.23 17.35
N HIS A 3 6.32 -15.24 16.09
CA HIS A 3 6.71 -14.05 15.31
C HIS A 3 6.60 -14.27 13.79
N MET A 4 6.74 -13.19 13.00
CA MET A 4 6.71 -13.18 11.52
C MET A 4 5.42 -13.77 10.89
N LYS A 5 4.31 -13.79 11.64
CA LYS A 5 3.04 -14.44 11.25
C LYS A 5 2.27 -13.75 10.12
N LYS A 6 2.49 -12.44 9.91
CA LYS A 6 1.91 -11.63 8.82
C LYS A 6 3.00 -10.79 8.16
N GLN A 7 2.99 -10.70 6.83
CA GLN A 7 3.89 -9.80 6.10
C GLN A 7 3.43 -8.34 6.22
N LYS A 8 4.41 -7.46 6.42
CA LYS A 8 4.27 -6.01 6.49
C LYS A 8 5.15 -5.33 5.45
N VAL A 9 4.83 -4.07 5.18
CA VAL A 9 5.60 -3.14 4.35
C VAL A 9 5.66 -1.77 5.04
N LYS A 10 6.71 -1.01 4.73
CA LYS A 10 6.87 0.37 5.19
C LYS A 10 6.85 1.34 4.01
N THR A 11 6.08 2.42 4.14
CA THR A 11 5.92 3.46 3.12
C THR A 11 7.18 4.32 3.02
N ILE A 12 7.43 4.89 1.83
CA ILE A 12 8.63 5.73 1.57
C ILE A 12 8.31 7.16 1.09
N PHE A 13 7.05 7.47 0.81
CA PHE A 13 6.50 8.81 0.55
C PHE A 13 4.98 8.84 0.87
N PRO A 14 4.37 10.01 1.14
CA PRO A 14 2.92 10.12 1.40
C PRO A 14 2.07 9.83 0.15
N HIS A 15 0.80 9.46 0.35
CA HIS A 15 -0.16 9.13 -0.71
C HIS A 15 -1.55 9.70 -0.40
N THR A 16 -2.29 10.11 -1.45
CA THR A 16 -3.58 10.83 -1.37
C THR A 16 -4.55 10.37 -2.47
N ALA A 17 -5.74 9.91 -2.07
CA ALA A 17 -6.91 9.71 -2.95
C ALA A 17 -7.34 11.05 -3.63
N GLY A 18 -7.23 11.15 -4.96
CA GLY A 18 -7.36 12.42 -5.69
C GLY A 18 -8.61 12.56 -6.57
N SER A 19 -8.99 11.50 -7.29
CA SER A 19 -10.16 11.42 -8.19
C SER A 19 -10.89 10.09 -8.01
N ASN A 20 -10.89 9.58 -6.77
CA ASN A 20 -11.27 8.21 -6.41
C ASN A 20 -11.87 8.12 -4.99
N LYS A 21 -12.23 6.90 -4.56
CA LYS A 21 -12.68 6.58 -3.19
C LYS A 21 -11.99 5.35 -2.59
N THR A 22 -11.60 4.37 -3.41
CA THR A 22 -11.03 3.08 -2.96
C THR A 22 -9.49 3.10 -2.81
N LEU A 23 -8.89 4.28 -2.61
CA LEU A 23 -7.45 4.47 -2.43
C LEU A 23 -7.10 4.66 -0.95
N LEU A 24 -6.15 3.88 -0.44
CA LEU A 24 -5.61 4.04 0.91
C LEU A 24 -4.61 5.21 0.96
N SER A 25 -4.89 6.21 1.80
CA SER A 25 -3.99 7.37 2.04
C SER A 25 -3.09 7.13 3.27
N PHE A 26 -1.86 7.67 3.23
CA PHE A 26 -0.82 7.47 4.25
C PHE A 26 0.31 8.53 4.16
N ALA A 27 1.28 8.47 5.07
CA ALA A 27 2.49 9.30 5.09
C ALA A 27 3.76 8.44 4.93
N GLN A 28 4.93 9.07 4.81
CA GLN A 28 6.25 8.40 4.83
C GLN A 28 6.53 7.76 6.20
N GLY A 29 7.16 6.57 6.22
CA GLY A 29 7.55 5.87 7.46
C GLY A 29 6.38 5.20 8.21
N ASP A 30 5.19 5.13 7.61
CA ASP A 30 4.04 4.41 8.14
C ASP A 30 4.12 2.90 7.81
N VAL A 31 3.34 2.10 8.53
CA VAL A 31 3.36 0.63 8.46
C VAL A 31 2.01 0.13 7.93
N ILE A 32 2.03 -0.82 6.99
CA ILE A 32 0.85 -1.38 6.32
C ILE A 32 0.99 -2.90 6.20
N THR A 33 -0.08 -3.64 6.50
CA THR A 33 -0.14 -5.10 6.33
C THR A 33 -0.73 -5.45 4.97
N LEU A 34 -0.21 -6.50 4.32
CA LEU A 34 -0.70 -6.96 3.02
C LEU A 34 -1.94 -7.86 3.17
N LEU A 35 -2.90 -7.76 2.24
CA LEU A 35 -4.16 -8.53 2.23
C LEU A 35 -4.26 -9.49 1.02
N ILE A 36 -3.28 -9.46 0.10
CA ILE A 36 -3.16 -10.33 -1.10
C ILE A 36 -1.71 -10.83 -1.22
N PRO A 37 -1.49 -12.10 -1.64
CA PRO A 37 -0.16 -12.67 -1.87
C PRO A 37 0.56 -12.14 -3.13
N GLU A 38 -0.11 -11.35 -3.99
CA GLU A 38 0.45 -10.67 -5.16
C GLU A 38 -0.31 -9.36 -5.50
N GLU A 39 0.32 -8.45 -6.25
CA GLU A 39 -0.31 -7.19 -6.69
C GLU A 39 -1.14 -7.35 -7.98
N LYS A 40 -1.91 -6.31 -8.34
CA LYS A 40 -2.82 -6.24 -9.51
C LYS A 40 -2.49 -4.99 -10.34
N ASP A 41 -1.86 -5.19 -11.49
CA ASP A 41 -1.47 -4.11 -12.43
C ASP A 41 -0.69 -2.94 -11.78
N GLY A 42 0.09 -3.23 -10.73
CA GLY A 42 0.87 -2.25 -9.94
C GLY A 42 0.24 -1.85 -8.61
N TRP A 43 -1.04 -2.21 -8.39
CA TRP A 43 -1.78 -1.90 -7.16
C TRP A 43 -1.72 -3.05 -6.17
N LEU A 44 -1.31 -2.77 -4.94
CA LEU A 44 -1.52 -3.66 -3.79
C LEU A 44 -2.78 -3.26 -3.02
N TYR A 45 -3.27 -4.21 -2.23
CA TYR A 45 -4.40 -4.03 -1.32
C TYR A 45 -3.93 -4.40 0.09
N GLY A 46 -4.06 -3.44 1.00
CA GLY A 46 -3.51 -3.54 2.34
C GLY A 46 -4.34 -2.83 3.42
N GLU A 47 -3.90 -2.97 4.68
CA GLU A 47 -4.55 -2.41 5.86
C GLU A 47 -3.54 -1.63 6.71
N HIS A 48 -3.81 -0.34 6.92
CA HIS A 48 -2.93 0.58 7.66
C HIS A 48 -2.82 0.20 9.15
N ASP A 49 -1.63 0.32 9.76
CA ASP A 49 -1.44 -0.06 11.18
C ASP A 49 -2.05 0.97 12.17
N VAL A 50 -2.08 2.26 11.79
CA VAL A 50 -2.54 3.37 12.67
C VAL A 50 -4.07 3.51 12.73
N SER A 51 -4.76 3.30 11.60
CA SER A 51 -6.20 3.57 11.43
C SER A 51 -7.01 2.36 10.96
N LYS A 52 -6.34 1.26 10.57
CA LYS A 52 -6.93 0.02 10.03
C LYS A 52 -7.86 0.25 8.83
N ALA A 53 -7.65 1.36 8.13
CA ALA A 53 -8.26 1.65 6.84
C ALA A 53 -7.70 0.73 5.75
N ARG A 54 -8.53 0.46 4.73
CA ARG A 54 -8.24 -0.44 3.60
C ARG A 54 -8.45 0.28 2.27
N GLY A 55 -7.81 -0.22 1.24
CA GLY A 55 -7.95 0.24 -0.15
C GLY A 55 -6.77 -0.19 -1.02
N TRP A 56 -6.94 0.00 -2.33
CA TRP A 56 -5.83 -0.11 -3.29
C TRP A 56 -4.80 1.01 -3.06
N PHE A 57 -3.53 0.73 -3.32
CA PHE A 57 -2.46 1.73 -3.32
C PHE A 57 -1.30 1.27 -4.23
N PRO A 58 -0.48 2.19 -4.77
CA PRO A 58 0.66 1.84 -5.60
C PRO A 58 1.69 1.04 -4.79
N SER A 59 2.02 -0.18 -5.24
CA SER A 59 3.01 -1.02 -4.56
C SER A 59 4.35 -0.31 -4.37
N SER A 60 4.79 0.43 -5.40
CA SER A 60 6.06 1.18 -5.46
C SER A 60 6.20 2.28 -4.40
N TYR A 61 5.08 2.80 -3.85
CA TYR A 61 5.07 3.75 -2.72
C TYR A 61 5.44 3.11 -1.37
N THR A 62 5.66 1.79 -1.35
CA THR A 62 6.09 1.01 -0.18
C THR A 62 7.28 0.12 -0.53
N LYS A 63 8.04 -0.27 0.49
CA LYS A 63 9.15 -1.23 0.40
C LYS A 63 8.98 -2.34 1.42
N LEU A 64 9.70 -3.43 1.18
CA LEU A 64 9.76 -4.56 2.11
C LEU A 64 10.40 -4.07 3.42
N LEU A 65 9.70 -4.26 4.54
CA LEU A 65 10.09 -3.82 5.88
C LEU A 65 11.53 -4.19 6.24
N GLU A 66 11.71 -5.48 6.18
CA GLU A 66 12.91 -6.26 6.50
C GLU A 66 14.04 -6.07 5.45
N GLU A 67 14.74 -4.91 5.54
CA GLU A 67 15.81 -4.40 4.64
C GLU A 67 15.35 -4.04 3.21
N HIS B 27 -14.75 -9.09 1.08
CA HIS B 27 -14.35 -9.20 -0.34
C HIS B 27 -13.56 -7.98 -0.79
N ILE B 28 -12.51 -8.18 -1.60
CA ILE B 28 -11.65 -7.12 -2.16
C ILE B 28 -12.45 -6.26 -3.17
N PRO B 29 -12.39 -4.91 -3.08
CA PRO B 29 -13.07 -4.01 -4.02
C PRO B 29 -12.44 -4.05 -5.43
N PRO B 30 -13.15 -3.62 -6.48
CA PRO B 30 -12.62 -3.64 -7.85
C PRO B 30 -11.40 -2.71 -8.02
N ALA B 31 -10.43 -3.15 -8.82
CA ALA B 31 -9.29 -2.35 -9.21
C ALA B 31 -9.68 -1.23 -10.22
N PRO B 32 -8.93 -0.10 -10.28
CA PRO B 32 -9.18 0.99 -11.22
C PRO B 32 -8.90 0.60 -12.69
N ASN B 33 -9.23 1.53 -13.60
CA ASN B 33 -9.08 1.35 -15.04
C ASN B 33 -7.69 1.76 -15.56
N TRP B 34 -6.79 2.18 -14.65
CA TRP B 34 -5.45 2.69 -14.98
C TRP B 34 -4.35 2.08 -14.08
N PRO B 35 -3.09 2.02 -14.56
CA PRO B 35 -1.96 1.50 -13.80
C PRO B 35 -1.52 2.44 -12.66
N ALA B 36 -0.93 1.84 -11.62
CA ALA B 36 -0.52 2.57 -10.41
C ALA B 36 0.68 3.52 -10.64
N PRO B 37 0.71 4.69 -9.97
CA PRO B 37 1.82 5.65 -10.05
C PRO B 37 3.08 5.19 -9.29
N THR B 38 4.13 6.01 -9.33
CA THR B 38 5.47 5.71 -8.77
C THR B 38 6.03 6.88 -7.94
N PRO B 39 6.94 6.62 -6.97
CA PRO B 39 7.61 7.67 -6.17
C PRO B 39 8.58 8.51 -7.02
N PRO B 40 8.99 9.70 -6.54
CA PRO B 40 9.95 10.57 -7.24
C PRO B 40 11.36 9.95 -7.32
N VAL B 41 12.09 10.29 -8.39
CA VAL B 41 13.46 9.81 -8.66
C VAL B 41 14.50 10.51 -7.77
N GLN B 42 14.28 11.80 -7.48
CA GLN B 42 15.17 12.66 -6.68
C GLN B 42 14.41 13.80 -5.98
N ASN B 43 15.08 14.52 -5.07
CA ASN B 43 14.50 15.60 -4.24
C ASN B 43 14.62 17.00 -4.87
N GLY A 1 3.58 -13.41 19.96
CA GLY A 1 3.63 -14.22 18.73
C GLY A 1 4.91 -13.96 17.94
N SER A 2 4.79 -13.83 16.61
CA SER A 2 5.91 -13.49 15.70
C SER A 2 5.44 -12.75 14.45
N HIS A 3 6.40 -12.23 13.66
CA HIS A 3 6.18 -11.44 12.45
C HIS A 3 6.30 -12.26 11.14
N MET A 4 6.60 -13.56 11.21
CA MET A 4 6.86 -14.42 10.04
C MET A 4 5.60 -14.75 9.22
N LYS A 5 4.48 -15.08 9.89
CA LYS A 5 3.21 -15.45 9.24
C LYS A 5 2.46 -14.26 8.62
N LYS A 6 2.57 -13.08 9.23
CA LYS A 6 1.83 -11.84 8.89
C LYS A 6 2.77 -10.68 8.56
N GLN A 7 3.35 -10.75 7.35
CA GLN A 7 4.17 -9.73 6.68
C GLN A 7 3.60 -8.30 6.82
N LYS A 8 4.53 -7.35 6.90
CA LYS A 8 4.30 -5.91 6.74
C LYS A 8 5.19 -5.32 5.65
N VAL A 9 4.80 -4.13 5.24
CA VAL A 9 5.56 -3.22 4.38
C VAL A 9 5.62 -1.84 5.03
N LYS A 10 6.61 -1.06 4.63
CA LYS A 10 6.91 0.26 5.19
C LYS A 10 6.92 1.29 4.08
N THR A 11 6.13 2.34 4.23
CA THR A 11 5.94 3.38 3.22
C THR A 11 7.19 4.26 3.10
N ILE A 12 7.39 4.86 1.92
CA ILE A 12 8.58 5.69 1.64
C ILE A 12 8.25 7.12 1.18
N PHE A 13 6.97 7.44 0.95
CA PHE A 13 6.42 8.79 0.69
C PHE A 13 4.90 8.82 1.01
N PRO A 14 4.29 9.99 1.23
CA PRO A 14 2.84 10.11 1.45
C PRO A 14 1.99 9.82 0.20
N HIS A 15 0.72 9.45 0.40
CA HIS A 15 -0.25 9.13 -0.67
C HIS A 15 -1.67 9.57 -0.31
N THR A 16 -2.50 9.86 -1.31
CA THR A 16 -3.89 10.35 -1.15
C THR A 16 -4.81 9.96 -2.32
N ALA A 17 -6.11 9.90 -2.07
CA ALA A 17 -7.18 9.57 -3.02
C ALA A 17 -7.63 10.81 -3.84
N GLY A 18 -6.75 11.30 -4.74
CA GLY A 18 -6.91 12.56 -5.48
C GLY A 18 -8.22 12.73 -6.27
N SER A 19 -8.81 11.64 -6.78
CA SER A 19 -10.08 11.63 -7.52
C SER A 19 -10.81 10.28 -7.41
N ASN A 20 -10.84 9.70 -6.20
CA ASN A 20 -11.20 8.29 -5.97
C ASN A 20 -11.93 8.03 -4.62
N LYS A 21 -12.35 6.77 -4.43
CA LYS A 21 -13.08 6.24 -3.25
C LYS A 21 -12.50 4.96 -2.63
N THR A 22 -11.52 4.31 -3.30
CA THR A 22 -10.96 2.99 -2.94
C THR A 22 -9.43 3.00 -2.81
N LEU A 23 -8.83 4.19 -2.65
CA LEU A 23 -7.38 4.37 -2.51
C LEU A 23 -7.00 4.64 -1.04
N LEU A 24 -6.05 3.87 -0.51
CA LEU A 24 -5.55 4.03 0.86
C LEU A 24 -4.57 5.22 0.96
N SER A 25 -4.78 6.12 1.92
CA SER A 25 -3.92 7.28 2.20
C SER A 25 -3.02 7.04 3.42
N PHE A 26 -1.81 7.60 3.38
CA PHE A 26 -0.73 7.42 4.37
C PHE A 26 0.37 8.50 4.25
N ALA A 27 1.38 8.44 5.12
CA ALA A 27 2.57 9.28 5.14
C ALA A 27 3.85 8.44 4.94
N GLN A 28 5.02 9.07 4.87
CA GLN A 28 6.33 8.40 4.90
C GLN A 28 6.57 7.69 6.25
N GLY A 29 7.16 6.49 6.21
CA GLY A 29 7.55 5.72 7.40
C GLY A 29 6.40 5.03 8.16
N ASP A 30 5.18 5.08 7.62
CA ASP A 30 4.02 4.34 8.10
C ASP A 30 4.13 2.83 7.80
N VAL A 31 3.22 2.06 8.40
CA VAL A 31 3.24 0.59 8.44
C VAL A 31 1.90 0.07 7.93
N ILE A 32 1.95 -0.84 6.95
CA ILE A 32 0.77 -1.41 6.28
C ILE A 32 0.93 -2.93 6.18
N THR A 33 -0.16 -3.67 6.45
CA THR A 33 -0.20 -5.13 6.44
C THR A 33 -0.87 -5.63 5.16
N LEU A 34 -0.30 -6.66 4.54
CA LEU A 34 -0.80 -7.17 3.25
C LEU A 34 -2.14 -7.94 3.38
N LEU A 35 -2.98 -7.85 2.34
CA LEU A 35 -4.28 -8.55 2.26
C LEU A 35 -4.39 -9.49 1.04
N ILE A 36 -3.43 -9.46 0.10
CA ILE A 36 -3.32 -10.34 -1.08
C ILE A 36 -1.88 -10.87 -1.21
N PRO A 37 -1.69 -12.15 -1.60
CA PRO A 37 -0.37 -12.75 -1.83
C PRO A 37 0.35 -12.25 -3.12
N GLU A 38 -0.31 -11.46 -3.97
CA GLU A 38 0.26 -10.81 -5.17
C GLU A 38 -0.47 -9.51 -5.53
N GLU A 39 0.21 -8.57 -6.20
CA GLU A 39 -0.37 -7.32 -6.70
C GLU A 39 -1.21 -7.49 -7.99
N LYS A 40 -1.91 -6.41 -8.39
CA LYS A 40 -2.77 -6.32 -9.59
C LYS A 40 -2.40 -5.07 -10.40
N ASP A 41 -1.71 -5.26 -11.54
CA ASP A 41 -1.28 -4.18 -12.44
C ASP A 41 -0.52 -3.02 -11.76
N GLY A 42 0.23 -3.33 -10.69
CA GLY A 42 1.01 -2.38 -9.88
C GLY A 42 0.31 -1.94 -8.58
N TRP A 43 -0.98 -2.23 -8.43
CA TRP A 43 -1.75 -1.94 -7.22
C TRP A 43 -1.68 -3.11 -6.24
N LEU A 44 -1.22 -2.85 -5.02
CA LEU A 44 -1.44 -3.73 -3.86
C LEU A 44 -2.74 -3.34 -3.14
N TYR A 45 -3.26 -4.27 -2.33
CA TYR A 45 -4.37 -4.06 -1.42
C TYR A 45 -3.91 -4.46 -0.01
N GLY A 46 -4.05 -3.53 0.92
CA GLY A 46 -3.52 -3.64 2.28
C GLY A 46 -4.37 -2.92 3.32
N GLU A 47 -4.03 -3.13 4.60
CA GLU A 47 -4.66 -2.49 5.75
C GLU A 47 -3.60 -1.79 6.60
N HIS A 48 -3.77 -0.48 6.78
CA HIS A 48 -2.89 0.37 7.58
C HIS A 48 -2.90 -0.02 9.06
N ASP A 49 -1.77 0.14 9.77
CA ASP A 49 -1.69 -0.18 11.20
C ASP A 49 -2.26 0.94 12.11
N VAL A 50 -1.88 2.21 11.87
CA VAL A 50 -2.34 3.38 12.64
C VAL A 50 -3.82 3.72 12.41
N SER A 51 -4.28 3.88 11.15
CA SER A 51 -5.64 4.34 10.82
C SER A 51 -6.65 3.20 10.63
N LYS A 52 -6.17 1.96 10.43
CA LYS A 52 -6.94 0.76 10.08
C LYS A 52 -7.79 0.89 8.81
N ALA A 53 -7.49 1.88 7.98
CA ALA A 53 -8.10 2.01 6.66
C ALA A 53 -7.56 0.94 5.68
N ARG A 54 -8.42 0.58 4.71
CA ARG A 54 -8.13 -0.34 3.60
C ARG A 54 -8.32 0.36 2.26
N GLY A 55 -7.66 -0.17 1.23
CA GLY A 55 -7.82 0.27 -0.16
C GLY A 55 -6.68 -0.22 -1.05
N TRP A 56 -6.85 -0.05 -2.35
CA TRP A 56 -5.77 -0.19 -3.32
C TRP A 56 -4.73 0.93 -3.10
N PHE A 57 -3.46 0.65 -3.38
CA PHE A 57 -2.37 1.64 -3.36
C PHE A 57 -1.22 1.18 -4.28
N PRO A 58 -0.42 2.12 -4.82
CA PRO A 58 0.73 1.78 -5.65
C PRO A 58 1.78 1.01 -4.83
N SER A 59 2.14 -0.20 -5.26
CA SER A 59 3.13 -1.02 -4.56
C SER A 59 4.47 -0.30 -4.37
N SER A 60 4.89 0.48 -5.36
CA SER A 60 6.15 1.24 -5.38
C SER A 60 6.23 2.36 -4.32
N TYR A 61 5.10 2.83 -3.77
CA TYR A 61 5.05 3.77 -2.63
C TYR A 61 5.41 3.11 -1.28
N THR A 62 5.66 1.80 -1.29
CA THR A 62 6.14 1.01 -0.15
C THR A 62 7.37 0.20 -0.53
N LYS A 63 8.18 -0.16 0.47
CA LYS A 63 9.24 -1.15 0.35
C LYS A 63 8.98 -2.29 1.34
N LEU A 64 9.69 -3.40 1.14
CA LEU A 64 9.73 -4.49 2.11
C LEU A 64 10.29 -3.93 3.44
N LEU A 65 9.56 -4.12 4.56
CA LEU A 65 9.86 -3.44 5.81
C LEU A 65 11.30 -3.62 6.29
N GLU A 66 11.55 -4.89 6.46
CA GLU A 66 12.73 -5.55 7.03
C GLU A 66 13.88 -5.66 6.00
N GLU A 67 15.13 -5.51 6.47
CA GLU A 67 16.36 -5.53 5.64
C GLU A 67 16.60 -6.88 4.93
N HIS B 27 -14.27 -9.67 0.85
CA HIS B 27 -14.47 -9.34 -0.59
C HIS B 27 -13.63 -8.11 -0.98
N ILE B 28 -12.60 -8.31 -1.81
CA ILE B 28 -11.72 -7.24 -2.32
C ILE B 28 -12.48 -6.37 -3.35
N PRO B 29 -12.42 -5.03 -3.26
CA PRO B 29 -13.09 -4.12 -4.19
C PRO B 29 -12.44 -4.14 -5.59
N PRO B 30 -13.13 -3.71 -6.66
CA PRO B 30 -12.57 -3.71 -8.01
C PRO B 30 -11.39 -2.74 -8.15
N ALA B 31 -10.41 -3.12 -8.99
CA ALA B 31 -9.29 -2.27 -9.35
C ALA B 31 -9.69 -1.13 -10.33
N PRO B 32 -8.91 -0.02 -10.39
CA PRO B 32 -9.15 1.07 -11.33
C PRO B 32 -8.88 0.68 -12.80
N ASN B 33 -9.18 1.61 -13.71
CA ASN B 33 -9.04 1.43 -15.16
C ASN B 33 -7.61 1.78 -15.67
N TRP B 34 -6.72 2.18 -14.76
CA TRP B 34 -5.36 2.66 -15.07
C TRP B 34 -4.27 2.05 -14.18
N PRO B 35 -3.01 1.98 -14.64
CA PRO B 35 -1.88 1.45 -13.86
C PRO B 35 -1.45 2.39 -12.72
N ALA B 36 -0.88 1.80 -11.67
CA ALA B 36 -0.49 2.52 -10.46
C ALA B 36 0.69 3.51 -10.68
N PRO B 37 0.68 4.67 -9.99
CA PRO B 37 1.76 5.66 -10.05
C PRO B 37 3.04 5.21 -9.29
N THR B 38 4.07 6.07 -9.29
CA THR B 38 5.40 5.79 -8.71
C THR B 38 5.94 6.97 -7.87
N PRO B 39 6.85 6.71 -6.90
CA PRO B 39 7.49 7.76 -6.10
C PRO B 39 8.46 8.61 -6.96
N PRO B 40 8.87 9.81 -6.48
CA PRO B 40 9.82 10.67 -7.19
C PRO B 40 11.23 10.06 -7.32
N VAL B 41 11.97 10.53 -8.32
CA VAL B 41 13.31 10.07 -8.71
C VAL B 41 14.14 11.26 -9.21
N GLN B 42 15.42 11.26 -8.84
CA GLN B 42 16.36 12.38 -9.04
C GLN B 42 17.71 11.96 -9.67
N ASN B 43 17.83 10.69 -10.10
CA ASN B 43 19.00 10.16 -10.84
C ASN B 43 19.27 10.90 -12.17
N GLY A 1 9.86 -14.10 20.01
CA GLY A 1 9.57 -12.69 19.68
C GLY A 1 8.21 -12.57 19.03
N SER A 2 8.11 -12.88 17.73
CA SER A 2 6.89 -12.77 16.91
C SER A 2 6.77 -13.91 15.88
N HIS A 3 5.57 -14.49 15.75
CA HIS A 3 5.27 -15.59 14.83
C HIS A 3 4.95 -15.14 13.39
N MET A 4 4.93 -13.83 13.11
CA MET A 4 4.70 -13.20 11.79
C MET A 4 3.48 -13.76 11.04
N LYS A 5 2.28 -13.52 11.61
CA LYS A 5 0.96 -13.95 11.10
C LYS A 5 0.68 -13.53 9.64
N LYS A 6 1.23 -12.39 9.20
CA LYS A 6 1.09 -11.81 7.85
C LYS A 6 2.26 -10.86 7.54
N GLN A 7 2.63 -10.74 6.27
CA GLN A 7 3.71 -9.86 5.80
C GLN A 7 3.34 -8.36 5.96
N LYS A 8 4.37 -7.55 6.22
CA LYS A 8 4.28 -6.09 6.37
C LYS A 8 5.17 -5.36 5.37
N VAL A 9 4.84 -4.09 5.15
CA VAL A 9 5.60 -3.14 4.33
C VAL A 9 5.63 -1.76 5.01
N LYS A 10 6.61 -0.95 4.60
CA LYS A 10 6.86 0.39 5.13
C LYS A 10 6.85 1.41 4.01
N THR A 11 6.06 2.47 4.14
CA THR A 11 5.90 3.52 3.13
C THR A 11 7.15 4.41 3.05
N ILE A 12 7.41 4.99 1.87
CA ILE A 12 8.60 5.82 1.61
C ILE A 12 8.29 7.24 1.13
N PHE A 13 7.02 7.54 0.81
CA PHE A 13 6.48 8.88 0.55
C PHE A 13 4.95 8.90 0.83
N PRO A 14 4.32 10.06 1.07
CA PRO A 14 2.87 10.15 1.31
C PRO A 14 2.04 9.85 0.05
N HIS A 15 0.78 9.44 0.24
CA HIS A 15 -0.20 9.14 -0.82
C HIS A 15 -1.59 9.68 -0.47
N THR A 16 -2.31 10.19 -1.48
CA THR A 16 -3.63 10.85 -1.36
C THR A 16 -4.54 10.40 -2.51
N ALA A 17 -5.81 10.13 -2.22
CA ALA A 17 -6.75 9.50 -3.15
C ALA A 17 -7.08 10.37 -4.39
N GLY A 18 -7.36 11.67 -4.21
CA GLY A 18 -7.64 12.63 -5.30
C GLY A 18 -8.86 12.26 -6.16
N SER A 19 -10.07 12.66 -5.71
CA SER A 19 -11.35 12.39 -6.38
C SER A 19 -11.69 10.89 -6.51
N ASN A 20 -11.27 10.08 -5.54
CA ASN A 20 -11.47 8.63 -5.46
C ASN A 20 -11.87 8.18 -4.03
N LYS A 21 -12.46 6.98 -3.91
CA LYS A 21 -12.95 6.38 -2.65
C LYS A 21 -12.40 4.97 -2.37
N THR A 22 -11.64 4.39 -3.28
CA THR A 22 -11.08 3.02 -3.23
C THR A 22 -9.56 2.99 -3.03
N LEU A 23 -8.96 4.14 -2.69
CA LEU A 23 -7.52 4.32 -2.54
C LEU A 23 -7.14 4.59 -1.08
N LEU A 24 -6.20 3.82 -0.54
CA LEU A 24 -5.66 3.99 0.82
C LEU A 24 -4.63 5.14 0.85
N SER A 25 -4.85 6.12 1.72
CA SER A 25 -3.96 7.27 1.95
C SER A 25 -3.06 7.08 3.19
N PHE A 26 -1.88 7.71 3.18
CA PHE A 26 -0.81 7.54 4.19
C PHE A 26 0.29 8.61 4.08
N ALA A 27 1.27 8.56 5.00
CA ALA A 27 2.48 9.38 5.03
C ALA A 27 3.74 8.51 4.85
N GLN A 28 4.92 9.12 4.81
CA GLN A 28 6.23 8.43 4.84
C GLN A 28 6.48 7.75 6.20
N GLY A 29 7.06 6.53 6.18
CA GLY A 29 7.43 5.76 7.37
C GLY A 29 6.27 5.09 8.12
N ASP A 30 5.05 5.19 7.59
CA ASP A 30 3.90 4.40 8.05
C ASP A 30 4.07 2.91 7.70
N VAL A 31 3.26 2.06 8.35
CA VAL A 31 3.28 0.60 8.21
C VAL A 31 1.94 0.14 7.67
N ILE A 32 1.98 -0.78 6.69
CA ILE A 32 0.79 -1.37 6.06
C ILE A 32 0.98 -2.90 5.98
N THR A 33 -0.10 -3.64 6.21
CA THR A 33 -0.13 -5.11 6.19
C THR A 33 -0.74 -5.59 4.88
N LEU A 34 -0.16 -6.61 4.25
CA LEU A 34 -0.65 -7.10 2.95
C LEU A 34 -1.88 -8.01 3.13
N LEU A 35 -2.89 -7.87 2.25
CA LEU A 35 -4.15 -8.64 2.32
C LEU A 35 -4.32 -9.63 1.13
N ILE A 36 -3.46 -9.54 0.11
CA ILE A 36 -3.42 -10.42 -1.08
C ILE A 36 -2.02 -11.03 -1.22
N PRO A 37 -1.90 -12.32 -1.60
CA PRO A 37 -0.62 -13.00 -1.83
C PRO A 37 0.12 -12.54 -3.11
N GLU A 38 -0.52 -11.72 -3.96
CA GLU A 38 0.08 -11.08 -5.15
C GLU A 38 -0.63 -9.74 -5.50
N GLU A 39 0.10 -8.78 -6.07
CA GLU A 39 -0.44 -7.50 -6.54
C GLU A 39 -1.26 -7.61 -7.86
N LYS A 40 -1.92 -6.51 -8.24
CA LYS A 40 -2.78 -6.39 -9.43
C LYS A 40 -2.38 -5.18 -10.27
N ASP A 41 -1.67 -5.41 -11.38
CA ASP A 41 -1.19 -4.37 -12.31
C ASP A 41 -0.40 -3.22 -11.63
N GLY A 42 0.31 -3.53 -10.54
CA GLY A 42 1.08 -2.58 -9.72
C GLY A 42 0.38 -2.10 -8.46
N TRP A 43 -0.94 -2.30 -8.35
CA TRP A 43 -1.73 -1.98 -7.17
C TRP A 43 -1.69 -3.14 -6.16
N LEU A 44 -1.36 -2.84 -4.90
CA LEU A 44 -1.58 -3.73 -3.77
C LEU A 44 -2.84 -3.34 -3.01
N TYR A 45 -3.35 -4.27 -2.21
CA TYR A 45 -4.46 -4.10 -1.30
C TYR A 45 -3.99 -4.47 0.10
N GLY A 46 -4.10 -3.52 1.03
CA GLY A 46 -3.54 -3.66 2.37
C GLY A 46 -4.38 -2.99 3.46
N GLU A 47 -4.06 -3.29 4.71
CA GLU A 47 -4.64 -2.67 5.89
C GLU A 47 -3.55 -1.86 6.63
N HIS A 48 -3.76 -0.55 6.73
CA HIS A 48 -2.86 0.36 7.42
C HIS A 48 -2.76 0.05 8.93
N ASP A 49 -1.60 0.18 9.54
CA ASP A 49 -1.43 -0.13 10.97
C ASP A 49 -2.01 0.97 11.89
N VAL A 50 -1.71 2.25 11.60
CA VAL A 50 -2.23 3.40 12.37
C VAL A 50 -3.73 3.66 12.19
N SER A 51 -4.24 3.81 10.95
CA SER A 51 -5.64 4.20 10.68
C SER A 51 -6.60 3.01 10.56
N LYS A 52 -6.06 1.80 10.35
CA LYS A 52 -6.80 0.53 10.10
C LYS A 52 -7.76 0.59 8.90
N ALA A 53 -7.54 1.56 8.02
CA ALA A 53 -8.23 1.64 6.73
C ALA A 53 -7.70 0.62 5.72
N ARG A 54 -8.53 0.32 4.72
CA ARG A 54 -8.24 -0.56 3.58
C ARG A 54 -8.49 0.16 2.26
N GLY A 55 -7.87 -0.35 1.19
CA GLY A 55 -8.02 0.14 -0.18
C GLY A 55 -6.85 -0.28 -1.08
N TRP A 56 -6.98 -0.07 -2.38
CA TRP A 56 -5.87 -0.21 -3.32
C TRP A 56 -4.84 0.91 -3.09
N PHE A 57 -3.56 0.63 -3.34
CA PHE A 57 -2.48 1.62 -3.32
C PHE A 57 -1.30 1.17 -4.19
N PRO A 58 -0.46 2.10 -4.68
CA PRO A 58 0.69 1.75 -5.50
C PRO A 58 1.75 0.97 -4.69
N SER A 59 2.08 -0.26 -5.10
CA SER A 59 3.14 -1.07 -4.47
C SER A 59 4.52 -0.39 -4.52
N SER A 60 4.76 0.50 -5.49
CA SER A 60 6.01 1.28 -5.58
C SER A 60 6.16 2.35 -4.48
N TYR A 61 5.08 2.76 -3.80
CA TYR A 61 5.10 3.73 -2.68
C TYR A 61 5.50 3.12 -1.33
N THR A 62 5.77 1.80 -1.30
CA THR A 62 6.28 1.08 -0.12
C THR A 62 7.54 0.28 -0.47
N LYS A 63 8.29 -0.07 0.58
CA LYS A 63 9.43 -1.00 0.56
C LYS A 63 9.19 -2.11 1.58
N LEU A 64 10.02 -3.15 1.52
CA LEU A 64 10.05 -4.20 2.54
C LEU A 64 10.39 -3.57 3.91
N LEU A 65 9.57 -3.84 4.93
CA LEU A 65 9.73 -3.30 6.29
C LEU A 65 11.14 -3.48 6.86
N GLU A 66 11.44 -4.75 6.98
CA GLU A 66 12.66 -5.37 7.51
C GLU A 66 13.92 -4.95 6.70
N GLU A 67 14.89 -4.31 7.36
CA GLU A 67 16.16 -3.84 6.77
C GLU A 67 17.07 -4.97 6.27
N HIS B 27 -14.84 -9.01 0.88
CA HIS B 27 -14.70 -8.90 -0.60
C HIS B 27 -13.84 -7.69 -0.98
N ILE B 28 -12.78 -7.93 -1.77
CA ILE B 28 -11.87 -6.89 -2.29
C ILE B 28 -12.59 -6.07 -3.39
N PRO B 29 -12.52 -4.72 -3.37
CA PRO B 29 -13.15 -3.87 -4.39
C PRO B 29 -12.45 -3.99 -5.75
N PRO B 30 -13.09 -3.59 -6.87
CA PRO B 30 -12.47 -3.67 -8.19
C PRO B 30 -11.26 -2.75 -8.32
N ALA B 31 -10.25 -3.21 -9.07
CA ALA B 31 -9.10 -2.39 -9.45
C ALA B 31 -9.48 -1.29 -10.47
N PRO B 32 -8.74 -0.16 -10.52
CA PRO B 32 -9.00 0.93 -11.46
C PRO B 32 -8.67 0.58 -12.91
N ASN B 33 -8.99 1.49 -13.84
CA ASN B 33 -8.79 1.33 -15.27
C ASN B 33 -7.38 1.74 -15.74
N TRP B 34 -6.52 2.15 -14.81
CA TRP B 34 -5.17 2.68 -15.08
C TRP B 34 -4.09 2.06 -14.17
N PRO B 35 -2.82 2.04 -14.62
CA PRO B 35 -1.70 1.50 -13.84
C PRO B 35 -1.30 2.40 -12.65
N ALA B 36 -0.73 1.77 -11.62
CA ALA B 36 -0.34 2.44 -10.38
C ALA B 36 0.85 3.43 -10.58
N PRO B 37 0.83 4.60 -9.91
CA PRO B 37 1.92 5.59 -9.97
C PRO B 37 3.18 5.16 -9.18
N THR B 38 4.22 6.00 -9.24
CA THR B 38 5.57 5.72 -8.70
C THR B 38 6.14 6.90 -7.89
N PRO B 39 7.07 6.64 -6.93
CA PRO B 39 7.74 7.69 -6.15
C PRO B 39 8.71 8.53 -7.01
N PRO B 40 9.15 9.72 -6.55
CA PRO B 40 10.07 10.58 -7.28
C PRO B 40 11.47 9.93 -7.45
N VAL B 41 12.13 10.26 -8.57
CA VAL B 41 13.49 9.79 -8.93
C VAL B 41 14.61 10.62 -8.26
N GLN B 42 14.27 11.75 -7.65
CA GLN B 42 15.17 12.68 -6.93
C GLN B 42 14.88 12.72 -5.42
N ASN B 43 15.70 13.47 -4.67
CA ASN B 43 15.67 13.62 -3.20
C ASN B 43 15.45 15.09 -2.79
N GLY A 1 11.25 -14.77 21.82
CA GLY A 1 10.75 -13.53 21.18
C GLY A 1 9.76 -13.81 20.06
N SER A 2 9.06 -12.76 19.61
CA SER A 2 8.07 -12.81 18.51
C SER A 2 8.16 -11.53 17.67
N HIS A 3 8.65 -11.65 16.42
CA HIS A 3 8.89 -10.51 15.54
C HIS A 3 7.59 -9.82 15.10
N MET A 4 6.64 -10.58 14.55
CA MET A 4 5.27 -10.17 14.18
C MET A 4 4.41 -11.38 13.79
N LYS A 5 3.08 -11.29 14.03
CA LYS A 5 2.09 -12.35 13.69
C LYS A 5 1.52 -12.22 12.26
N LYS A 6 1.69 -11.06 11.62
CA LYS A 6 1.19 -10.71 10.27
C LYS A 6 2.28 -9.97 9.51
N GLN A 7 2.54 -10.31 8.24
CA GLN A 7 3.55 -9.61 7.42
C GLN A 7 3.15 -8.15 7.18
N LYS A 8 4.14 -7.27 7.30
CA LYS A 8 4.01 -5.82 7.12
C LYS A 8 4.99 -5.31 6.06
N VAL A 9 4.72 -4.09 5.61
CA VAL A 9 5.57 -3.26 4.75
C VAL A 9 5.64 -1.85 5.30
N LYS A 10 6.71 -1.13 4.96
CA LYS A 10 6.92 0.28 5.31
C LYS A 10 6.90 1.15 4.05
N THR A 11 6.18 2.26 4.12
CA THR A 11 6.04 3.25 3.04
C THR A 11 7.28 4.14 2.92
N ILE A 12 7.47 4.76 1.74
CA ILE A 12 8.63 5.65 1.47
C ILE A 12 8.27 7.08 1.02
N PHE A 13 6.99 7.37 0.73
CA PHE A 13 6.45 8.72 0.49
C PHE A 13 4.92 8.78 0.78
N PRO A 14 4.33 9.97 1.03
CA PRO A 14 2.89 10.12 1.26
C PRO A 14 2.03 9.88 0.02
N HIS A 15 0.76 9.49 0.22
CA HIS A 15 -0.21 9.20 -0.84
C HIS A 15 -1.61 9.76 -0.51
N THR A 16 -2.32 10.29 -1.52
CA THR A 16 -3.61 11.02 -1.38
C THR A 16 -4.59 10.59 -2.48
N ALA A 17 -5.82 10.22 -2.09
CA ALA A 17 -6.86 9.73 -3.01
C ALA A 17 -7.39 10.82 -3.99
N GLY A 18 -7.52 12.07 -3.51
CA GLY A 18 -7.82 13.27 -4.31
C GLY A 18 -9.28 13.43 -4.79
N SER A 19 -9.80 12.42 -5.49
CA SER A 19 -11.15 12.41 -6.10
C SER A 19 -11.75 10.99 -6.15
N ASN A 20 -11.26 10.10 -5.27
CA ASN A 20 -11.47 8.64 -5.30
C ASN A 20 -11.90 8.13 -3.91
N LYS A 21 -12.41 6.88 -3.86
CA LYS A 21 -12.85 6.21 -2.62
C LYS A 21 -12.12 4.90 -2.32
N THR A 22 -11.67 4.18 -3.36
CA THR A 22 -11.02 2.85 -3.26
C THR A 22 -9.50 2.91 -3.06
N LEU A 23 -8.94 4.07 -2.73
CA LEU A 23 -7.49 4.28 -2.54
C LEU A 23 -7.14 4.47 -1.06
N LEU A 24 -6.12 3.75 -0.58
CA LEU A 24 -5.58 3.91 0.77
C LEU A 24 -4.56 5.07 0.82
N SER A 25 -4.68 5.95 1.82
CA SER A 25 -3.83 7.14 2.01
C SER A 25 -2.98 7.05 3.29
N PHE A 26 -1.78 7.64 3.23
CA PHE A 26 -0.70 7.46 4.21
C PHE A 26 0.42 8.52 4.05
N ALA A 27 1.43 8.44 4.91
CA ALA A 27 2.63 9.29 4.92
C ALA A 27 3.91 8.45 4.71
N GLN A 28 5.08 9.11 4.59
CA GLN A 28 6.39 8.44 4.64
C GLN A 28 6.64 7.80 6.02
N GLY A 29 7.24 6.61 6.04
CA GLY A 29 7.59 5.90 7.29
C GLY A 29 6.38 5.36 8.06
N ASP A 30 5.24 5.20 7.40
CA ASP A 30 4.06 4.50 7.92
C ASP A 30 4.14 2.98 7.65
N VAL A 31 3.23 2.23 8.26
CA VAL A 31 3.24 0.77 8.34
C VAL A 31 1.91 0.23 7.81
N ILE A 32 1.97 -0.72 6.87
CA ILE A 32 0.78 -1.31 6.21
C ILE A 32 0.91 -2.84 6.17
N THR A 33 -0.22 -3.53 6.34
CA THR A 33 -0.33 -5.01 6.39
C THR A 33 -0.82 -5.54 5.05
N LEU A 34 -0.33 -6.71 4.62
CA LEU A 34 -0.73 -7.31 3.34
C LEU A 34 -2.02 -8.12 3.47
N LEU A 35 -2.90 -8.05 2.45
CA LEU A 35 -4.19 -8.77 2.39
C LEU A 35 -4.29 -9.72 1.16
N ILE A 36 -3.37 -9.62 0.20
CA ILE A 36 -3.24 -10.47 -0.99
C ILE A 36 -1.77 -10.96 -1.12
N PRO A 37 -1.54 -12.22 -1.52
CA PRO A 37 -0.19 -12.77 -1.76
C PRO A 37 0.51 -12.24 -3.02
N GLU A 38 -0.16 -11.44 -3.85
CA GLU A 38 0.39 -10.77 -5.06
C GLU A 38 -0.35 -9.45 -5.38
N GLU A 39 0.24 -8.59 -6.20
CA GLU A 39 -0.36 -7.32 -6.67
C GLU A 39 -1.15 -7.48 -7.99
N LYS A 40 -1.88 -6.43 -8.38
CA LYS A 40 -2.74 -6.35 -9.57
C LYS A 40 -2.40 -5.10 -10.39
N ASP A 41 -1.73 -5.27 -11.53
CA ASP A 41 -1.32 -4.19 -12.44
C ASP A 41 -0.56 -3.02 -11.75
N GLY A 42 0.19 -3.35 -10.68
CA GLY A 42 0.95 -2.38 -9.87
C GLY A 42 0.25 -1.95 -8.57
N TRP A 43 -1.02 -2.32 -8.38
CA TRP A 43 -1.79 -2.01 -7.18
C TRP A 43 -1.75 -3.19 -6.19
N LEU A 44 -1.28 -2.94 -4.96
CA LEU A 44 -1.51 -3.82 -3.81
C LEU A 44 -2.81 -3.45 -3.10
N TYR A 45 -3.33 -4.40 -2.31
CA TYR A 45 -4.45 -4.21 -1.40
C TYR A 45 -3.98 -4.60 0.01
N GLY A 46 -4.12 -3.67 0.94
CA GLY A 46 -3.55 -3.79 2.29
C GLY A 46 -4.39 -3.07 3.36
N GLU A 47 -4.00 -3.23 4.61
CA GLU A 47 -4.64 -2.61 5.78
C GLU A 47 -3.60 -1.86 6.62
N HIS A 48 -3.76 -0.54 6.69
CA HIS A 48 -2.87 0.37 7.42
C HIS A 48 -2.86 0.07 8.93
N ASP A 49 -1.72 0.21 9.60
CA ASP A 49 -1.63 -0.03 11.05
C ASP A 49 -2.17 1.15 11.88
N VAL A 50 -1.76 2.39 11.57
CA VAL A 50 -2.25 3.63 12.23
C VAL A 50 -3.72 3.96 11.92
N SER A 51 -4.13 4.03 10.64
CA SER A 51 -5.47 4.52 10.25
C SER A 51 -6.52 3.40 10.17
N LYS A 52 -6.07 2.14 10.12
CA LYS A 52 -6.88 0.91 9.97
C LYS A 52 -7.80 0.89 8.75
N ALA A 53 -7.50 1.74 7.78
CA ALA A 53 -8.18 1.80 6.49
C ALA A 53 -7.63 0.74 5.52
N ARG A 54 -8.49 0.31 4.59
CA ARG A 54 -8.19 -0.59 3.48
C ARG A 54 -8.42 0.11 2.13
N GLY A 55 -7.78 -0.41 1.08
CA GLY A 55 -7.95 0.04 -0.29
C GLY A 55 -6.78 -0.37 -1.19
N TRP A 56 -6.92 -0.15 -2.49
CA TRP A 56 -5.82 -0.27 -3.44
C TRP A 56 -4.78 0.83 -3.21
N PHE A 57 -3.50 0.53 -3.40
CA PHE A 57 -2.40 1.51 -3.34
C PHE A 57 -1.21 1.06 -4.21
N PRO A 58 -0.37 1.97 -4.70
CA PRO A 58 0.79 1.62 -5.53
C PRO A 58 1.81 0.76 -4.76
N SER A 59 2.12 -0.43 -5.28
CA SER A 59 3.15 -1.32 -4.69
C SER A 59 4.55 -0.69 -4.67
N SER A 60 4.81 0.25 -5.58
CA SER A 60 6.03 1.07 -5.69
C SER A 60 6.17 2.14 -4.60
N TYR A 61 5.13 2.46 -3.83
CA TYR A 61 5.17 3.39 -2.69
C TYR A 61 5.62 2.71 -1.37
N THR A 62 5.89 1.41 -1.41
CA THR A 62 6.46 0.59 -0.32
C THR A 62 7.63 -0.27 -0.83
N LYS A 63 8.38 -0.90 0.09
CA LYS A 63 9.52 -1.78 -0.22
C LYS A 63 9.42 -3.07 0.58
N LEU A 64 9.70 -2.97 1.89
CA LEU A 64 9.52 -3.98 2.93
C LEU A 64 9.65 -3.25 4.29
N LEU A 65 9.11 -3.80 5.38
CA LEU A 65 9.33 -3.27 6.72
C LEU A 65 10.81 -3.27 7.09
N GLU A 66 11.25 -4.49 7.30
CA GLU A 66 12.54 -4.86 7.86
C GLU A 66 13.44 -5.46 6.76
N GLU A 67 14.69 -4.97 6.64
CA GLU A 67 15.66 -5.39 5.60
C GLU A 67 17.12 -5.31 6.08
N HIS B 27 -14.31 -9.59 0.57
CA HIS B 27 -14.66 -9.15 -0.80
C HIS B 27 -13.83 -7.91 -1.18
N ILE B 28 -12.78 -8.12 -1.99
CA ILE B 28 -11.88 -7.06 -2.48
C ILE B 28 -12.58 -6.24 -3.59
N PRO B 29 -12.54 -4.89 -3.55
CA PRO B 29 -13.16 -4.04 -4.57
C PRO B 29 -12.43 -4.14 -5.93
N PRO B 30 -13.07 -3.76 -7.06
CA PRO B 30 -12.44 -3.82 -8.37
C PRO B 30 -11.22 -2.88 -8.48
N ALA B 31 -10.20 -3.32 -9.22
CA ALA B 31 -9.06 -2.48 -9.57
C ALA B 31 -9.45 -1.36 -10.58
N PRO B 32 -8.74 -0.23 -10.61
CA PRO B 32 -9.01 0.87 -11.54
C PRO B 32 -8.68 0.53 -13.00
N ASN B 33 -9.00 1.46 -13.90
CA ASN B 33 -8.79 1.31 -15.35
C ASN B 33 -7.38 1.74 -15.80
N TRP B 34 -6.53 2.15 -14.85
CA TRP B 34 -5.18 2.67 -15.11
C TRP B 34 -4.11 2.08 -14.16
N PRO B 35 -2.83 2.04 -14.59
CA PRO B 35 -1.72 1.52 -13.78
C PRO B 35 -1.36 2.44 -12.60
N ALA B 36 -0.83 1.86 -11.54
CA ALA B 36 -0.47 2.57 -10.31
C ALA B 36 0.70 3.56 -10.51
N PRO B 37 0.69 4.71 -9.81
CA PRO B 37 1.75 5.72 -9.89
C PRO B 37 3.04 5.28 -9.17
N THR B 38 4.08 6.12 -9.28
CA THR B 38 5.44 5.82 -8.79
C THR B 38 6.00 6.98 -7.94
N PRO B 39 6.94 6.69 -7.02
CA PRO B 39 7.62 7.71 -6.21
C PRO B 39 8.51 8.62 -7.08
N PRO B 40 8.92 9.81 -6.58
CA PRO B 40 9.85 10.69 -7.27
C PRO B 40 11.24 10.06 -7.43
N VAL B 41 12.05 10.62 -8.34
CA VAL B 41 13.41 10.17 -8.67
C VAL B 41 14.37 11.32 -8.43
N GLN B 42 15.15 11.18 -7.35
CA GLN B 42 16.11 12.17 -6.84
C GLN B 42 17.40 11.46 -6.36
N ASN B 43 18.55 12.12 -6.57
CA ASN B 43 19.88 11.60 -6.20
C ASN B 43 20.22 11.84 -4.71
N GLY A 1 13.64 -11.60 17.96
CA GLY A 1 12.18 -11.81 18.07
C GLY A 1 11.61 -12.40 16.79
N SER A 2 10.91 -11.58 16.00
CA SER A 2 10.27 -11.95 14.71
C SER A 2 9.27 -13.13 14.80
N HIS A 3 8.64 -13.33 15.98
CA HIS A 3 7.72 -14.43 16.28
C HIS A 3 6.27 -14.14 15.79
N MET A 4 6.10 -14.04 14.46
CA MET A 4 4.85 -13.70 13.78
C MET A 4 4.61 -14.54 12.51
N LYS A 5 3.36 -14.51 12.00
CA LYS A 5 2.88 -15.24 10.81
C LYS A 5 2.09 -14.32 9.85
N LYS A 6 2.48 -13.05 9.79
CA LYS A 6 1.91 -11.97 8.96
C LYS A 6 3.03 -11.20 8.25
N GLN A 7 2.70 -10.54 7.14
CA GLN A 7 3.67 -9.76 6.35
C GLN A 7 3.30 -8.28 6.29
N LYS A 8 4.32 -7.44 6.41
CA LYS A 8 4.25 -5.98 6.41
C LYS A 8 5.12 -5.36 5.33
N VAL A 9 4.83 -4.09 5.07
CA VAL A 9 5.61 -3.16 4.26
C VAL A 9 5.64 -1.80 4.95
N LYS A 10 6.65 -1.00 4.62
CA LYS A 10 6.85 0.35 5.16
C LYS A 10 6.85 1.36 4.03
N THR A 11 6.09 2.44 4.19
CA THR A 11 5.92 3.50 3.18
C THR A 11 7.17 4.39 3.11
N ILE A 12 7.41 4.99 1.93
CA ILE A 12 8.59 5.86 1.70
C ILE A 12 8.25 7.29 1.22
N PHE A 13 6.97 7.56 0.93
CA PHE A 13 6.42 8.89 0.65
C PHE A 13 4.91 8.93 0.99
N PRO A 14 4.31 10.11 1.23
CA PRO A 14 2.87 10.22 1.49
C PRO A 14 2.03 9.92 0.23
N HIS A 15 0.79 9.49 0.44
CA HIS A 15 -0.18 9.15 -0.61
C HIS A 15 -1.59 9.63 -0.22
N THR A 16 -2.37 10.05 -1.22
CA THR A 16 -3.67 10.73 -1.05
C THR A 16 -4.64 10.27 -2.13
N ALA A 17 -5.82 9.80 -1.73
CA ALA A 17 -6.94 9.56 -2.64
C ALA A 17 -7.36 10.85 -3.39
N GLY A 18 -7.22 10.85 -4.72
CA GLY A 18 -7.60 11.95 -5.61
C GLY A 18 -8.33 11.43 -6.85
N SER A 19 -9.42 12.10 -7.24
CA SER A 19 -10.42 11.62 -8.23
C SER A 19 -11.01 10.22 -7.96
N ASN A 20 -10.90 9.71 -6.71
CA ASN A 20 -11.27 8.34 -6.33
C ASN A 20 -11.77 8.22 -4.87
N LYS A 21 -12.22 7.01 -4.49
CA LYS A 21 -12.71 6.64 -3.14
C LYS A 21 -12.02 5.40 -2.54
N THR A 22 -11.60 4.44 -3.37
CA THR A 22 -11.02 3.13 -2.97
C THR A 22 -9.49 3.14 -2.82
N LEU A 23 -8.87 4.31 -2.68
CA LEU A 23 -7.42 4.48 -2.50
C LEU A 23 -7.06 4.65 -1.01
N LEU A 24 -6.11 3.86 -0.50
CA LEU A 24 -5.61 3.97 0.87
C LEU A 24 -4.59 5.13 1.00
N SER A 25 -4.94 6.17 1.75
CA SER A 25 -4.05 7.30 2.04
C SER A 25 -3.11 7.03 3.23
N PHE A 26 -1.91 7.63 3.22
CA PHE A 26 -0.86 7.45 4.24
C PHE A 26 0.25 8.54 4.17
N ALA A 27 1.22 8.48 5.08
CA ALA A 27 2.42 9.31 5.12
C ALA A 27 3.70 8.46 4.96
N GLN A 28 4.88 9.09 4.85
CA GLN A 28 6.18 8.42 4.88
C GLN A 28 6.44 7.76 6.26
N GLY A 29 7.07 6.57 6.27
CA GLY A 29 7.47 5.86 7.49
C GLY A 29 6.34 5.14 8.22
N ASP A 30 5.14 5.12 7.65
CA ASP A 30 3.98 4.36 8.14
C ASP A 30 4.08 2.87 7.78
N VAL A 31 3.24 2.06 8.42
CA VAL A 31 3.27 0.58 8.36
C VAL A 31 1.93 0.08 7.82
N ILE A 32 1.99 -0.82 6.83
CA ILE A 32 0.80 -1.39 6.16
C ILE A 32 0.97 -2.91 6.02
N THR A 33 -0.10 -3.65 6.28
CA THR A 33 -0.13 -5.13 6.24
C THR A 33 -0.70 -5.60 4.91
N LEU A 34 -0.14 -6.66 4.31
CA LEU A 34 -0.61 -7.18 3.03
C LEU A 34 -1.87 -8.06 3.18
N LEU A 35 -2.84 -7.90 2.26
CA LEU A 35 -4.11 -8.64 2.26
C LEU A 35 -4.26 -9.57 1.03
N ILE A 36 -3.37 -9.46 0.04
CA ILE A 36 -3.29 -10.29 -1.19
C ILE A 36 -1.86 -10.86 -1.34
N PRO A 37 -1.70 -12.12 -1.79
CA PRO A 37 -0.39 -12.75 -2.04
C PRO A 37 0.35 -12.22 -3.30
N GLU A 38 -0.29 -11.38 -4.11
CA GLU A 38 0.29 -10.70 -5.28
C GLU A 38 -0.41 -9.34 -5.56
N GLU A 39 0.24 -8.45 -6.30
CA GLU A 39 -0.37 -7.18 -6.77
C GLU A 39 -1.23 -7.35 -8.03
N LYS A 40 -2.01 -6.32 -8.36
CA LYS A 40 -2.91 -6.22 -9.52
C LYS A 40 -2.52 -5.00 -10.35
N ASP A 41 -1.85 -5.21 -11.49
CA ASP A 41 -1.39 -4.16 -12.41
C ASP A 41 -0.57 -3.02 -11.74
N GLY A 42 0.15 -3.36 -10.67
CA GLY A 42 0.96 -2.43 -9.86
C GLY A 42 0.32 -2.01 -8.52
N TRP A 43 -1.00 -2.19 -8.39
CA TRP A 43 -1.75 -1.89 -7.18
C TRP A 43 -1.71 -3.04 -6.17
N LEU A 44 -1.34 -2.75 -4.93
CA LEU A 44 -1.54 -3.63 -3.77
C LEU A 44 -2.80 -3.23 -3.00
N TYR A 45 -3.29 -4.16 -2.19
CA TYR A 45 -4.40 -3.98 -1.27
C TYR A 45 -3.93 -4.40 0.12
N GLY A 46 -4.01 -3.46 1.05
CA GLY A 46 -3.46 -3.62 2.40
C GLY A 46 -4.29 -2.94 3.49
N GLU A 47 -3.92 -3.20 4.74
CA GLU A 47 -4.53 -2.62 5.92
C GLU A 47 -3.48 -1.83 6.73
N HIS A 48 -3.69 -0.52 6.85
CA HIS A 48 -2.82 0.40 7.58
C HIS A 48 -2.79 0.08 9.08
N ASP A 49 -1.64 0.27 9.76
CA ASP A 49 -1.55 -0.01 11.19
C ASP A 49 -2.13 1.10 12.10
N VAL A 50 -1.82 2.38 11.80
CA VAL A 50 -2.36 3.55 12.54
C VAL A 50 -3.87 3.77 12.31
N SER A 51 -4.32 3.82 11.04
CA SER A 51 -5.70 4.19 10.69
C SER A 51 -6.66 2.99 10.61
N LYS A 52 -6.12 1.77 10.42
CA LYS A 52 -6.85 0.51 10.14
C LYS A 52 -7.75 0.56 8.90
N ALA A 53 -7.53 1.55 8.04
CA ALA A 53 -8.20 1.65 6.76
C ALA A 53 -7.64 0.64 5.74
N ARG A 54 -8.47 0.31 4.75
CA ARG A 54 -8.17 -0.56 3.61
C ARG A 54 -8.45 0.16 2.29
N GLY A 55 -7.78 -0.27 1.24
CA GLY A 55 -7.92 0.24 -0.12
C GLY A 55 -6.74 -0.14 -1.02
N TRP A 56 -6.89 0.08 -2.31
CA TRP A 56 -5.80 -0.06 -3.28
C TRP A 56 -4.76 1.06 -3.07
N PHE A 57 -3.49 0.77 -3.34
CA PHE A 57 -2.40 1.75 -3.34
C PHE A 57 -1.24 1.28 -4.25
N PRO A 58 -0.42 2.19 -4.79
CA PRO A 58 0.73 1.82 -5.61
C PRO A 58 1.78 1.07 -4.77
N SER A 59 2.12 -0.17 -5.16
CA SER A 59 3.14 -0.96 -4.45
C SER A 59 4.48 -0.23 -4.34
N SER A 60 4.88 0.49 -5.39
CA SER A 60 6.13 1.28 -5.46
C SER A 60 6.26 2.38 -4.39
N TYR A 61 5.17 2.85 -3.80
CA TYR A 61 5.17 3.80 -2.66
C TYR A 61 5.56 3.15 -1.32
N THR A 62 5.84 1.84 -1.33
CA THR A 62 6.26 1.05 -0.16
C THR A 62 7.47 0.16 -0.48
N LYS A 63 8.14 -0.32 0.57
CA LYS A 63 9.27 -1.26 0.50
C LYS A 63 9.09 -2.37 1.54
N LEU A 64 9.72 -3.51 1.29
CA LEU A 64 9.75 -4.65 2.23
C LEU A 64 10.42 -4.22 3.54
N LEU A 65 9.73 -4.38 4.68
CA LEU A 65 10.16 -3.86 5.98
C LEU A 65 11.50 -4.38 6.50
N GLU A 66 11.67 -5.67 6.31
CA GLU A 66 12.86 -6.47 6.67
C GLU A 66 13.62 -6.96 5.43
N GLU A 67 14.31 -6.03 4.77
CA GLU A 67 15.19 -6.25 3.59
C GLU A 67 16.20 -7.42 3.74
N HIS B 27 -14.89 -8.73 1.33
CA HIS B 27 -14.55 -8.95 -0.11
C HIS B 27 -13.76 -7.76 -0.65
N ILE B 28 -12.69 -8.02 -1.43
CA ILE B 28 -11.81 -7.00 -2.02
C ILE B 28 -12.57 -6.19 -3.10
N PRO B 29 -12.52 -4.84 -3.07
CA PRO B 29 -13.16 -3.99 -4.07
C PRO B 29 -12.47 -4.06 -5.45
N PRO B 30 -13.14 -3.70 -6.55
CA PRO B 30 -12.56 -3.76 -7.90
C PRO B 30 -11.39 -2.78 -8.05
N ALA B 31 -10.40 -3.17 -8.87
CA ALA B 31 -9.27 -2.33 -9.24
C ALA B 31 -9.67 -1.22 -10.25
N PRO B 32 -8.91 -0.11 -10.34
CA PRO B 32 -9.16 0.96 -11.31
C PRO B 32 -8.86 0.55 -12.77
N ASN B 33 -9.18 1.46 -13.70
CA ASN B 33 -9.01 1.26 -15.15
C ASN B 33 -7.60 1.69 -15.64
N TRP B 34 -6.71 2.11 -14.74
CA TRP B 34 -5.37 2.62 -15.05
C TRP B 34 -4.27 2.03 -14.14
N PRO B 35 -3.00 1.98 -14.60
CA PRO B 35 -1.88 1.46 -13.83
C PRO B 35 -1.46 2.40 -12.68
N ALA B 36 -0.88 1.81 -11.63
CA ALA B 36 -0.49 2.52 -10.42
C ALA B 36 0.68 3.51 -10.65
N PRO B 37 0.68 4.69 -9.98
CA PRO B 37 1.77 5.67 -10.05
C PRO B 37 3.02 5.23 -9.27
N THR B 38 4.05 6.07 -9.28
CA THR B 38 5.39 5.78 -8.71
C THR B 38 5.96 6.95 -7.88
N PRO B 39 6.86 6.68 -6.91
CA PRO B 39 7.52 7.72 -6.13
C PRO B 39 8.48 8.57 -7.00
N PRO B 40 8.87 9.77 -6.54
CA PRO B 40 9.83 10.63 -7.26
C PRO B 40 11.23 9.99 -7.36
N VAL B 41 11.99 10.39 -8.40
CA VAL B 41 13.32 9.89 -8.73
C VAL B 41 14.43 10.32 -7.76
N GLN B 42 14.15 11.29 -6.88
CA GLN B 42 15.04 11.75 -5.81
C GLN B 42 14.25 12.30 -4.59
N ASN B 43 14.93 12.58 -3.48
CA ASN B 43 14.33 13.01 -2.19
C ASN B 43 13.64 14.39 -2.22
N GLY A 1 6.57 -15.16 22.97
CA GLY A 1 7.12 -14.68 21.69
C GLY A 1 6.02 -14.32 20.71
N SER A 2 5.93 -15.06 19.59
CA SER A 2 4.89 -14.90 18.56
C SER A 2 4.58 -16.23 17.86
N HIS A 3 3.36 -16.36 17.30
CA HIS A 3 2.82 -17.59 16.72
C HIS A 3 2.11 -17.38 15.36
N MET A 4 2.23 -16.19 14.77
CA MET A 4 1.56 -15.79 13.51
C MET A 4 2.55 -15.15 12.51
N LYS A 5 2.19 -15.18 11.23
CA LYS A 5 3.03 -14.76 10.08
C LYS A 5 2.51 -13.46 9.45
N LYS A 6 2.23 -12.47 10.31
CA LYS A 6 1.73 -11.11 9.96
C LYS A 6 2.78 -10.27 9.20
N GLN A 7 2.97 -10.57 7.91
CA GLN A 7 3.86 -9.77 7.06
C GLN A 7 3.38 -8.32 6.94
N LYS A 8 4.33 -7.39 7.05
CA LYS A 8 4.14 -5.95 6.92
C LYS A 8 5.05 -5.38 5.84
N VAL A 9 4.72 -4.16 5.44
CA VAL A 9 5.53 -3.28 4.57
C VAL A 9 5.56 -1.88 5.16
N LYS A 10 6.60 -1.11 4.84
CA LYS A 10 6.77 0.29 5.23
C LYS A 10 6.86 1.19 4.01
N THR A 11 6.14 2.32 4.07
CA THR A 11 6.00 3.31 3.01
C THR A 11 7.24 4.22 2.90
N ILE A 12 7.46 4.81 1.72
CA ILE A 12 8.65 5.66 1.44
C ILE A 12 8.32 7.09 0.98
N PHE A 13 7.05 7.40 0.67
CA PHE A 13 6.51 8.75 0.42
C PHE A 13 5.00 8.80 0.72
N PRO A 14 4.39 9.98 0.98
CA PRO A 14 2.95 10.11 1.23
C PRO A 14 2.07 9.85 -0.01
N HIS A 15 0.81 9.46 0.20
CA HIS A 15 -0.17 9.14 -0.85
C HIS A 15 -1.57 9.68 -0.52
N THR A 16 -2.36 10.02 -1.55
CA THR A 16 -3.71 10.59 -1.44
C THR A 16 -4.63 10.13 -2.59
N ALA A 17 -5.94 10.05 -2.32
CA ALA A 17 -6.94 9.61 -3.30
C ALA A 17 -7.36 10.70 -4.32
N GLY A 18 -7.23 11.98 -3.96
CA GLY A 18 -7.53 13.17 -4.79
C GLY A 18 -9.02 13.40 -5.14
N SER A 19 -9.63 12.41 -5.79
CA SER A 19 -11.05 12.38 -6.21
C SER A 19 -11.66 10.96 -6.10
N ASN A 20 -10.84 9.92 -5.92
CA ASN A 20 -11.26 8.52 -5.79
C ASN A 20 -11.82 8.20 -4.37
N LYS A 21 -12.30 6.96 -4.17
CA LYS A 21 -12.83 6.43 -2.89
C LYS A 21 -12.13 5.14 -2.45
N THR A 22 -11.67 4.30 -3.40
CA THR A 22 -11.07 2.98 -3.15
C THR A 22 -9.55 3.00 -2.98
N LEU A 23 -8.95 4.16 -2.71
CA LEU A 23 -7.50 4.34 -2.55
C LEU A 23 -7.13 4.61 -1.08
N LEU A 24 -6.15 3.88 -0.57
CA LEU A 24 -5.62 4.06 0.79
C LEU A 24 -4.58 5.20 0.84
N SER A 25 -4.84 6.23 1.63
CA SER A 25 -3.90 7.33 1.91
C SER A 25 -3.00 7.06 3.11
N PHE A 26 -1.80 7.66 3.12
CA PHE A 26 -0.74 7.46 4.12
C PHE A 26 0.38 8.51 4.01
N ALA A 27 1.38 8.44 4.91
CA ALA A 27 2.60 9.25 4.92
C ALA A 27 3.86 8.36 4.75
N GLN A 28 5.04 8.98 4.62
CA GLN A 28 6.34 8.28 4.66
C GLN A 28 6.60 7.65 6.04
N GLY A 29 7.20 6.46 6.08
CA GLY A 29 7.56 5.76 7.32
C GLY A 29 6.36 5.16 8.09
N ASP A 30 5.18 5.12 7.47
CA ASP A 30 4.00 4.42 8.00
C ASP A 30 4.05 2.91 7.65
N VAL A 31 3.22 2.13 8.34
CA VAL A 31 3.23 0.65 8.29
C VAL A 31 1.88 0.14 7.77
N ILE A 32 1.91 -0.85 6.88
CA ILE A 32 0.73 -1.43 6.22
C ILE A 32 0.86 -2.96 6.18
N THR A 33 -0.24 -3.66 6.46
CA THR A 33 -0.32 -5.14 6.41
C THR A 33 -0.87 -5.60 5.06
N LEU A 34 -0.32 -6.68 4.51
CA LEU A 34 -0.74 -7.23 3.23
C LEU A 34 -2.04 -8.07 3.35
N LEU A 35 -2.95 -7.92 2.38
CA LEU A 35 -4.24 -8.65 2.33
C LEU A 35 -4.36 -9.60 1.11
N ILE A 36 -3.40 -9.58 0.18
CA ILE A 36 -3.30 -10.46 -1.01
C ILE A 36 -1.86 -10.97 -1.15
N PRO A 37 -1.64 -12.25 -1.52
CA PRO A 37 -0.31 -12.83 -1.73
C PRO A 37 0.45 -12.31 -2.96
N GLU A 38 -0.20 -11.54 -3.84
CA GLU A 38 0.39 -10.89 -5.02
C GLU A 38 -0.34 -9.59 -5.40
N GLU A 39 0.32 -8.68 -6.12
CA GLU A 39 -0.26 -7.42 -6.61
C GLU A 39 -1.11 -7.58 -7.91
N LYS A 40 -1.84 -6.53 -8.27
CA LYS A 40 -2.71 -6.43 -9.46
C LYS A 40 -2.33 -5.20 -10.29
N ASP A 41 -1.66 -5.40 -11.43
CA ASP A 41 -1.22 -4.35 -12.37
C ASP A 41 -0.44 -3.18 -11.71
N GLY A 42 0.31 -3.47 -10.64
CA GLY A 42 1.10 -2.52 -9.84
C GLY A 42 0.41 -2.06 -8.55
N TRP A 43 -0.90 -2.27 -8.42
CA TRP A 43 -1.66 -1.97 -7.21
C TRP A 43 -1.61 -3.14 -6.22
N LEU A 44 -1.28 -2.84 -4.96
CA LEU A 44 -1.49 -3.73 -3.83
C LEU A 44 -2.77 -3.35 -3.07
N TYR A 45 -3.26 -4.27 -2.25
CA TYR A 45 -4.41 -4.09 -1.37
C TYR A 45 -3.99 -4.47 0.05
N GLY A 46 -4.07 -3.51 0.96
CA GLY A 46 -3.53 -3.60 2.31
C GLY A 46 -4.35 -2.85 3.36
N GLU A 47 -3.95 -2.98 4.62
CA GLU A 47 -4.61 -2.38 5.79
C GLU A 47 -3.59 -1.59 6.64
N HIS A 48 -3.83 -0.30 6.83
CA HIS A 48 -2.94 0.62 7.55
C HIS A 48 -2.83 0.28 9.05
N ASP A 49 -1.63 0.23 9.62
CA ASP A 49 -1.44 -0.13 11.03
C ASP A 49 -1.95 0.95 12.01
N VAL A 50 -1.89 2.23 11.62
CA VAL A 50 -2.27 3.39 12.45
C VAL A 50 -3.78 3.65 12.49
N SER A 51 -4.49 3.39 11.38
CA SER A 51 -5.88 3.81 11.14
C SER A 51 -6.81 2.64 10.78
N LYS A 52 -6.24 1.48 10.41
CA LYS A 52 -6.93 0.25 9.97
C LYS A 52 -7.89 0.46 8.78
N ALA A 53 -7.68 1.54 8.03
CA ALA A 53 -8.29 1.77 6.73
C ALA A 53 -7.71 0.81 5.68
N ARG A 54 -8.55 0.45 4.70
CA ARG A 54 -8.23 -0.44 3.58
C ARG A 54 -8.48 0.24 2.23
N GLY A 55 -7.80 -0.26 1.20
CA GLY A 55 -7.97 0.18 -0.19
C GLY A 55 -6.80 -0.25 -1.07
N TRP A 56 -6.94 -0.05 -2.38
CA TRP A 56 -5.83 -0.19 -3.33
C TRP A 56 -4.79 0.91 -3.09
N PHE A 57 -3.51 0.62 -3.33
CA PHE A 57 -2.42 1.59 -3.30
C PHE A 57 -1.26 1.15 -4.19
N PRO A 58 -0.41 2.07 -4.67
CA PRO A 58 0.75 1.71 -5.50
C PRO A 58 1.78 0.89 -4.71
N SER A 59 2.09 -0.33 -5.17
CA SER A 59 3.18 -1.14 -4.61
C SER A 59 4.56 -0.49 -4.75
N SER A 60 4.69 0.52 -5.63
CA SER A 60 5.90 1.35 -5.78
C SER A 60 6.13 2.34 -4.63
N TYR A 61 5.10 2.64 -3.81
CA TYR A 61 5.16 3.58 -2.68
C TYR A 61 5.58 2.91 -1.36
N THR A 62 5.88 1.61 -1.41
CA THR A 62 6.45 0.79 -0.32
C THR A 62 7.69 0.03 -0.85
N LYS A 63 8.48 -0.56 0.06
CA LYS A 63 9.65 -1.40 -0.28
C LYS A 63 9.56 -2.71 0.48
N LEU A 64 9.78 -2.66 1.79
CA LEU A 64 9.56 -3.72 2.78
C LEU A 64 9.66 -3.07 4.17
N LEU A 65 9.08 -3.70 5.20
CA LEU A 65 9.26 -3.31 6.59
C LEU A 65 10.74 -3.40 7.01
N GLU A 66 11.12 -4.65 7.04
CA GLU A 66 12.38 -5.19 7.55
C GLU A 66 13.62 -4.70 6.77
N GLU A 67 14.79 -4.69 7.40
CA GLU A 67 16.08 -4.22 6.86
C GLU A 67 17.25 -5.15 7.22
N HIS B 27 -14.54 -9.44 0.82
CA HIS B 27 -14.66 -9.21 -0.64
C HIS B 27 -13.83 -7.99 -1.06
N ILE B 28 -12.78 -8.21 -1.87
CA ILE B 28 -11.87 -7.17 -2.36
C ILE B 28 -12.56 -6.33 -3.45
N PRO B 29 -12.52 -4.98 -3.37
CA PRO B 29 -13.16 -4.09 -4.35
C PRO B 29 -12.44 -4.13 -5.72
N PRO B 30 -13.11 -3.74 -6.83
CA PRO B 30 -12.50 -3.75 -8.15
C PRO B 30 -11.31 -2.79 -8.27
N ALA B 31 -10.31 -3.18 -9.07
CA ALA B 31 -9.18 -2.33 -9.43
C ALA B 31 -9.58 -1.20 -10.42
N PRO B 32 -8.83 -0.08 -10.47
CA PRO B 32 -9.07 1.00 -11.42
C PRO B 32 -8.75 0.61 -12.87
N ASN B 33 -9.06 1.52 -13.81
CA ASN B 33 -8.86 1.34 -15.25
C ASN B 33 -7.45 1.74 -15.72
N TRP B 34 -6.57 2.15 -14.79
CA TRP B 34 -5.23 2.66 -15.07
C TRP B 34 -4.15 2.05 -14.16
N PRO B 35 -2.88 2.00 -14.60
CA PRO B 35 -1.76 1.47 -13.80
C PRO B 35 -1.37 2.37 -12.63
N ALA B 36 -0.80 1.78 -11.59
CA ALA B 36 -0.40 2.47 -10.37
C ALA B 36 0.75 3.48 -10.59
N PRO B 37 0.74 4.64 -9.90
CA PRO B 37 1.80 5.66 -10.00
C PRO B 37 3.10 5.24 -9.30
N THR B 38 4.12 6.09 -9.38
CA THR B 38 5.48 5.85 -8.87
C THR B 38 6.01 7.01 -8.01
N PRO B 39 6.96 6.76 -7.09
CA PRO B 39 7.62 7.81 -6.30
C PRO B 39 8.55 8.68 -7.16
N PRO B 40 8.99 9.85 -6.66
CA PRO B 40 9.96 10.71 -7.35
C PRO B 40 11.35 10.06 -7.47
N VAL B 41 12.20 10.64 -8.33
CA VAL B 41 13.52 10.10 -8.72
C VAL B 41 14.61 11.12 -8.35
N GLN B 42 14.90 11.14 -7.05
CA GLN B 42 15.89 11.99 -6.38
C GLN B 42 16.54 11.26 -5.18
N ASN B 43 17.71 11.75 -4.74
CA ASN B 43 18.48 11.22 -3.60
C ASN B 43 18.08 11.90 -2.27
N GLY A 1 5.65 -17.76 21.06
CA GLY A 1 5.15 -18.33 19.79
C GLY A 1 5.98 -17.84 18.61
N SER A 2 5.32 -17.32 17.57
CA SER A 2 5.93 -16.77 16.34
C SER A 2 5.21 -15.49 15.88
N HIS A 3 5.87 -14.69 15.04
CA HIS A 3 5.44 -13.34 14.64
C HIS A 3 5.58 -13.07 13.13
N MET A 4 5.57 -14.14 12.31
CA MET A 4 5.76 -14.09 10.85
C MET A 4 4.46 -14.06 10.02
N LYS A 5 3.29 -14.21 10.66
CA LYS A 5 1.97 -14.32 9.99
C LYS A 5 1.40 -12.98 9.53
N LYS A 6 1.46 -11.95 10.37
CA LYS A 6 1.15 -10.55 10.02
C LYS A 6 2.37 -9.88 9.35
N GLN A 7 2.67 -10.28 8.11
CA GLN A 7 3.68 -9.58 7.30
C GLN A 7 3.25 -8.13 7.05
N LYS A 8 4.21 -7.22 7.19
CA LYS A 8 4.03 -5.77 7.01
C LYS A 8 5.00 -5.23 5.97
N VAL A 9 4.70 -4.02 5.52
CA VAL A 9 5.53 -3.18 4.65
C VAL A 9 5.56 -1.76 5.20
N LYS A 10 6.60 -1.00 4.85
CA LYS A 10 6.78 0.39 5.25
C LYS A 10 6.86 1.28 4.01
N THR A 11 6.17 2.41 4.09
CA THR A 11 6.00 3.39 2.99
C THR A 11 7.23 4.30 2.88
N ILE A 12 7.55 4.75 1.65
CA ILE A 12 8.75 5.57 1.37
C ILE A 12 8.43 7.02 0.94
N PHE A 13 7.17 7.34 0.65
CA PHE A 13 6.63 8.69 0.41
C PHE A 13 5.12 8.75 0.71
N PRO A 14 4.53 9.93 0.97
CA PRO A 14 3.08 10.08 1.23
C PRO A 14 2.22 9.85 -0.02
N HIS A 15 0.94 9.47 0.19
CA HIS A 15 -0.05 9.19 -0.87
C HIS A 15 -1.41 9.81 -0.55
N THR A 16 -2.10 10.35 -1.56
CA THR A 16 -3.35 11.13 -1.44
C THR A 16 -4.42 10.58 -2.39
N ALA A 17 -5.58 10.18 -1.84
CA ALA A 17 -6.68 9.56 -2.61
C ALA A 17 -7.43 10.55 -3.53
N GLY A 18 -7.50 11.83 -3.16
CA GLY A 18 -8.24 12.86 -3.92
C GLY A 18 -9.74 12.55 -4.04
N SER A 19 -10.30 12.71 -5.26
CA SER A 19 -11.72 12.44 -5.55
C SER A 19 -12.12 10.95 -5.46
N ASN A 20 -11.16 10.03 -5.66
CA ASN A 20 -11.39 8.58 -5.55
C ASN A 20 -11.65 8.12 -4.10
N LYS A 21 -12.35 6.98 -3.96
CA LYS A 21 -12.75 6.39 -2.65
C LYS A 21 -12.05 5.06 -2.32
N THR A 22 -11.60 4.32 -3.34
CA THR A 22 -11.00 2.98 -3.20
C THR A 22 -9.47 3.00 -3.06
N LEU A 23 -8.87 4.17 -2.80
CA LEU A 23 -7.42 4.35 -2.63
C LEU A 23 -7.08 4.52 -1.14
N LEU A 24 -6.09 3.78 -0.65
CA LEU A 24 -5.56 3.93 0.72
C LEU A 24 -4.52 5.07 0.76
N SER A 25 -4.68 6.01 1.71
CA SER A 25 -3.81 7.19 1.91
C SER A 25 -2.95 7.05 3.17
N PHE A 26 -1.74 7.61 3.13
CA PHE A 26 -0.67 7.43 4.14
C PHE A 26 0.44 8.49 3.99
N ALA A 27 1.43 8.44 4.88
CA ALA A 27 2.64 9.26 4.91
C ALA A 27 3.91 8.39 4.86
N GLN A 28 5.09 8.99 4.64
CA GLN A 28 6.38 8.28 4.72
C GLN A 28 6.62 7.72 6.13
N GLY A 29 7.10 6.47 6.22
CA GLY A 29 7.42 5.81 7.50
C GLY A 29 6.22 5.14 8.18
N ASP A 30 5.01 5.25 7.62
CA ASP A 30 3.83 4.50 8.04
C ASP A 30 3.92 3.01 7.71
N VAL A 31 3.03 2.22 8.29
CA VAL A 31 3.06 0.75 8.30
C VAL A 31 1.74 0.20 7.76
N ILE A 32 1.81 -0.77 6.85
CA ILE A 32 0.65 -1.37 6.17
C ILE A 32 0.81 -2.89 6.12
N THR A 33 -0.30 -3.62 6.31
CA THR A 33 -0.35 -5.08 6.35
C THR A 33 -0.85 -5.64 5.02
N LEU A 34 -0.27 -6.75 4.53
CA LEU A 34 -0.67 -7.34 3.25
C LEU A 34 -1.96 -8.19 3.38
N LEU A 35 -2.87 -8.04 2.41
CA LEU A 35 -4.16 -8.76 2.36
C LEU A 35 -4.30 -9.69 1.13
N ILE A 36 -3.40 -9.57 0.14
CA ILE A 36 -3.32 -10.41 -1.07
C ILE A 36 -1.89 -10.95 -1.23
N PRO A 37 -1.73 -12.23 -1.64
CA PRO A 37 -0.41 -12.84 -1.87
C PRO A 37 0.31 -12.33 -3.15
N GLU A 38 -0.36 -11.54 -3.98
CA GLU A 38 0.21 -10.86 -5.16
C GLU A 38 -0.52 -9.53 -5.47
N GLU A 39 0.16 -8.62 -6.19
CA GLU A 39 -0.41 -7.34 -6.65
C GLU A 39 -1.18 -7.47 -7.98
N LYS A 40 -1.88 -6.40 -8.39
CA LYS A 40 -2.75 -6.34 -9.59
C LYS A 40 -2.48 -5.08 -10.39
N ASP A 41 -1.88 -5.23 -11.58
CA ASP A 41 -1.52 -4.12 -12.50
C ASP A 41 -0.72 -2.96 -11.84
N GLY A 42 0.09 -3.30 -10.82
CA GLY A 42 0.89 -2.35 -10.03
C GLY A 42 0.27 -1.95 -8.68
N TRP A 43 -0.99 -2.34 -8.42
CA TRP A 43 -1.71 -2.01 -7.20
C TRP A 43 -1.69 -3.16 -6.20
N LEU A 44 -1.30 -2.88 -4.95
CA LEU A 44 -1.51 -3.76 -3.81
C LEU A 44 -2.77 -3.36 -3.05
N TYR A 45 -3.28 -4.29 -2.24
CA TYR A 45 -4.40 -4.09 -1.32
C TYR A 45 -3.93 -4.50 0.07
N GLY A 46 -4.01 -3.56 1.00
CA GLY A 46 -3.49 -3.71 2.36
C GLY A 46 -4.34 -3.01 3.42
N GLU A 47 -4.05 -3.28 4.68
CA GLU A 47 -4.69 -2.67 5.85
C GLU A 47 -3.65 -1.88 6.65
N HIS A 48 -3.83 -0.56 6.70
CA HIS A 48 -2.96 0.37 7.42
C HIS A 48 -2.94 0.09 8.93
N ASP A 49 -1.80 0.31 9.61
CA ASP A 49 -1.69 0.05 11.05
C ASP A 49 -2.27 1.20 11.91
N VAL A 50 -1.94 2.47 11.59
CA VAL A 50 -2.50 3.66 12.28
C VAL A 50 -3.99 3.89 11.98
N SER A 51 -4.41 3.95 10.70
CA SER A 51 -5.77 4.33 10.30
C SER A 51 -6.76 3.15 10.29
N LYS A 52 -6.24 1.92 10.18
CA LYS A 52 -7.00 0.67 9.92
C LYS A 52 -7.87 0.70 8.65
N ALA A 53 -7.62 1.66 7.78
CA ALA A 53 -8.25 1.73 6.47
C ALA A 53 -7.70 0.67 5.50
N ARG A 54 -8.53 0.33 4.50
CA ARG A 54 -8.25 -0.61 3.41
C ARG A 54 -8.53 0.05 2.06
N GLY A 55 -7.78 -0.33 1.04
CA GLY A 55 -7.92 0.16 -0.32
C GLY A 55 -6.73 -0.24 -1.20
N TRP A 56 -6.87 -0.04 -2.51
CA TRP A 56 -5.77 -0.18 -3.45
C TRP A 56 -4.73 0.94 -3.23
N PHE A 57 -3.45 0.63 -3.44
CA PHE A 57 -2.36 1.62 -3.40
C PHE A 57 -1.19 1.15 -4.29
N PRO A 58 -0.36 2.08 -4.81
CA PRO A 58 0.79 1.72 -5.64
C PRO A 58 1.80 0.89 -4.83
N SER A 59 2.13 -0.32 -5.29
CA SER A 59 3.15 -1.15 -4.64
C SER A 59 4.50 -0.44 -4.54
N SER A 60 4.85 0.34 -5.57
CA SER A 60 6.07 1.17 -5.69
C SER A 60 6.24 2.22 -4.59
N TYR A 61 5.17 2.62 -3.89
CA TYR A 61 5.20 3.54 -2.74
C TYR A 61 5.64 2.86 -1.42
N THR A 62 5.95 1.56 -1.47
CA THR A 62 6.49 0.75 -0.37
C THR A 62 7.71 -0.06 -0.85
N LYS A 63 8.49 -0.59 0.10
CA LYS A 63 9.68 -1.43 -0.18
C LYS A 63 9.59 -2.73 0.62
N LEU A 64 9.83 -2.64 1.93
CA LEU A 64 9.62 -3.66 2.96
C LEU A 64 9.81 -2.98 4.33
N LEU A 65 9.23 -3.52 5.42
CA LEU A 65 9.49 -3.01 6.77
C LEU A 65 10.94 -3.19 7.19
N GLU A 66 11.32 -4.45 7.19
CA GLU A 66 12.59 -4.99 7.68
C GLU A 66 13.19 -6.02 6.71
N GLU A 67 14.52 -6.06 6.63
CA GLU A 67 15.30 -6.74 5.57
C GLU A 67 16.50 -7.53 6.13
N HIS B 27 -15.40 -8.76 0.64
CA HIS B 27 -14.69 -9.02 -0.63
C HIS B 27 -13.87 -7.80 -1.07
N ILE B 28 -12.72 -8.03 -1.72
CA ILE B 28 -11.82 -6.98 -2.26
C ILE B 28 -12.54 -6.20 -3.39
N PRO B 29 -12.50 -4.85 -3.38
CA PRO B 29 -13.11 -4.01 -4.42
C PRO B 29 -12.38 -4.13 -5.78
N PRO B 30 -13.02 -3.77 -6.91
CA PRO B 30 -12.39 -3.85 -8.23
C PRO B 30 -11.18 -2.91 -8.35
N ALA B 31 -10.15 -3.36 -9.08
CA ALA B 31 -9.01 -2.54 -9.45
C ALA B 31 -9.41 -1.44 -10.48
N PRO B 32 -8.70 -0.30 -10.54
CA PRO B 32 -8.97 0.77 -11.50
C PRO B 32 -8.64 0.38 -12.95
N ASN B 33 -8.98 1.29 -13.87
CA ASN B 33 -8.79 1.11 -15.32
C ASN B 33 -7.39 1.55 -15.79
N TRP B 34 -6.54 1.99 -14.86
CA TRP B 34 -5.19 2.53 -15.14
C TRP B 34 -4.11 1.95 -14.22
N PRO B 35 -2.84 1.89 -14.66
CA PRO B 35 -1.71 1.39 -13.87
C PRO B 35 -1.32 2.35 -12.73
N ALA B 36 -0.77 1.77 -11.66
CA ALA B 36 -0.40 2.52 -10.45
C ALA B 36 0.79 3.50 -10.68
N PRO B 37 0.82 4.65 -9.99
CA PRO B 37 1.89 5.64 -10.07
C PRO B 37 3.18 5.18 -9.35
N THR B 38 4.23 6.01 -9.41
CA THR B 38 5.58 5.73 -8.88
C THR B 38 6.15 6.89 -8.05
N PRO B 39 7.08 6.62 -7.10
CA PRO B 39 7.75 7.64 -6.30
C PRO B 39 8.70 8.51 -7.16
N PRO B 40 9.08 9.72 -6.69
CA PRO B 40 10.01 10.61 -7.40
C PRO B 40 11.43 10.04 -7.50
N VAL B 41 12.15 10.41 -8.56
CA VAL B 41 13.53 9.95 -8.85
C VAL B 41 14.56 10.58 -7.89
N GLN B 42 14.28 11.79 -7.39
CA GLN B 42 15.17 12.58 -6.52
C GLN B 42 14.38 13.49 -5.55
N ASN B 43 15.08 14.06 -4.55
CA ASN B 43 14.56 15.04 -3.59
C ASN B 43 14.01 16.32 -4.25
N GLY A 1 11.43 -21.11 4.49
CA GLY A 1 11.86 -19.74 4.13
C GLY A 1 11.58 -18.76 5.24
N SER A 2 10.58 -17.90 5.07
CA SER A 2 10.10 -16.92 6.07
C SER A 2 9.58 -17.57 7.36
N HIS A 3 9.52 -16.79 8.45
CA HIS A 3 9.11 -17.26 9.79
C HIS A 3 8.00 -16.43 10.46
N MET A 4 7.83 -15.15 10.09
CA MET A 4 6.73 -14.30 10.58
C MET A 4 5.38 -14.75 10.00
N LYS A 5 4.34 -14.82 10.84
CA LYS A 5 2.99 -15.33 10.45
C LYS A 5 2.23 -14.39 9.51
N LYS A 6 2.53 -13.09 9.57
CA LYS A 6 1.99 -12.02 8.72
C LYS A 6 3.13 -11.33 7.95
N GLN A 7 2.78 -10.55 6.93
CA GLN A 7 3.73 -9.74 6.17
C GLN A 7 3.32 -8.28 6.16
N LYS A 8 4.31 -7.40 6.33
CA LYS A 8 4.18 -5.95 6.31
C LYS A 8 5.05 -5.33 5.23
N VAL A 9 4.73 -4.08 4.94
CA VAL A 9 5.51 -3.14 4.13
C VAL A 9 5.57 -1.81 4.85
N LYS A 10 6.61 -1.04 4.54
CA LYS A 10 6.86 0.28 5.12
C LYS A 10 6.86 1.33 4.01
N THR A 11 6.12 2.41 4.22
CA THR A 11 5.95 3.48 3.21
C THR A 11 7.21 4.35 3.12
N ILE A 12 7.45 4.93 1.94
CA ILE A 12 8.64 5.77 1.67
C ILE A 12 8.31 7.20 1.19
N PHE A 13 7.04 7.50 0.91
CA PHE A 13 6.47 8.83 0.65
C PHE A 13 4.97 8.84 0.96
N PRO A 14 4.33 10.02 1.20
CA PRO A 14 2.88 10.11 1.43
C PRO A 14 2.05 9.81 0.17
N HIS A 15 0.78 9.46 0.35
CA HIS A 15 -0.18 9.15 -0.73
C HIS A 15 -1.58 9.72 -0.45
N THR A 16 -2.35 10.02 -1.51
CA THR A 16 -3.67 10.67 -1.45
C THR A 16 -4.61 10.18 -2.58
N ALA A 17 -5.92 10.27 -2.35
CA ALA A 17 -6.96 9.76 -3.27
C ALA A 17 -7.45 10.82 -4.27
N GLY A 18 -7.53 12.10 -3.88
CA GLY A 18 -7.92 13.26 -4.70
C GLY A 18 -9.41 13.32 -5.11
N SER A 19 -9.88 12.32 -5.87
CA SER A 19 -11.23 12.24 -6.49
C SER A 19 -11.81 10.82 -6.45
N ASN A 20 -11.30 9.96 -5.57
CA ASN A 20 -11.49 8.51 -5.56
C ASN A 20 -11.96 8.01 -4.18
N LYS A 21 -12.48 6.77 -4.10
CA LYS A 21 -13.02 6.15 -2.85
C LYS A 21 -12.30 4.87 -2.40
N THR A 22 -11.45 4.29 -3.26
CA THR A 22 -10.81 2.97 -3.07
C THR A 22 -9.29 3.06 -2.96
N LEU A 23 -8.74 4.26 -2.72
CA LEU A 23 -7.31 4.51 -2.59
C LEU A 23 -6.91 4.78 -1.13
N LEU A 24 -6.07 3.91 -0.56
CA LEU A 24 -5.56 4.05 0.81
C LEU A 24 -4.54 5.19 0.89
N SER A 25 -4.76 6.16 1.77
CA SER A 25 -3.85 7.29 2.04
C SER A 25 -2.97 7.04 3.28
N PHE A 26 -1.79 7.67 3.30
CA PHE A 26 -0.73 7.48 4.31
C PHE A 26 0.37 8.55 4.22
N ALA A 27 1.36 8.48 5.12
CA ALA A 27 2.56 9.31 5.14
C ALA A 27 3.84 8.45 5.00
N GLN A 28 5.01 9.07 4.89
CA GLN A 28 6.31 8.38 4.92
C GLN A 28 6.57 7.73 6.29
N GLY A 29 7.17 6.53 6.31
CA GLY A 29 7.57 5.81 7.53
C GLY A 29 6.43 5.08 8.25
N ASP A 30 5.22 5.07 7.69
CA ASP A 30 4.07 4.31 8.17
C ASP A 30 4.16 2.82 7.82
N VAL A 31 3.26 2.02 8.42
CA VAL A 31 3.26 0.55 8.37
C VAL A 31 1.92 0.07 7.83
N ILE A 32 1.96 -0.81 6.83
CA ILE A 32 0.77 -1.37 6.16
C ILE A 32 0.92 -2.89 6.01
N THR A 33 -0.16 -3.63 6.29
CA THR A 33 -0.22 -5.10 6.19
C THR A 33 -0.83 -5.53 4.87
N LEU A 34 -0.30 -6.58 4.23
CA LEU A 34 -0.81 -7.07 2.95
C LEU A 34 -2.06 -7.94 3.13
N LEU A 35 -3.00 -7.85 2.19
CA LEU A 35 -4.29 -8.58 2.19
C LEU A 35 -4.45 -9.53 0.97
N ILE A 36 -3.46 -9.57 0.07
CA ILE A 36 -3.39 -10.44 -1.12
C ILE A 36 -1.99 -11.06 -1.23
N PRO A 37 -1.88 -12.33 -1.67
CA PRO A 37 -0.59 -13.01 -1.89
C PRO A 37 0.17 -12.49 -3.13
N GLU A 38 -0.44 -11.65 -3.98
CA GLU A 38 0.17 -10.98 -5.13
C GLU A 38 -0.54 -9.65 -5.46
N GLU A 39 0.19 -8.67 -6.00
CA GLU A 39 -0.36 -7.40 -6.51
C GLU A 39 -1.18 -7.56 -7.81
N LYS A 40 -1.91 -6.49 -8.19
CA LYS A 40 -2.74 -6.40 -9.42
C LYS A 40 -2.29 -5.19 -10.25
N ASP A 41 -1.55 -5.44 -11.33
CA ASP A 41 -1.07 -4.40 -12.27
C ASP A 41 -0.34 -3.20 -11.61
N GLY A 42 0.38 -3.48 -10.50
CA GLY A 42 1.12 -2.48 -9.71
C GLY A 42 0.38 -2.00 -8.45
N TRP A 43 -0.91 -2.29 -8.32
CA TRP A 43 -1.71 -1.98 -7.14
C TRP A 43 -1.66 -3.13 -6.13
N LEU A 44 -1.20 -2.85 -4.91
CA LEU A 44 -1.41 -3.72 -3.75
C LEU A 44 -2.73 -3.35 -3.06
N TYR A 45 -3.26 -4.29 -2.28
CA TYR A 45 -4.39 -4.10 -1.36
C TYR A 45 -3.91 -4.44 0.04
N GLY A 46 -4.08 -3.51 0.96
CA GLY A 46 -3.55 -3.60 2.31
C GLY A 46 -4.40 -2.89 3.36
N GLU A 47 -4.04 -3.10 4.63
CA GLU A 47 -4.67 -2.48 5.79
C GLU A 47 -3.60 -1.73 6.61
N HIS A 48 -3.80 -0.42 6.78
CA HIS A 48 -2.93 0.47 7.55
C HIS A 48 -2.91 0.12 9.05
N ASP A 49 -1.81 0.38 9.75
CA ASP A 49 -1.72 0.11 11.20
C ASP A 49 -2.35 1.23 12.07
N VAL A 50 -2.02 2.50 11.82
CA VAL A 50 -2.57 3.66 12.56
C VAL A 50 -4.05 3.95 12.22
N SER A 51 -4.43 4.07 10.94
CA SER A 51 -5.78 4.46 10.51
C SER A 51 -6.76 3.27 10.46
N LYS A 52 -6.22 2.04 10.32
CA LYS A 52 -6.96 0.78 10.02
C LYS A 52 -7.81 0.84 8.75
N ALA A 53 -7.57 1.83 7.89
CA ALA A 53 -8.20 1.92 6.59
C ALA A 53 -7.63 0.89 5.60
N ARG A 54 -8.47 0.53 4.62
CA ARG A 54 -8.18 -0.40 3.53
C ARG A 54 -8.42 0.26 2.18
N GLY A 55 -7.72 -0.22 1.16
CA GLY A 55 -7.86 0.22 -0.23
C GLY A 55 -6.71 -0.25 -1.11
N TRP A 56 -6.86 -0.08 -2.42
CA TRP A 56 -5.75 -0.21 -3.37
C TRP A 56 -4.73 0.92 -3.15
N PHE A 57 -3.45 0.66 -3.40
CA PHE A 57 -2.38 1.67 -3.39
C PHE A 57 -1.21 1.19 -4.26
N PRO A 58 -0.40 2.12 -4.81
CA PRO A 58 0.78 1.75 -5.61
C PRO A 58 1.80 1.01 -4.76
N SER A 59 2.19 -0.20 -5.17
CA SER A 59 3.21 -1.00 -4.46
C SER A 59 4.53 -0.25 -4.33
N SER A 60 4.93 0.50 -5.36
CA SER A 60 6.16 1.30 -5.44
C SER A 60 6.26 2.41 -4.38
N TYR A 61 5.14 2.89 -3.83
CA TYR A 61 5.09 3.84 -2.70
C TYR A 61 5.49 3.21 -1.35
N THR A 62 5.77 1.91 -1.34
CA THR A 62 6.24 1.15 -0.18
C THR A 62 7.49 0.34 -0.54
N LYS A 63 8.24 -0.06 0.49
CA LYS A 63 9.37 -0.98 0.40
C LYS A 63 9.13 -2.17 1.33
N LEU A 64 9.86 -3.25 1.07
CA LEU A 64 9.86 -4.43 1.93
C LEU A 64 10.47 -4.07 3.30
N LEU A 65 9.74 -4.30 4.39
CA LEU A 65 10.14 -3.91 5.74
C LEU A 65 11.53 -4.44 6.14
N GLU A 66 11.64 -5.72 5.96
CA GLU A 66 12.80 -6.59 6.23
C GLU A 66 13.88 -6.49 5.14
N GLU A 67 14.66 -5.41 5.16
CA GLU A 67 15.81 -5.12 4.27
C GLU A 67 16.79 -6.30 4.08
N HIS B 27 -15.02 -9.01 0.88
CA HIS B 27 -14.57 -9.13 -0.53
C HIS B 27 -13.72 -7.91 -0.94
N ILE B 28 -12.65 -8.15 -1.71
CA ILE B 28 -11.74 -7.12 -2.24
C ILE B 28 -12.48 -6.28 -3.31
N PRO B 29 -12.42 -4.94 -3.28
CA PRO B 29 -13.06 -4.07 -4.27
C PRO B 29 -12.37 -4.16 -5.65
N PRO B 30 -13.05 -3.79 -6.75
CA PRO B 30 -12.46 -3.84 -8.09
C PRO B 30 -11.28 -2.89 -8.24
N ALA B 31 -10.29 -3.31 -9.03
CA ALA B 31 -9.15 -2.46 -9.41
C ALA B 31 -9.54 -1.37 -10.42
N PRO B 32 -8.79 -0.25 -10.50
CA PRO B 32 -9.00 0.81 -11.49
C PRO B 32 -8.68 0.36 -12.92
N ASN B 33 -8.97 1.25 -13.88
CA ASN B 33 -8.77 1.02 -15.32
C ASN B 33 -7.37 1.45 -15.81
N TRP B 34 -6.51 1.90 -14.89
CA TRP B 34 -5.16 2.41 -15.18
C TRP B 34 -4.09 1.85 -14.23
N PRO B 35 -2.81 1.78 -14.66
CA PRO B 35 -1.70 1.29 -13.86
C PRO B 35 -1.32 2.24 -12.71
N ALA B 36 -0.77 1.67 -11.64
CA ALA B 36 -0.41 2.42 -10.44
C ALA B 36 0.77 3.39 -10.67
N PRO B 37 0.76 4.58 -10.02
CA PRO B 37 1.84 5.57 -10.10
C PRO B 37 3.10 5.14 -9.33
N THR B 38 4.14 5.98 -9.37
CA THR B 38 5.47 5.73 -8.78
C THR B 38 5.97 6.90 -7.93
N PRO B 39 6.88 6.65 -6.95
CA PRO B 39 7.52 7.71 -6.16
C PRO B 39 8.46 8.57 -7.02
N PRO B 40 8.88 9.76 -6.55
CA PRO B 40 9.84 10.61 -7.25
C PRO B 40 11.22 9.94 -7.39
N VAL B 41 12.02 10.40 -8.36
CA VAL B 41 13.36 9.93 -8.68
C VAL B 41 14.41 10.19 -7.60
N GLN B 42 14.10 11.03 -6.61
CA GLN B 42 14.95 11.36 -5.45
C GLN B 42 14.55 10.50 -4.23
N ASN B 43 15.51 9.79 -3.63
CA ASN B 43 15.33 9.02 -2.38
C ASN B 43 15.03 9.93 -1.16
N GLY A 1 5.49 -19.67 3.25
CA GLY A 1 4.93 -19.52 4.61
C GLY A 1 3.47 -19.95 4.64
N SER A 2 3.05 -20.62 5.72
CA SER A 2 1.69 -21.20 5.87
C SER A 2 0.97 -20.76 7.16
N HIS A 3 1.68 -20.77 8.30
CA HIS A 3 1.19 -20.20 9.57
C HIS A 3 1.56 -18.71 9.75
N MET A 4 2.42 -18.16 8.87
CA MET A 4 2.97 -16.80 8.92
C MET A 4 2.63 -16.06 7.61
N LYS A 5 1.43 -15.47 7.59
CA LYS A 5 0.83 -14.80 6.41
C LYS A 5 0.52 -13.31 6.60
N LYS A 6 0.82 -12.76 7.79
CA LYS A 6 0.68 -11.35 8.18
C LYS A 6 1.97 -10.57 7.85
N GLN A 7 2.38 -10.59 6.58
CA GLN A 7 3.52 -9.82 6.09
C GLN A 7 3.21 -8.32 6.13
N LYS A 8 4.27 -7.53 6.35
CA LYS A 8 4.21 -6.08 6.51
C LYS A 8 5.12 -5.37 5.53
N VAL A 9 4.79 -4.11 5.24
CA VAL A 9 5.56 -3.20 4.40
C VAL A 9 5.59 -1.81 5.04
N LYS A 10 6.61 -1.02 4.66
CA LYS A 10 6.76 0.38 5.08
C LYS A 10 6.82 1.30 3.86
N THR A 11 6.07 2.40 3.94
CA THR A 11 5.94 3.42 2.89
C THR A 11 7.17 4.34 2.83
N ILE A 12 7.42 4.96 1.67
CA ILE A 12 8.56 5.86 1.45
C ILE A 12 8.21 7.29 0.99
N PHE A 13 6.93 7.56 0.69
CA PHE A 13 6.37 8.90 0.45
C PHE A 13 4.86 8.93 0.77
N PRO A 14 4.25 10.11 1.05
CA PRO A 14 2.82 10.22 1.35
C PRO A 14 1.93 9.99 0.12
N HIS A 15 0.69 9.58 0.37
CA HIS A 15 -0.33 9.26 -0.64
C HIS A 15 -1.72 9.69 -0.16
N THR A 16 -2.53 10.29 -1.04
CA THR A 16 -3.88 10.80 -0.73
C THR A 16 -4.83 10.54 -1.89
N ALA A 17 -5.96 9.87 -1.63
CA ALA A 17 -7.00 9.58 -2.63
C ALA A 17 -7.63 10.87 -3.23
N GLY A 18 -8.08 11.82 -2.41
CA GLY A 18 -8.75 13.05 -2.86
C GLY A 18 -9.92 12.79 -3.84
N SER A 19 -9.73 13.15 -5.11
CA SER A 19 -10.70 12.91 -6.21
C SER A 19 -10.81 11.43 -6.64
N ASN A 20 -9.86 10.56 -6.26
CA ASN A 20 -9.91 9.11 -6.52
C ASN A 20 -10.99 8.40 -5.65
N LYS A 21 -11.14 7.09 -5.88
CA LYS A 21 -11.97 6.16 -5.08
C LYS A 21 -11.18 4.88 -4.77
N THR A 22 -11.55 4.20 -3.68
CA THR A 22 -11.02 2.89 -3.21
C THR A 22 -9.50 2.83 -2.97
N LEU A 23 -8.82 3.98 -2.84
CA LEU A 23 -7.38 4.08 -2.62
C LEU A 23 -7.08 4.31 -1.13
N LEU A 24 -6.06 3.63 -0.59
CA LEU A 24 -5.61 3.83 0.80
C LEU A 24 -4.65 5.04 0.89
N SER A 25 -4.97 6.01 1.76
CA SER A 25 -4.14 7.19 2.05
C SER A 25 -3.19 6.94 3.24
N PHE A 26 -2.00 7.55 3.21
CA PHE A 26 -0.92 7.38 4.20
C PHE A 26 0.18 8.46 4.10
N ALA A 27 1.18 8.42 4.98
CA ALA A 27 2.37 9.26 4.97
C ALA A 27 3.66 8.43 4.74
N GLN A 28 4.81 9.09 4.61
CA GLN A 28 6.13 8.44 4.64
C GLN A 28 6.39 7.75 6.00
N GLY A 29 7.01 6.56 5.99
CA GLY A 29 7.39 5.84 7.20
C GLY A 29 6.22 5.22 7.97
N ASP A 30 5.05 5.06 7.33
CA ASP A 30 3.88 4.38 7.88
C ASP A 30 3.92 2.87 7.60
N VAL A 31 3.16 2.10 8.39
CA VAL A 31 3.15 0.64 8.40
C VAL A 31 1.83 0.12 7.85
N ILE A 32 1.89 -0.81 6.89
CA ILE A 32 0.73 -1.40 6.20
C ILE A 32 0.92 -2.91 6.10
N THR A 33 -0.15 -3.67 6.38
CA THR A 33 -0.16 -5.15 6.32
C THR A 33 -0.74 -5.62 4.99
N LEU A 34 -0.17 -6.67 4.38
CA LEU A 34 -0.67 -7.19 3.10
C LEU A 34 -1.92 -8.08 3.29
N LEU A 35 -2.89 -7.97 2.37
CA LEU A 35 -4.17 -8.70 2.40
C LEU A 35 -4.40 -9.61 1.17
N ILE A 36 -3.51 -9.57 0.18
CA ILE A 36 -3.47 -10.45 -1.01
C ILE A 36 -2.06 -11.06 -1.12
N PRO A 37 -1.93 -12.30 -1.61
CA PRO A 37 -0.64 -12.96 -1.81
C PRO A 37 0.11 -12.41 -3.04
N GLU A 38 -0.59 -11.71 -3.95
CA GLU A 38 -0.05 -11.11 -5.18
C GLU A 38 -0.82 -9.82 -5.54
N GLU A 39 -0.09 -8.83 -6.06
CA GLU A 39 -0.61 -7.54 -6.54
C GLU A 39 -1.39 -7.65 -7.88
N LYS A 40 -2.02 -6.55 -8.31
CA LYS A 40 -2.86 -6.43 -9.51
C LYS A 40 -2.49 -5.18 -10.32
N ASP A 41 -1.86 -5.38 -11.48
CA ASP A 41 -1.42 -4.30 -12.40
C ASP A 41 -0.63 -3.15 -11.74
N GLY A 42 0.15 -3.47 -10.70
CA GLY A 42 0.95 -2.53 -9.90
C GLY A 42 0.29 -2.09 -8.58
N TRP A 43 -0.97 -2.46 -8.34
CA TRP A 43 -1.71 -2.12 -7.13
C TRP A 43 -1.72 -3.29 -6.13
N LEU A 44 -1.36 -3.02 -4.88
CA LEU A 44 -1.55 -3.92 -3.74
C LEU A 44 -2.80 -3.53 -2.95
N TYR A 45 -3.29 -4.46 -2.13
CA TYR A 45 -4.39 -4.26 -1.21
C TYR A 45 -3.89 -4.59 0.19
N GLY A 46 -3.98 -3.61 1.09
CA GLY A 46 -3.45 -3.69 2.44
C GLY A 46 -4.28 -2.96 3.49
N GLU A 47 -3.93 -3.18 4.76
CA GLU A 47 -4.56 -2.58 5.93
C GLU A 47 -3.52 -1.78 6.73
N HIS A 48 -3.76 -0.47 6.85
CA HIS A 48 -2.92 0.46 7.61
C HIS A 48 -2.87 0.10 9.10
N ASP A 49 -1.76 0.34 9.79
CA ASP A 49 -1.64 0.03 11.23
C ASP A 49 -2.27 1.10 12.14
N VAL A 50 -1.98 2.39 11.91
CA VAL A 50 -2.53 3.53 12.68
C VAL A 50 -4.03 3.76 12.40
N SER A 51 -4.44 3.88 11.12
CA SER A 51 -5.82 4.25 10.74
C SER A 51 -6.77 3.03 10.66
N LYS A 52 -6.21 1.82 10.48
CA LYS A 52 -6.92 0.57 10.16
C LYS A 52 -7.80 0.64 8.91
N ALA A 53 -7.54 1.62 8.05
CA ALA A 53 -8.18 1.74 6.76
C ALA A 53 -7.60 0.74 5.74
N ARG A 54 -8.43 0.39 4.75
CA ARG A 54 -8.14 -0.55 3.66
C ARG A 54 -8.45 0.09 2.30
N GLY A 55 -7.68 -0.30 1.29
CA GLY A 55 -7.86 0.15 -0.11
C GLY A 55 -6.68 -0.29 -0.98
N TRP A 56 -6.83 -0.09 -2.29
CA TRP A 56 -5.76 -0.27 -3.26
C TRP A 56 -4.67 0.81 -3.08
N PHE A 57 -3.40 0.47 -3.31
CA PHE A 57 -2.28 1.42 -3.29
C PHE A 57 -1.12 0.97 -4.20
N PRO A 58 -0.30 1.90 -4.72
CA PRO A 58 0.83 1.57 -5.57
C PRO A 58 1.89 0.76 -4.82
N SER A 59 2.26 -0.41 -5.33
CA SER A 59 3.34 -1.24 -4.77
C SER A 59 4.73 -0.55 -4.83
N SER A 60 4.91 0.44 -5.71
CA SER A 60 6.12 1.27 -5.80
C SER A 60 6.26 2.30 -4.68
N TYR A 61 5.19 2.63 -3.94
CA TYR A 61 5.19 3.57 -2.81
C TYR A 61 5.66 2.92 -1.48
N THR A 62 5.94 1.63 -1.50
CA THR A 62 6.53 0.84 -0.41
C THR A 62 7.75 0.05 -0.90
N LYS A 63 8.52 -0.55 0.01
CA LYS A 63 9.70 -1.37 -0.30
C LYS A 63 9.62 -2.71 0.44
N LEU A 64 9.95 -2.69 1.73
CA LEU A 64 9.80 -3.80 2.69
C LEU A 64 9.99 -3.19 4.10
N LEU A 65 9.29 -3.70 5.12
CA LEU A 65 9.46 -3.24 6.50
C LEU A 65 10.85 -3.55 7.06
N GLU A 66 11.05 -4.83 7.23
CA GLU A 66 12.18 -5.45 7.95
C GLU A 66 12.85 -6.55 7.11
N GLU A 67 14.18 -6.45 6.96
CA GLU A 67 15.00 -7.30 6.07
C GLU A 67 16.39 -7.62 6.67
N HIS B 27 -14.73 -8.69 1.18
CA HIS B 27 -14.65 -8.64 -0.30
C HIS B 27 -13.74 -7.48 -0.75
N ILE B 28 -12.69 -7.78 -1.53
CA ILE B 28 -11.79 -6.78 -2.11
C ILE B 28 -12.54 -5.97 -3.21
N PRO B 29 -12.49 -4.62 -3.19
CA PRO B 29 -13.13 -3.78 -4.22
C PRO B 29 -12.42 -3.92 -5.58
N PRO B 30 -13.06 -3.52 -6.70
CA PRO B 30 -12.45 -3.62 -8.02
C PRO B 30 -11.20 -2.73 -8.16
N ALA B 31 -10.20 -3.23 -8.88
CA ALA B 31 -9.04 -2.44 -9.28
C ALA B 31 -9.41 -1.37 -10.35
N PRO B 32 -8.67 -0.25 -10.43
CA PRO B 32 -8.93 0.81 -11.41
C PRO B 32 -8.60 0.41 -12.85
N ASN B 33 -8.91 1.30 -13.79
CA ASN B 33 -8.73 1.10 -15.24
C ASN B 33 -7.34 1.61 -15.72
N TRP B 34 -6.46 1.98 -14.79
CA TRP B 34 -5.12 2.49 -15.05
C TRP B 34 -4.04 1.87 -14.14
N PRO B 35 -2.77 1.80 -14.59
CA PRO B 35 -1.66 1.27 -13.80
C PRO B 35 -1.26 2.22 -12.66
N ALA B 36 -0.72 1.64 -11.59
CA ALA B 36 -0.37 2.37 -10.37
C ALA B 36 0.78 3.37 -10.57
N PRO B 37 0.75 4.55 -9.90
CA PRO B 37 1.79 5.58 -9.98
C PRO B 37 3.08 5.20 -9.24
N THR B 38 4.08 6.07 -9.33
CA THR B 38 5.46 5.84 -8.84
C THR B 38 6.00 7.03 -8.00
N PRO B 39 6.95 6.79 -7.07
CA PRO B 39 7.60 7.85 -6.29
C PRO B 39 8.51 8.74 -7.17
N PRO B 40 8.94 9.92 -6.67
CA PRO B 40 9.86 10.81 -7.38
C PRO B 40 11.27 10.20 -7.56
N VAL B 41 12.05 10.80 -8.48
CA VAL B 41 13.33 10.26 -9.00
C VAL B 41 14.39 11.38 -9.01
N GLN B 42 14.56 12.01 -7.84
CA GLN B 42 15.51 13.10 -7.55
C GLN B 42 16.99 12.63 -7.51
N ASN B 43 17.49 12.07 -8.63
CA ASN B 43 18.90 11.69 -8.84
C ASN B 43 19.84 12.90 -8.90
N GLY A 1 2.83 -15.62 15.39
CA GLY A 1 3.94 -14.68 15.09
C GLY A 1 4.80 -15.20 13.95
N SER A 2 4.50 -14.79 12.72
CA SER A 2 5.31 -15.09 11.52
C SER A 2 5.18 -14.02 10.42
N HIS A 3 6.29 -13.70 9.76
CA HIS A 3 6.36 -12.68 8.71
C HIS A 3 5.71 -13.11 7.38
N MET A 4 5.60 -14.41 7.11
CA MET A 4 5.02 -14.95 5.87
C MET A 4 3.48 -14.87 5.80
N LYS A 5 2.80 -14.78 6.96
CA LYS A 5 1.32 -14.70 7.07
C LYS A 5 0.82 -13.27 7.30
N LYS A 6 1.55 -12.49 8.09
CA LYS A 6 1.26 -11.08 8.46
C LYS A 6 2.29 -10.15 7.84
N GLN A 7 2.61 -10.38 6.56
CA GLN A 7 3.59 -9.60 5.80
C GLN A 7 3.29 -8.11 5.92
N LYS A 8 4.33 -7.33 6.23
CA LYS A 8 4.28 -5.87 6.37
C LYS A 8 5.21 -5.17 5.41
N VAL A 9 4.77 -4.01 4.98
CA VAL A 9 5.52 -3.07 4.16
C VAL A 9 5.51 -1.70 4.83
N LYS A 10 6.63 -0.98 4.72
CA LYS A 10 6.75 0.39 5.22
C LYS A 10 6.88 1.36 4.05
N THR A 11 6.08 2.41 4.10
CA THR A 11 5.93 3.44 3.06
C THR A 11 7.11 4.41 3.06
N ILE A 12 7.42 4.99 1.89
CA ILE A 12 8.58 5.89 1.71
C ILE A 12 8.23 7.29 1.18
N PHE A 13 6.96 7.55 0.84
CA PHE A 13 6.39 8.86 0.54
C PHE A 13 4.86 8.86 0.81
N PRO A 14 4.20 10.02 1.01
CA PRO A 14 2.75 10.09 1.22
C PRO A 14 1.94 9.76 -0.06
N HIS A 15 0.67 9.39 0.12
CA HIS A 15 -0.26 9.04 -0.97
C HIS A 15 -1.66 9.65 -0.76
N THR A 16 -2.36 9.95 -1.86
CA THR A 16 -3.52 10.85 -1.93
C THR A 16 -4.60 10.30 -2.88
N ALA A 17 -5.88 10.49 -2.54
CA ALA A 17 -7.02 9.95 -3.29
C ALA A 17 -7.86 11.01 -4.04
N GLY A 18 -7.92 12.25 -3.56
CA GLY A 18 -8.76 13.31 -4.14
C GLY A 18 -10.24 12.91 -4.25
N SER A 19 -10.77 12.83 -5.46
CA SER A 19 -12.15 12.40 -5.75
C SER A 19 -12.41 10.89 -5.62
N ASN A 20 -11.36 10.06 -5.58
CA ASN A 20 -11.47 8.60 -5.49
C ASN A 20 -11.92 8.12 -4.08
N LYS A 21 -12.44 6.89 -4.00
CA LYS A 21 -12.95 6.27 -2.74
C LYS A 21 -12.37 4.86 -2.43
N THR A 22 -11.52 4.32 -3.31
CA THR A 22 -10.93 2.97 -3.22
C THR A 22 -9.40 2.99 -3.09
N LEU A 23 -8.80 4.16 -2.85
CA LEU A 23 -7.36 4.36 -2.69
C LEU A 23 -7.00 4.61 -1.21
N LEU A 24 -6.08 3.81 -0.66
CA LEU A 24 -5.60 3.98 0.72
C LEU A 24 -4.59 5.14 0.80
N SER A 25 -4.81 6.08 1.72
CA SER A 25 -3.94 7.25 1.98
C SER A 25 -3.04 7.04 3.21
N PHE A 26 -1.83 7.61 3.17
CA PHE A 26 -0.77 7.44 4.19
C PHE A 26 0.32 8.52 4.06
N ALA A 27 1.31 8.48 4.94
CA ALA A 27 2.48 9.36 5.01
C ALA A 27 3.79 8.55 5.12
N GLN A 28 4.92 9.14 4.73
CA GLN A 28 6.24 8.50 4.81
C GLN A 28 6.53 7.91 6.21
N GLY A 29 6.94 6.64 6.24
CA GLY A 29 7.25 5.91 7.48
C GLY A 29 6.07 5.13 8.07
N ASP A 30 4.85 5.31 7.55
CA ASP A 30 3.67 4.52 7.93
C ASP A 30 3.80 3.06 7.46
N VAL A 31 3.13 2.16 8.18
CA VAL A 31 3.20 0.70 8.00
C VAL A 31 1.84 0.16 7.56
N ILE A 32 1.86 -0.80 6.63
CA ILE A 32 0.69 -1.43 6.03
C ILE A 32 0.92 -2.94 5.96
N THR A 33 -0.10 -3.72 6.32
CA THR A 33 -0.09 -5.19 6.27
C THR A 33 -0.79 -5.68 5.00
N LEU A 34 -0.23 -6.67 4.31
CA LEU A 34 -0.77 -7.18 3.06
C LEU A 34 -2.11 -7.94 3.24
N LEU A 35 -3.00 -7.85 2.24
CA LEU A 35 -4.31 -8.53 2.22
C LEU A 35 -4.49 -9.49 1.00
N ILE A 36 -3.49 -9.59 0.10
CA ILE A 36 -3.45 -10.48 -1.07
C ILE A 36 -2.05 -11.11 -1.18
N PRO A 37 -1.93 -12.38 -1.59
CA PRO A 37 -0.64 -13.05 -1.79
C PRO A 37 0.15 -12.51 -3.01
N GLU A 38 -0.52 -11.80 -3.93
CA GLU A 38 0.05 -11.17 -5.13
C GLU A 38 -0.65 -9.83 -5.44
N GLU A 39 0.07 -8.88 -6.05
CA GLU A 39 -0.49 -7.58 -6.48
C GLU A 39 -1.36 -7.67 -7.76
N LYS A 40 -2.02 -6.56 -8.11
CA LYS A 40 -2.91 -6.41 -9.28
C LYS A 40 -2.45 -5.23 -10.15
N ASP A 41 -1.78 -5.52 -11.26
CA ASP A 41 -1.33 -4.53 -12.27
C ASP A 41 -0.54 -3.32 -11.70
N GLY A 42 0.23 -3.54 -10.62
CA GLY A 42 1.03 -2.52 -9.92
C GLY A 42 0.37 -1.96 -8.64
N TRP A 43 -0.86 -2.38 -8.34
CA TRP A 43 -1.61 -2.01 -7.14
C TRP A 43 -1.61 -3.17 -6.13
N LEU A 44 -1.10 -2.92 -4.93
CA LEU A 44 -1.34 -3.78 -3.76
C LEU A 44 -2.65 -3.40 -3.08
N TYR A 45 -3.18 -4.34 -2.28
CA TYR A 45 -4.30 -4.13 -1.38
C TYR A 45 -3.83 -4.51 0.03
N GLY A 46 -4.02 -3.58 0.97
CA GLY A 46 -3.50 -3.71 2.32
C GLY A 46 -4.35 -2.99 3.37
N GLU A 47 -4.03 -3.24 4.64
CA GLU A 47 -4.65 -2.61 5.81
C GLU A 47 -3.57 -1.85 6.60
N HIS A 48 -3.77 -0.53 6.72
CA HIS A 48 -2.90 0.39 7.45
C HIS A 48 -2.79 0.03 8.94
N ASP A 49 -1.64 0.26 9.58
CA ASP A 49 -1.46 -0.04 11.01
C ASP A 49 -2.04 1.04 11.95
N VAL A 50 -1.76 2.33 11.69
CA VAL A 50 -2.27 3.47 12.48
C VAL A 50 -3.76 3.76 12.22
N SER A 51 -4.19 3.86 10.94
CA SER A 51 -5.55 4.28 10.56
C SER A 51 -6.54 3.10 10.51
N LYS A 52 -6.03 1.87 10.35
CA LYS A 52 -6.79 0.62 10.06
C LYS A 52 -7.68 0.69 8.82
N ALA A 53 -7.44 1.67 7.96
CA ALA A 53 -8.11 1.79 6.68
C ALA A 53 -7.58 0.79 5.64
N ARG A 54 -8.39 0.54 4.61
CA ARG A 54 -8.13 -0.39 3.49
C ARG A 54 -8.30 0.33 2.16
N GLY A 55 -7.70 -0.22 1.11
CA GLY A 55 -7.82 0.24 -0.26
C GLY A 55 -6.64 -0.21 -1.14
N TRP A 56 -6.79 -0.01 -2.45
CA TRP A 56 -5.69 -0.17 -3.39
C TRP A 56 -4.63 0.93 -3.17
N PHE A 57 -3.35 0.61 -3.38
CA PHE A 57 -2.25 1.57 -3.34
C PHE A 57 -1.07 1.10 -4.22
N PRO A 58 -0.24 2.02 -4.74
CA PRO A 58 0.91 1.66 -5.57
C PRO A 58 1.93 0.84 -4.77
N SER A 59 2.24 -0.38 -5.22
CA SER A 59 3.25 -1.25 -4.56
C SER A 59 4.67 -0.65 -4.60
N SER A 60 4.90 0.33 -5.50
CA SER A 60 6.13 1.12 -5.64
C SER A 60 6.34 2.16 -4.53
N TYR A 61 5.28 2.59 -3.83
CA TYR A 61 5.31 3.58 -2.72
C TYR A 61 5.78 2.97 -1.38
N THR A 62 6.14 1.69 -1.39
CA THR A 62 6.69 0.92 -0.26
C THR A 62 7.91 0.11 -0.74
N LYS A 63 8.65 -0.50 0.20
CA LYS A 63 9.82 -1.34 -0.10
C LYS A 63 9.63 -2.72 0.55
N LEU A 64 9.92 -2.81 1.85
CA LEU A 64 9.60 -3.92 2.76
C LEU A 64 9.81 -3.38 4.19
N LEU A 65 9.08 -3.89 5.18
CA LEU A 65 9.26 -3.50 6.59
C LEU A 65 10.68 -3.79 7.09
N GLU A 66 10.88 -5.07 7.20
CA GLU A 66 12.03 -5.73 7.82
C GLU A 66 13.35 -5.37 7.09
N GLU A 67 14.31 -4.80 7.83
CA GLU A 67 15.62 -4.34 7.29
C GLU A 67 16.54 -5.47 6.80
N HIS B 27 -15.19 -8.84 0.74
CA HIS B 27 -14.59 -9.03 -0.61
C HIS B 27 -13.70 -7.84 -0.99
N ILE B 28 -12.62 -8.10 -1.76
CA ILE B 28 -11.70 -7.08 -2.28
C ILE B 28 -12.44 -6.22 -3.34
N PRO B 29 -12.38 -4.86 -3.26
CA PRO B 29 -13.03 -3.97 -4.22
C PRO B 29 -12.38 -4.02 -5.62
N PRO B 30 -13.07 -3.58 -6.68
CA PRO B 30 -12.53 -3.57 -8.04
C PRO B 30 -11.32 -2.64 -8.17
N ALA B 31 -10.36 -3.03 -9.02
CA ALA B 31 -9.20 -2.22 -9.35
C ALA B 31 -9.53 -1.10 -10.38
N PRO B 32 -8.72 -0.02 -10.46
CA PRO B 32 -8.89 1.04 -11.44
C PRO B 32 -8.60 0.60 -12.88
N ASN B 33 -8.84 1.51 -13.82
CA ASN B 33 -8.67 1.29 -15.26
C ASN B 33 -7.28 1.75 -15.78
N TRP B 34 -6.37 2.07 -14.85
CA TRP B 34 -5.01 2.54 -15.14
C TRP B 34 -3.95 1.92 -14.20
N PRO B 35 -2.68 1.81 -14.66
CA PRO B 35 -1.58 1.31 -13.84
C PRO B 35 -1.18 2.29 -12.73
N ALA B 36 -0.63 1.74 -11.65
CA ALA B 36 -0.26 2.51 -10.46
C ALA B 36 0.92 3.48 -10.73
N PRO B 37 0.97 4.63 -10.02
CA PRO B 37 2.06 5.60 -10.12
C PRO B 37 3.36 5.10 -9.46
N THR B 38 4.39 5.96 -9.43
CA THR B 38 5.71 5.68 -8.83
C THR B 38 6.22 6.85 -7.97
N PRO B 39 7.08 6.58 -6.96
CA PRO B 39 7.75 7.63 -6.18
C PRO B 39 8.72 8.46 -7.05
N PRO B 40 9.17 9.64 -6.58
CA PRO B 40 10.13 10.48 -7.31
C PRO B 40 11.52 9.84 -7.45
N VAL B 41 12.37 10.45 -8.27
CA VAL B 41 13.76 10.12 -8.58
C VAL B 41 14.76 10.29 -7.41
N GLN B 42 14.28 10.69 -6.23
CA GLN B 42 15.05 10.90 -5.00
C GLN B 42 14.40 10.19 -3.80
N ASN B 43 15.14 10.07 -2.68
CA ASN B 43 14.72 9.39 -1.45
C ASN B 43 15.26 10.09 -0.20
N GLY A 1 13.21 -16.16 17.70
CA GLY A 1 12.69 -16.96 16.58
C GLY A 1 11.52 -16.28 15.89
N SER A 2 10.30 -16.76 16.14
CA SER A 2 9.03 -16.32 15.51
C SER A 2 8.56 -14.93 15.97
N HIS A 3 9.21 -13.87 15.47
CA HIS A 3 8.91 -12.47 15.78
C HIS A 3 7.48 -12.03 15.38
N MET A 4 7.00 -12.49 14.21
CA MET A 4 5.65 -12.23 13.67
C MET A 4 5.24 -13.28 12.60
N LYS A 5 3.99 -13.22 12.13
CA LYS A 5 3.38 -14.23 11.22
C LYS A 5 3.02 -13.65 9.85
N LYS A 6 2.10 -12.69 9.76
CA LYS A 6 1.83 -11.93 8.53
C LYS A 6 2.94 -10.91 8.26
N GLN A 7 3.25 -10.70 6.97
CA GLN A 7 4.25 -9.74 6.50
C GLN A 7 3.78 -8.30 6.64
N LYS A 8 4.77 -7.41 6.80
CA LYS A 8 4.61 -5.96 6.68
C LYS A 8 5.48 -5.36 5.58
N VAL A 9 5.09 -4.15 5.22
CA VAL A 9 5.78 -3.21 4.34
C VAL A 9 5.77 -1.82 4.99
N LYS A 10 6.76 -1.01 4.65
CA LYS A 10 6.92 0.35 5.18
C LYS A 10 6.85 1.37 4.04
N THR A 11 6.04 2.40 4.22
CA THR A 11 5.84 3.46 3.21
C THR A 11 7.05 4.40 3.14
N ILE A 12 7.29 4.99 1.98
CA ILE A 12 8.46 5.87 1.74
C ILE A 12 8.11 7.29 1.25
N PHE A 13 6.84 7.54 0.93
CA PHE A 13 6.26 8.88 0.66
C PHE A 13 4.74 8.88 0.95
N PRO A 14 4.11 10.04 1.23
CA PRO A 14 2.66 10.13 1.48
C PRO A 14 1.82 9.88 0.23
N HIS A 15 0.56 9.46 0.41
CA HIS A 15 -0.41 9.18 -0.67
C HIS A 15 -1.81 9.73 -0.33
N THR A 16 -2.54 10.19 -1.36
CA THR A 16 -3.85 10.85 -1.24
C THR A 16 -4.76 10.51 -2.43
N ALA A 17 -6.03 10.18 -2.15
CA ALA A 17 -7.08 9.82 -3.13
C ALA A 17 -7.67 11.01 -3.93
N GLY A 18 -6.85 12.03 -4.24
CA GLY A 18 -7.23 13.39 -4.69
C GLY A 18 -8.27 13.52 -5.83
N SER A 19 -8.42 12.51 -6.69
CA SER A 19 -9.43 12.47 -7.77
C SER A 19 -9.85 11.02 -8.08
N ASN A 20 -9.98 10.20 -7.03
CA ASN A 20 -10.01 8.72 -7.12
C ASN A 20 -11.05 8.09 -6.17
N LYS A 21 -11.16 6.75 -6.20
CA LYS A 21 -12.04 5.94 -5.33
C LYS A 21 -11.36 4.61 -4.93
N THR A 22 -11.66 4.12 -3.72
CA THR A 22 -11.10 2.91 -3.07
C THR A 22 -9.58 2.88 -2.86
N LEU A 23 -8.91 4.03 -2.88
CA LEU A 23 -7.50 4.18 -2.55
C LEU A 23 -7.29 4.15 -1.04
N LEU A 24 -6.21 3.52 -0.59
CA LEU A 24 -5.69 3.75 0.77
C LEU A 24 -4.77 4.99 0.76
N SER A 25 -4.90 5.86 1.78
CA SER A 25 -4.10 7.08 1.96
C SER A 25 -3.28 7.02 3.27
N PHE A 26 -2.05 7.56 3.24
CA PHE A 26 -1.02 7.39 4.28
C PHE A 26 0.09 8.45 4.21
N ALA A 27 1.06 8.39 5.12
CA ALA A 27 2.27 9.22 5.17
C ALA A 27 3.54 8.37 5.01
N GLN A 28 4.70 9.02 4.90
CA GLN A 28 6.02 8.36 4.93
C GLN A 28 6.30 7.72 6.31
N GLY A 29 6.96 6.55 6.32
CA GLY A 29 7.36 5.86 7.56
C GLY A 29 6.22 5.15 8.31
N ASP A 30 5.04 5.08 7.72
CA ASP A 30 3.91 4.28 8.21
C ASP A 30 4.08 2.78 7.86
N VAL A 31 3.30 1.94 8.55
CA VAL A 31 3.34 0.48 8.45
C VAL A 31 2.01 -0.01 7.87
N ILE A 32 2.09 -0.94 6.91
CA ILE A 32 0.91 -1.55 6.25
C ILE A 32 1.11 -3.07 6.21
N THR A 33 0.03 -3.82 6.42
CA THR A 33 0.00 -5.29 6.44
C THR A 33 -0.66 -5.79 5.16
N LEU A 34 -0.09 -6.84 4.54
CA LEU A 34 -0.61 -7.34 3.26
C LEU A 34 -1.95 -8.09 3.41
N LEU A 35 -2.83 -7.97 2.41
CA LEU A 35 -4.14 -8.64 2.34
C LEU A 35 -4.29 -9.57 1.11
N ILE A 36 -3.39 -9.49 0.11
CA ILE A 36 -3.34 -10.37 -1.07
C ILE A 36 -1.92 -10.96 -1.23
N PRO A 37 -1.78 -12.23 -1.64
CA PRO A 37 -0.49 -12.88 -1.89
C PRO A 37 0.22 -12.39 -3.18
N GLU A 38 -0.43 -11.57 -4.02
CA GLU A 38 0.15 -10.90 -5.20
C GLU A 38 -0.57 -9.57 -5.53
N GLU A 39 0.14 -8.64 -6.17
CA GLU A 39 -0.42 -7.37 -6.67
C GLU A 39 -1.27 -7.54 -7.95
N LYS A 40 -1.98 -6.46 -8.35
CA LYS A 40 -2.85 -6.37 -9.54
C LYS A 40 -2.48 -5.12 -10.35
N ASP A 41 -1.82 -5.32 -11.49
CA ASP A 41 -1.36 -4.25 -12.39
C ASP A 41 -0.57 -3.10 -11.69
N GLY A 42 0.17 -3.44 -10.63
CA GLY A 42 0.97 -2.53 -9.79
C GLY A 42 0.29 -2.09 -8.48
N TRP A 43 -1.02 -2.28 -8.37
CA TRP A 43 -1.81 -2.00 -7.16
C TRP A 43 -1.72 -3.17 -6.18
N LEU A 44 -1.31 -2.89 -4.94
CA LEU A 44 -1.52 -3.77 -3.80
C LEU A 44 -2.79 -3.39 -3.04
N TYR A 45 -3.27 -4.31 -2.22
CA TYR A 45 -4.36 -4.10 -1.27
C TYR A 45 -3.85 -4.54 0.11
N GLY A 46 -3.94 -3.63 1.07
CA GLY A 46 -3.40 -3.80 2.41
C GLY A 46 -4.23 -3.10 3.47
N GLU A 47 -3.91 -3.38 4.74
CA GLU A 47 -4.53 -2.76 5.91
C GLU A 47 -3.47 -1.97 6.69
N HIS A 48 -3.71 -0.68 6.84
CA HIS A 48 -2.84 0.25 7.57
C HIS A 48 -2.75 -0.10 9.06
N ASP A 49 -1.65 0.25 9.74
CA ASP A 49 -1.50 0.00 11.17
C ASP A 49 -2.07 1.14 12.05
N VAL A 50 -1.76 2.40 11.73
CA VAL A 50 -2.26 3.59 12.47
C VAL A 50 -3.78 3.79 12.35
N SER A 51 -4.31 3.87 11.12
CA SER A 51 -5.72 4.21 10.85
C SER A 51 -6.64 2.99 10.66
N LYS A 52 -6.07 1.79 10.48
CA LYS A 52 -6.75 0.51 10.16
C LYS A 52 -7.63 0.55 8.91
N ALA A 53 -7.38 1.52 8.03
CA ALA A 53 -8.05 1.64 6.74
C ALA A 53 -7.53 0.62 5.72
N ARG A 54 -8.37 0.37 4.72
CA ARG A 54 -8.15 -0.56 3.60
C ARG A 54 -8.43 0.16 2.27
N GLY A 55 -7.77 -0.30 1.22
CA GLY A 55 -7.94 0.18 -0.16
C GLY A 55 -6.77 -0.25 -1.05
N TRP A 56 -6.95 -0.11 -2.36
CA TRP A 56 -5.88 -0.27 -3.34
C TRP A 56 -4.84 0.84 -3.16
N PHE A 57 -3.55 0.56 -3.37
CA PHE A 57 -2.48 1.57 -3.33
C PHE A 57 -1.29 1.15 -4.21
N PRO A 58 -0.49 2.10 -4.71
CA PRO A 58 0.69 1.78 -5.51
C PRO A 58 1.73 1.02 -4.68
N SER A 59 2.06 -0.21 -5.06
CA SER A 59 3.09 -1.01 -4.37
C SER A 59 4.42 -0.26 -4.25
N SER A 60 4.81 0.48 -5.30
CA SER A 60 6.03 1.29 -5.37
C SER A 60 6.13 2.41 -4.31
N TYR A 61 5.02 2.86 -3.72
CA TYR A 61 5.00 3.82 -2.59
C TYR A 61 5.38 3.17 -1.23
N THR A 62 5.62 1.86 -1.24
CA THR A 62 6.15 1.09 -0.11
C THR A 62 7.41 0.36 -0.51
N LYS A 63 8.21 -0.04 0.49
CA LYS A 63 9.33 -0.96 0.34
C LYS A 63 9.09 -2.15 1.27
N LEU A 64 9.84 -3.22 1.00
CA LEU A 64 9.90 -4.35 1.92
C LEU A 64 10.48 -3.86 3.26
N LEU A 65 9.82 -4.17 4.38
CA LEU A 65 10.23 -3.77 5.72
C LEU A 65 11.70 -4.12 6.00
N GLU A 66 11.89 -5.42 5.95
CA GLU A 66 13.17 -6.11 6.10
C GLU A 66 14.15 -5.80 4.94
N GLU A 67 15.46 -5.77 5.22
CA GLU A 67 16.52 -5.39 4.25
C GLU A 67 17.38 -6.57 3.75
N HIS B 27 -14.99 -8.89 1.31
CA HIS B 27 -14.64 -9.02 -0.13
C HIS B 27 -13.84 -7.80 -0.61
N ILE B 28 -12.75 -8.04 -1.36
CA ILE B 28 -11.88 -6.99 -1.92
C ILE B 28 -12.65 -6.18 -2.99
N PRO B 29 -12.60 -4.84 -2.96
CA PRO B 29 -13.26 -3.97 -3.96
C PRO B 29 -12.58 -4.08 -5.35
N PRO B 30 -13.26 -3.69 -6.44
CA PRO B 30 -12.68 -3.78 -7.78
C PRO B 30 -11.46 -2.87 -7.95
N ALA B 31 -10.48 -3.34 -8.73
CA ALA B 31 -9.32 -2.55 -9.13
C ALA B 31 -9.72 -1.39 -10.09
N PRO B 32 -8.95 -0.28 -10.12
CA PRO B 32 -9.25 0.88 -10.97
C PRO B 32 -9.02 0.62 -12.47
N ASN B 33 -9.38 1.61 -13.29
CA ASN B 33 -9.29 1.58 -14.76
C ASN B 33 -7.93 2.09 -15.27
N TRP B 34 -6.99 2.39 -14.36
CA TRP B 34 -5.66 2.93 -14.69
C TRP B 34 -4.53 2.27 -13.88
N PRO B 35 -3.28 2.27 -14.39
CA PRO B 35 -2.12 1.70 -13.69
C PRO B 35 -1.65 2.55 -12.51
N ALA B 36 -1.02 1.90 -11.54
CA ALA B 36 -0.55 2.53 -10.30
C ALA B 36 0.61 3.53 -10.54
N PRO B 37 0.62 4.69 -9.86
CA PRO B 37 1.71 5.68 -9.93
C PRO B 37 2.98 5.22 -9.19
N THR B 38 4.02 6.06 -9.23
CA THR B 38 5.36 5.78 -8.67
C THR B 38 5.91 6.94 -7.83
N PRO B 39 6.82 6.68 -6.87
CA PRO B 39 7.48 7.72 -6.08
C PRO B 39 8.41 8.60 -6.94
N PRO B 40 8.85 9.77 -6.44
CA PRO B 40 9.77 10.67 -7.17
C PRO B 40 11.15 10.05 -7.41
N VAL B 41 11.88 10.61 -8.39
CA VAL B 41 13.18 10.11 -8.88
C VAL B 41 14.19 11.26 -8.90
N GLN B 42 14.77 11.49 -7.73
CA GLN B 42 15.69 12.59 -7.41
C GLN B 42 16.94 12.17 -6.60
N ASN B 43 17.11 10.85 -6.37
CA ASN B 43 18.26 10.26 -5.67
C ASN B 43 19.59 10.48 -6.42
N GLY A 1 6.23 -9.47 24.36
CA GLY A 1 5.29 -10.60 24.17
C GLY A 1 5.93 -11.71 23.37
N SER A 2 5.59 -11.80 22.07
CA SER A 2 6.12 -12.79 21.11
C SER A 2 6.20 -12.22 19.67
N HIS A 3 6.91 -12.94 18.79
CA HIS A 3 6.93 -12.64 17.35
C HIS A 3 5.56 -12.94 16.67
N MET A 4 5.43 -12.57 15.39
CA MET A 4 4.21 -12.80 14.58
C MET A 4 4.54 -13.22 13.13
N LYS A 5 3.56 -13.84 12.46
CA LYS A 5 3.70 -14.40 11.08
C LYS A 5 3.10 -13.50 9.98
N LYS A 6 2.52 -12.36 10.36
CA LYS A 6 1.91 -11.37 9.44
C LYS A 6 2.98 -10.53 8.74
N GLN A 7 3.14 -10.71 7.43
CA GLN A 7 4.02 -9.87 6.61
C GLN A 7 3.52 -8.41 6.57
N LYS A 8 4.47 -7.49 6.66
CA LYS A 8 4.26 -6.04 6.58
C LYS A 8 5.15 -5.43 5.50
N VAL A 9 4.80 -4.20 5.13
CA VAL A 9 5.57 -3.28 4.31
C VAL A 9 5.62 -1.92 4.98
N LYS A 10 6.60 -1.13 4.58
CA LYS A 10 6.86 0.21 5.15
C LYS A 10 6.84 1.24 4.02
N THR A 11 6.13 2.33 4.23
CA THR A 11 5.96 3.39 3.23
C THR A 11 7.20 4.29 3.18
N ILE A 12 7.46 4.90 2.02
CA ILE A 12 8.64 5.78 1.79
C ILE A 12 8.30 7.18 1.27
N PHE A 13 7.02 7.45 0.95
CA PHE A 13 6.46 8.78 0.66
C PHE A 13 4.95 8.81 0.98
N PRO A 14 4.32 9.99 1.16
CA PRO A 14 2.88 10.11 1.36
C PRO A 14 2.06 9.78 0.11
N HIS A 15 0.79 9.39 0.28
CA HIS A 15 -0.15 9.05 -0.79
C HIS A 15 -1.58 9.56 -0.48
N THR A 16 -2.38 9.85 -1.52
CA THR A 16 -3.73 10.46 -1.40
C THR A 16 -4.68 9.99 -2.51
N ALA A 17 -5.99 10.10 -2.26
CA ALA A 17 -7.08 9.63 -3.13
C ALA A 17 -7.49 10.68 -4.19
N GLY A 18 -6.75 10.75 -5.29
CA GLY A 18 -7.07 11.59 -6.46
C GLY A 18 -8.37 11.16 -7.16
N SER A 19 -9.46 11.91 -6.99
CA SER A 19 -10.79 11.67 -7.58
C SER A 19 -11.35 10.25 -7.37
N ASN A 20 -11.22 9.71 -6.15
CA ASN A 20 -11.49 8.29 -5.84
C ASN A 20 -12.06 8.05 -4.43
N LYS A 21 -12.44 6.79 -4.14
CA LYS A 21 -12.91 6.29 -2.82
C LYS A 21 -12.21 5.02 -2.32
N THR A 22 -11.52 4.28 -3.19
CA THR A 22 -10.86 2.99 -2.89
C THR A 22 -9.34 3.10 -2.72
N LEU A 23 -8.80 4.32 -2.58
CA LEU A 23 -7.36 4.59 -2.48
C LEU A 23 -6.94 4.84 -1.03
N LEU A 24 -6.10 3.96 -0.48
CA LEU A 24 -5.58 4.09 0.89
C LEU A 24 -4.52 5.20 0.99
N SER A 25 -4.79 6.24 1.79
CA SER A 25 -3.84 7.33 2.08
C SER A 25 -2.92 7.01 3.27
N PHE A 26 -1.73 7.63 3.28
CA PHE A 26 -0.67 7.46 4.30
C PHE A 26 0.41 8.55 4.18
N ALA A 27 1.42 8.48 5.06
CA ALA A 27 2.63 9.31 5.07
C ALA A 27 3.89 8.44 4.93
N GLN A 28 5.08 9.07 4.84
CA GLN A 28 6.37 8.36 4.89
C GLN A 28 6.61 7.71 6.28
N GLY A 29 7.16 6.49 6.30
CA GLY A 29 7.55 5.78 7.53
C GLY A 29 6.41 5.04 8.24
N ASP A 30 5.20 5.03 7.67
CA ASP A 30 4.05 4.25 8.16
C ASP A 30 4.15 2.75 7.79
N VAL A 31 3.24 1.96 8.37
CA VAL A 31 3.26 0.49 8.37
C VAL A 31 1.93 -0.01 7.81
N ILE A 32 1.99 -0.92 6.83
CA ILE A 32 0.80 -1.48 6.15
C ILE A 32 0.94 -3.00 6.02
N THR A 33 -0.16 -3.72 6.27
CA THR A 33 -0.23 -5.20 6.19
C THR A 33 -0.80 -5.64 4.85
N LEU A 34 -0.24 -6.71 4.26
CA LEU A 34 -0.70 -7.24 2.97
C LEU A 34 -1.98 -8.08 3.13
N LEU A 35 -2.96 -7.89 2.22
CA LEU A 35 -4.25 -8.60 2.21
C LEU A 35 -4.43 -9.52 0.98
N ILE A 36 -3.45 -9.54 0.07
CA ILE A 36 -3.40 -10.37 -1.16
C ILE A 36 -2.01 -11.00 -1.30
N PRO A 37 -1.91 -12.26 -1.80
CA PRO A 37 -0.63 -12.92 -2.04
C PRO A 37 0.13 -12.36 -3.27
N GLU A 38 -0.49 -11.51 -4.08
CA GLU A 38 0.11 -10.79 -5.22
C GLU A 38 -0.62 -9.46 -5.53
N GLU A 39 0.10 -8.48 -6.09
CA GLU A 39 -0.46 -7.21 -6.58
C GLU A 39 -1.30 -7.35 -7.88
N LYS A 40 -2.00 -6.28 -8.25
CA LYS A 40 -2.87 -6.18 -9.44
C LYS A 40 -2.51 -4.92 -10.25
N ASP A 41 -1.86 -5.10 -11.41
CA ASP A 41 -1.42 -4.00 -12.32
C ASP A 41 -0.62 -2.88 -11.63
N GLY A 42 0.14 -3.22 -10.57
CA GLY A 42 0.95 -2.30 -9.76
C GLY A 42 0.27 -1.84 -8.46
N TRP A 43 -1.03 -2.11 -8.29
CA TRP A 43 -1.79 -1.81 -7.08
C TRP A 43 -1.73 -2.99 -6.09
N LEU A 44 -1.27 -2.74 -4.87
CA LEU A 44 -1.47 -3.64 -3.73
C LEU A 44 -2.77 -3.27 -3.00
N TYR A 45 -3.33 -4.24 -2.28
CA TYR A 45 -4.43 -4.06 -1.34
C TYR A 45 -3.92 -4.42 0.05
N GLY A 46 -4.06 -3.48 0.98
CA GLY A 46 -3.52 -3.61 2.32
C GLY A 46 -4.34 -2.89 3.38
N GLU A 47 -3.98 -3.12 4.64
CA GLU A 47 -4.59 -2.50 5.81
C GLU A 47 -3.54 -1.74 6.63
N HIS A 48 -3.76 -0.44 6.79
CA HIS A 48 -2.89 0.45 7.56
C HIS A 48 -2.88 0.08 9.05
N ASP A 49 -1.75 0.24 9.75
CA ASP A 49 -1.66 -0.07 11.19
C ASP A 49 -2.24 1.03 12.10
N VAL A 50 -1.91 2.30 11.85
CA VAL A 50 -2.44 3.46 12.60
C VAL A 50 -3.92 3.77 12.30
N SER A 51 -4.30 3.96 11.02
CA SER A 51 -5.65 4.41 10.64
C SER A 51 -6.66 3.25 10.51
N LYS A 52 -6.16 2.00 10.39
CA LYS A 52 -6.93 0.77 10.12
C LYS A 52 -7.83 0.84 8.87
N ALA A 53 -7.50 1.75 7.97
CA ALA A 53 -8.16 1.86 6.68
C ALA A 53 -7.61 0.83 5.67
N ARG A 54 -8.46 0.44 4.72
CA ARG A 54 -8.16 -0.45 3.60
C ARG A 54 -8.37 0.26 2.26
N GLY A 55 -7.69 -0.22 1.23
CA GLY A 55 -7.84 0.24 -0.16
C GLY A 55 -6.68 -0.20 -1.04
N TRP A 56 -6.83 0.00 -2.34
CA TRP A 56 -5.74 -0.09 -3.30
C TRP A 56 -4.72 1.04 -3.07
N PHE A 57 -3.44 0.76 -3.31
CA PHE A 57 -2.36 1.76 -3.30
C PHE A 57 -1.19 1.27 -4.16
N PRO A 58 -0.36 2.19 -4.71
CA PRO A 58 0.79 1.82 -5.54
C PRO A 58 1.83 1.06 -4.74
N SER A 59 2.20 -0.15 -5.19
CA SER A 59 3.20 -0.99 -4.51
C SER A 59 4.55 -0.29 -4.34
N SER A 60 4.97 0.51 -5.33
CA SER A 60 6.22 1.28 -5.36
C SER A 60 6.30 2.44 -4.34
N TYR A 61 5.18 2.85 -3.72
CA TYR A 61 5.18 3.78 -2.57
C TYR A 61 5.49 3.09 -1.24
N THR A 62 5.70 1.78 -1.27
CA THR A 62 6.17 0.96 -0.15
C THR A 62 7.38 0.13 -0.55
N LYS A 63 8.06 -0.42 0.46
CA LYS A 63 9.15 -1.38 0.32
C LYS A 63 9.11 -2.40 1.45
N LEU A 64 9.80 -3.53 1.28
CA LEU A 64 9.91 -4.59 2.28
C LEU A 64 10.48 -4.02 3.58
N LEU A 65 9.75 -4.20 4.69
CA LEU A 65 10.07 -3.60 6.00
C LEU A 65 11.52 -3.76 6.47
N GLU A 66 11.98 -4.97 6.28
CA GLU A 66 13.30 -5.47 6.69
C GLU A 66 14.48 -5.02 5.80
N GLU A 67 14.24 -4.60 4.56
CA GLU A 67 15.26 -4.31 3.51
C GLU A 67 14.88 -3.12 2.61
N HIS B 27 -14.37 -9.47 0.96
CA HIS B 27 -14.43 -9.20 -0.51
C HIS B 27 -13.59 -7.98 -0.87
N ILE B 28 -12.54 -8.17 -1.68
CA ILE B 28 -11.66 -7.10 -2.19
C ILE B 28 -12.43 -6.27 -3.25
N PRO B 29 -12.39 -4.92 -3.19
CA PRO B 29 -13.06 -4.04 -4.15
C PRO B 29 -12.39 -4.10 -5.55
N PRO B 30 -13.09 -3.71 -6.63
CA PRO B 30 -12.53 -3.72 -7.98
C PRO B 30 -11.34 -2.76 -8.12
N ALA B 31 -10.36 -3.16 -8.93
CA ALA B 31 -9.22 -2.31 -9.29
C ALA B 31 -9.61 -1.20 -10.30
N PRO B 32 -8.86 -0.09 -10.37
CA PRO B 32 -9.10 0.99 -11.34
C PRO B 32 -8.78 0.58 -12.79
N ASN B 33 -9.08 1.49 -13.73
CA ASN B 33 -8.90 1.29 -15.16
C ASN B 33 -7.52 1.79 -15.66
N TRP B 34 -6.63 2.15 -14.73
CA TRP B 34 -5.28 2.65 -15.01
C TRP B 34 -4.21 2.06 -14.07
N PRO B 35 -2.93 2.00 -14.51
CA PRO B 35 -1.82 1.49 -13.70
C PRO B 35 -1.44 2.45 -12.56
N ALA B 36 -0.88 1.89 -11.49
CA ALA B 36 -0.53 2.62 -10.28
C ALA B 36 0.64 3.63 -10.51
N PRO B 37 0.61 4.80 -9.85
CA PRO B 37 1.66 5.82 -9.95
C PRO B 37 2.95 5.41 -9.21
N THR B 38 3.99 6.24 -9.32
CA THR B 38 5.36 5.95 -8.83
C THR B 38 5.93 7.08 -7.95
N PRO B 39 6.87 6.78 -7.04
CA PRO B 39 7.54 7.78 -6.19
C PRO B 39 8.45 8.71 -7.04
N PRO B 40 8.85 9.87 -6.52
CA PRO B 40 9.75 10.80 -7.22
C PRO B 40 11.17 10.20 -7.40
N VAL B 41 11.88 10.68 -8.43
CA VAL B 41 13.23 10.29 -8.81
C VAL B 41 14.33 10.74 -7.82
N GLN B 42 14.00 11.59 -6.85
CA GLN B 42 14.89 12.09 -5.78
C GLN B 42 14.11 12.42 -4.49
N ASN B 43 14.83 12.58 -3.38
CA ASN B 43 14.28 13.02 -2.07
C ASN B 43 13.66 14.44 -2.11
N GLY A 1 5.61 -15.07 21.88
CA GLY A 1 6.86 -14.45 22.36
C GLY A 1 7.46 -13.51 21.32
N SER A 2 8.71 -13.75 20.94
CA SER A 2 9.53 -12.87 20.07
C SER A 2 9.38 -13.13 18.55
N HIS A 3 8.36 -13.91 18.14
CA HIS A 3 8.15 -14.35 16.75
C HIS A 3 6.65 -14.39 16.40
N MET A 4 6.31 -14.03 15.15
CA MET A 4 4.94 -13.94 14.62
C MET A 4 4.88 -14.19 13.09
N LYS A 5 3.67 -14.23 12.52
CA LYS A 5 3.40 -14.62 11.12
C LYS A 5 2.48 -13.62 10.38
N LYS A 6 2.81 -12.32 10.51
CA LYS A 6 2.15 -11.19 9.83
C LYS A 6 3.17 -10.38 9.02
N GLN A 7 3.24 -10.61 7.71
CA GLN A 7 4.09 -9.82 6.81
C GLN A 7 3.62 -8.37 6.70
N LYS A 8 4.59 -7.45 6.74
CA LYS A 8 4.40 -6.00 6.67
C LYS A 8 5.26 -5.37 5.58
N VAL A 9 4.92 -4.12 5.27
CA VAL A 9 5.66 -3.19 4.42
C VAL A 9 5.70 -1.82 5.09
N LYS A 10 6.70 -1.02 4.71
CA LYS A 10 6.89 0.36 5.22
C LYS A 10 6.86 1.35 4.07
N THR A 11 6.07 2.40 4.22
CA THR A 11 5.89 3.47 3.21
C THR A 11 7.13 4.37 3.13
N ILE A 12 7.37 4.95 1.95
CA ILE A 12 8.56 5.80 1.70
C ILE A 12 8.24 7.22 1.19
N PHE A 13 6.97 7.50 0.85
CA PHE A 13 6.42 8.82 0.56
C PHE A 13 4.89 8.84 0.83
N PRO A 14 4.26 10.01 1.08
CA PRO A 14 2.82 10.11 1.32
C PRO A 14 1.99 9.80 0.06
N HIS A 15 0.73 9.41 0.25
CA HIS A 15 -0.24 9.10 -0.82
C HIS A 15 -1.64 9.66 -0.48
N THR A 16 -2.36 10.12 -1.51
CA THR A 16 -3.65 10.85 -1.41
C THR A 16 -4.58 10.42 -2.55
N ALA A 17 -5.85 10.14 -2.24
CA ALA A 17 -6.80 9.52 -3.17
C ALA A 17 -7.18 10.41 -4.38
N GLY A 18 -7.50 11.69 -4.16
CA GLY A 18 -7.82 12.68 -5.20
C GLY A 18 -8.99 12.29 -6.13
N SER A 19 -10.22 12.67 -5.77
CA SER A 19 -11.48 12.33 -6.47
C SER A 19 -11.80 10.84 -6.59
N ASN A 20 -11.34 10.04 -5.61
CA ASN A 20 -11.51 8.59 -5.53
C ASN A 20 -11.90 8.13 -4.11
N LYS A 21 -12.47 6.92 -3.99
CA LYS A 21 -12.93 6.31 -2.71
C LYS A 21 -12.35 4.92 -2.41
N THR A 22 -11.63 4.32 -3.36
CA THR A 22 -11.05 2.97 -3.28
C THR A 22 -9.53 2.96 -3.07
N LEU A 23 -8.93 4.14 -2.80
CA LEU A 23 -7.48 4.31 -2.64
C LEU A 23 -7.12 4.57 -1.16
N LEU A 24 -6.15 3.81 -0.64
CA LEU A 24 -5.63 3.98 0.73
C LEU A 24 -4.62 5.14 0.79
N SER A 25 -4.89 6.15 1.61
CA SER A 25 -3.98 7.26 1.90
C SER A 25 -3.06 6.96 3.11
N PHE A 26 -1.88 7.58 3.12
CA PHE A 26 -0.83 7.40 4.15
C PHE A 26 0.26 8.50 4.07
N ALA A 27 1.24 8.43 4.97
CA ALA A 27 2.44 9.28 5.02
C ALA A 27 3.72 8.44 4.89
N GLN A 28 4.89 9.09 4.80
CA GLN A 28 6.21 8.43 4.83
C GLN A 28 6.51 7.82 6.21
N GLY A 29 7.07 6.60 6.24
CA GLY A 29 7.53 5.94 7.48
C GLY A 29 6.44 5.21 8.26
N ASP A 30 5.28 4.98 7.65
CA ASP A 30 4.12 4.30 8.22
C ASP A 30 4.09 2.81 7.85
N VAL A 31 3.33 2.03 8.62
CA VAL A 31 3.30 0.56 8.53
C VAL A 31 1.97 0.10 7.93
N ILE A 32 2.03 -0.83 6.97
CA ILE A 32 0.86 -1.38 6.27
C ILE A 32 0.99 -2.91 6.21
N THR A 33 -0.13 -3.61 6.43
CA THR A 33 -0.21 -5.08 6.39
C THR A 33 -0.81 -5.54 5.07
N LEU A 34 -0.31 -6.64 4.52
CA LEU A 34 -0.75 -7.17 3.23
C LEU A 34 -2.08 -7.95 3.36
N LEU A 35 -2.97 -7.81 2.37
CA LEU A 35 -4.27 -8.51 2.30
C LEU A 35 -4.39 -9.47 1.09
N ILE A 36 -3.41 -9.46 0.17
CA ILE A 36 -3.28 -10.35 -1.01
C ILE A 36 -1.84 -10.90 -1.10
N PRO A 37 -1.66 -12.17 -1.49
CA PRO A 37 -0.34 -12.77 -1.70
C PRO A 37 0.43 -12.26 -2.94
N GLU A 38 -0.21 -11.47 -3.82
CA GLU A 38 0.40 -10.81 -4.98
C GLU A 38 -0.34 -9.50 -5.38
N GLU A 39 0.35 -8.58 -6.04
CA GLU A 39 -0.22 -7.34 -6.59
C GLU A 39 -1.05 -7.55 -7.88
N LYS A 40 -1.76 -6.49 -8.33
CA LYS A 40 -2.64 -6.46 -9.50
C LYS A 40 -2.35 -5.23 -10.35
N ASP A 41 -1.72 -5.42 -11.52
CA ASP A 41 -1.33 -4.35 -12.47
C ASP A 41 -0.54 -3.18 -11.81
N GLY A 42 0.23 -3.48 -10.76
CA GLY A 42 1.02 -2.53 -9.97
C GLY A 42 0.38 -2.10 -8.65
N TRP A 43 -0.93 -2.32 -8.48
CA TRP A 43 -1.67 -2.00 -7.25
C TRP A 43 -1.60 -3.14 -6.24
N LEU A 44 -1.24 -2.82 -4.99
CA LEU A 44 -1.45 -3.71 -3.84
C LEU A 44 -2.73 -3.31 -3.10
N TYR A 45 -3.23 -4.24 -2.29
CA TYR A 45 -4.36 -4.04 -1.38
C TYR A 45 -3.89 -4.42 0.03
N GLY A 46 -4.03 -3.47 0.95
CA GLY A 46 -3.50 -3.58 2.31
C GLY A 46 -4.34 -2.85 3.35
N GLU A 47 -3.94 -3.00 4.62
CA GLU A 47 -4.59 -2.40 5.79
C GLU A 47 -3.55 -1.62 6.61
N HIS A 48 -3.79 -0.31 6.78
CA HIS A 48 -2.93 0.60 7.56
C HIS A 48 -2.84 0.20 9.03
N ASP A 49 -1.80 0.58 9.75
CA ASP A 49 -1.65 0.22 11.18
C ASP A 49 -2.07 1.34 12.16
N VAL A 50 -2.09 2.60 11.72
CA VAL A 50 -2.52 3.75 12.54
C VAL A 50 -4.03 3.93 12.58
N SER A 51 -4.71 3.61 11.46
CA SER A 51 -6.14 3.89 11.24
C SER A 51 -6.96 2.66 10.82
N LYS A 52 -6.29 1.55 10.47
CA LYS A 52 -6.89 0.27 9.98
C LYS A 52 -7.82 0.46 8.76
N ALA A 53 -7.60 1.55 8.02
CA ALA A 53 -8.22 1.79 6.72
C ALA A 53 -7.66 0.82 5.66
N ARG A 54 -8.47 0.58 4.62
CA ARG A 54 -8.19 -0.33 3.49
C ARG A 54 -8.36 0.38 2.16
N GLY A 55 -7.77 -0.20 1.12
CA GLY A 55 -7.91 0.25 -0.28
C GLY A 55 -6.74 -0.21 -1.16
N TRP A 56 -6.90 -0.03 -2.47
CA TRP A 56 -5.78 -0.18 -3.41
C TRP A 56 -4.75 0.94 -3.18
N PHE A 57 -3.48 0.66 -3.43
CA PHE A 57 -2.39 1.65 -3.41
C PHE A 57 -1.23 1.20 -4.30
N PRO A 58 -0.40 2.12 -4.81
CA PRO A 58 0.76 1.77 -5.64
C PRO A 58 1.80 0.97 -4.85
N SER A 59 2.09 -0.25 -5.31
CA SER A 59 3.11 -1.12 -4.69
C SER A 59 4.52 -0.51 -4.63
N SER A 60 4.82 0.47 -5.48
CA SER A 60 6.10 1.21 -5.50
C SER A 60 6.22 2.28 -4.39
N TYR A 61 5.11 2.72 -3.77
CA TYR A 61 5.10 3.71 -2.67
C TYR A 61 5.47 3.11 -1.30
N THR A 62 5.70 1.79 -1.25
CA THR A 62 6.23 1.06 -0.10
C THR A 62 7.50 0.29 -0.48
N LYS A 63 8.25 -0.13 0.55
CA LYS A 63 9.38 -1.05 0.44
C LYS A 63 9.17 -2.20 1.42
N LEU A 64 9.73 -3.37 1.09
CA LEU A 64 9.68 -4.55 1.96
C LEU A 64 10.38 -4.22 3.30
N LEU A 65 9.71 -4.46 4.42
CA LEU A 65 10.12 -4.01 5.74
C LEU A 65 11.54 -4.42 6.17
N GLU A 66 11.85 -5.63 5.77
CA GLU A 66 13.14 -6.32 5.95
C GLU A 66 13.45 -7.33 4.81
N GLU A 67 14.62 -7.16 4.16
CA GLU A 67 15.13 -8.06 3.10
C GLU A 67 15.46 -9.48 3.58
N HIS B 27 -14.83 -8.86 0.89
CA HIS B 27 -14.47 -9.00 -0.55
C HIS B 27 -13.65 -7.79 -1.03
N ILE B 28 -12.56 -8.04 -1.78
CA ILE B 28 -11.67 -7.01 -2.33
C ILE B 28 -12.44 -6.15 -3.37
N PRO B 29 -12.36 -4.81 -3.31
CA PRO B 29 -13.03 -3.91 -4.27
C PRO B 29 -12.40 -3.98 -5.68
N PRO B 30 -13.10 -3.56 -6.74
CA PRO B 30 -12.55 -3.59 -8.09
C PRO B 30 -11.34 -2.67 -8.25
N ALA B 31 -10.36 -3.11 -9.05
CA ALA B 31 -9.21 -2.29 -9.42
C ALA B 31 -9.59 -1.17 -10.42
N PRO B 32 -8.83 -0.05 -10.47
CA PRO B 32 -9.07 1.03 -11.43
C PRO B 32 -8.78 0.64 -12.88
N ASN B 33 -9.07 1.56 -13.80
CA ASN B 33 -8.91 1.38 -15.26
C ASN B 33 -7.53 1.86 -15.75
N TRP B 34 -6.61 2.17 -14.82
CA TRP B 34 -5.26 2.66 -15.11
C TRP B 34 -4.19 2.03 -14.20
N PRO B 35 -2.92 1.97 -14.65
CA PRO B 35 -1.80 1.42 -13.87
C PRO B 35 -1.39 2.33 -12.71
N ALA B 36 -0.80 1.74 -11.67
CA ALA B 36 -0.40 2.45 -10.46
C ALA B 36 0.79 3.41 -10.68
N PRO B 37 0.81 4.58 -10.02
CA PRO B 37 1.91 5.55 -10.10
C PRO B 37 3.17 5.11 -9.31
N THR B 38 4.21 5.94 -9.34
CA THR B 38 5.55 5.65 -8.77
C THR B 38 6.09 6.81 -7.92
N PRO B 39 7.00 6.55 -6.95
CA PRO B 39 7.68 7.59 -6.16
C PRO B 39 8.64 8.43 -7.04
N PRO B 40 9.10 9.60 -6.57
CA PRO B 40 10.07 10.44 -7.28
C PRO B 40 11.46 9.79 -7.40
N VAL B 41 12.26 10.31 -8.33
CA VAL B 41 13.62 9.82 -8.67
C VAL B 41 14.70 10.88 -8.35
N GLN B 42 14.29 12.10 -7.98
CA GLN B 42 15.12 13.27 -7.70
C GLN B 42 14.65 14.00 -6.43
N ASN B 43 15.13 13.53 -5.27
CA ASN B 43 14.81 14.05 -3.93
C ASN B 43 15.12 15.56 -3.78
#